data_3EAM
#
_entry.id   3EAM
#
_cell.length_a   183.320
_cell.length_b   133.640
_cell.length_c   160.180
_cell.angle_alpha   90.00
_cell.angle_beta   102.94
_cell.angle_gamma   90.00
#
_symmetry.space_group_name_H-M   'C 1 2 1'
#
loop_
_entity.id
_entity.type
_entity.pdbx_description
1 polymer 'Glr4197 protein'
2 non-polymer DODECYL-BETA-D-MALTOSIDE
3 non-polymer 1,2-DIACYL-SN-GLYCERO-3-PHOSPHOCHOLINE
4 water water
#
_entity_poly.entity_id   1
_entity_poly.type   'polypeptide(L)'
_entity_poly.pdbx_seq_one_letter_code
;AQDMVSPPPPIADEPLTVNTGIYLIECYSLDDKAETFKVNAFLSLSWKDRRLAFDPVRSGVRVKTYEPEAIWIPEIRFVN
VENARDADVVDISVSPDGTVQYLERFSARVLSPLDFRRYPFDSQTLHIYLIVRSVDTRNIVLAVDLEKVGKNDDVFLTGW
DIESFTAVVKPANFALEDRLESKLDYQLRISRQYFSYIPNIILPMLFILFISWTAFWSTSYEANVTLVVSTLIAHIAFNI
LVETNLPKTPYMTYTGAIIFMIYLFYFVAVIEVTVQHYLKVESQPARAASITRASRIAFPVVFLLANIILAFLFFGF
;
_entity_poly.pdbx_strand_id   A,B,C,D,E
#
# COMPACT_ATOMS: atom_id res chain seq x y z
N VAL A 5 7.47 38.83 -21.60
CA VAL A 5 6.45 38.51 -20.55
C VAL A 5 7.00 38.86 -19.17
N SER A 6 6.34 39.80 -18.51
CA SER A 6 6.60 40.08 -17.09
C SER A 6 5.49 41.03 -16.67
N PRO A 7 5.34 41.26 -15.35
CA PRO A 7 4.09 41.76 -14.79
C PRO A 7 3.62 43.07 -15.41
N PRO A 8 2.31 43.24 -15.51
CA PRO A 8 1.78 44.51 -16.01
C PRO A 8 2.02 45.63 -14.98
N PRO A 9 2.54 46.79 -15.44
CA PRO A 9 2.94 47.87 -14.55
C PRO A 9 1.73 48.72 -14.09
N PRO A 10 1.88 49.40 -12.95
CA PRO A 10 0.78 50.17 -12.29
C PRO A 10 0.31 51.38 -13.12
N ILE A 11 -1.00 51.62 -13.29
CA ILE A 11 -1.43 52.97 -13.77
C ILE A 11 -0.91 54.04 -12.78
N ALA A 12 -1.40 54.05 -11.55
CA ALA A 12 -0.78 54.88 -10.49
C ALA A 12 0.50 54.21 -9.91
N ASP A 13 0.39 53.84 -8.64
CA ASP A 13 1.27 52.87 -8.01
C ASP A 13 0.48 51.80 -7.15
N GLU A 14 -0.64 51.29 -7.72
CA GLU A 14 -1.44 50.26 -7.01
C GLU A 14 -0.86 48.79 -7.12
N PRO A 15 -1.23 47.93 -6.14
CA PRO A 15 -0.92 46.53 -6.24
C PRO A 15 -1.73 45.88 -7.37
N LEU A 16 -1.29 44.77 -7.94
CA LEU A 16 -2.10 44.07 -8.90
C LEU A 16 -3.05 43.09 -8.15
N THR A 17 -4.34 43.21 -8.43
CA THR A 17 -5.33 42.36 -7.80
C THR A 17 -5.62 41.15 -8.68
N VAL A 18 -5.39 39.95 -8.15
CA VAL A 18 -5.80 38.76 -8.84
C VAL A 18 -7.06 38.23 -8.18
N ASN A 19 -8.12 38.14 -8.98
CA ASN A 19 -9.35 37.55 -8.52
C ASN A 19 -9.35 36.05 -8.68
N THR A 20 -9.77 35.35 -7.64
CA THR A 20 -9.72 33.93 -7.67
C THR A 20 -11.06 33.33 -7.34
N GLY A 21 -11.32 32.17 -7.96
CA GLY A 21 -12.34 31.21 -7.51
C GLY A 21 -11.96 29.71 -7.66
N ILE A 22 -12.52 28.91 -6.77
CA ILE A 22 -12.35 27.48 -6.84
C ILE A 22 -13.74 26.90 -6.93
N TYR A 23 -13.91 25.93 -7.81
CA TYR A 23 -15.19 25.27 -8.02
C TYR A 23 -14.99 23.74 -8.02
N LEU A 24 -15.41 23.07 -6.93
CA LEU A 24 -15.05 21.67 -6.70
C LEU A 24 -15.84 20.81 -7.64
N ILE A 25 -15.13 19.95 -8.36
CA ILE A 25 -15.82 18.97 -9.15
C ILE A 25 -15.85 17.59 -8.44
N GLU A 26 -14.77 17.19 -7.75
CA GLU A 26 -14.69 15.94 -7.00
C GLU A 26 -14.02 16.07 -5.62
N CYS A 27 -14.56 15.34 -4.63
CA CYS A 27 -13.90 15.16 -3.34
C CYS A 27 -13.78 13.73 -3.01
N TYR A 28 -12.57 13.25 -2.75
CA TYR A 28 -12.46 11.85 -2.32
C TYR A 28 -11.38 11.62 -1.24
N SER A 29 -11.30 10.38 -0.77
CA SER A 29 -10.18 9.98 0.06
C SER A 29 -9.91 10.94 1.21
N LEU A 30 -10.92 11.32 1.98
CA LEU A 30 -10.55 11.93 3.24
C LEU A 30 -9.92 10.82 4.06
N ASP A 31 -8.61 10.84 4.23
CA ASP A 31 -7.87 9.88 5.02
C ASP A 31 -7.58 10.41 6.47
N ASP A 32 -8.26 9.82 7.46
CA ASP A 32 -8.14 10.30 8.85
C ASP A 32 -6.71 10.22 9.39
N LYS A 33 -6.10 9.07 9.14
CA LYS A 33 -4.81 8.82 9.67
C LYS A 33 -3.84 9.83 9.11
N ALA A 34 -3.70 9.95 7.77
CA ALA A 34 -2.74 10.92 7.14
C ALA A 34 -3.17 12.39 7.21
N GLU A 35 -4.44 12.63 7.59
CA GLU A 35 -5.02 13.95 7.65
C GLU A 35 -4.94 14.68 6.32
N THR A 36 -5.26 13.96 5.26
CA THR A 36 -5.27 14.56 3.92
C THR A 36 -6.54 14.18 3.16
N PHE A 37 -6.84 14.90 2.07
CA PHE A 37 -8.04 14.62 1.23
C PHE A 37 -7.70 15.01 -0.21
N LYS A 38 -8.39 14.43 -1.17
CA LYS A 38 -8.04 14.70 -2.56
C LYS A 38 -9.11 15.54 -3.22
N VAL A 39 -8.69 16.48 -4.05
CA VAL A 39 -9.68 17.40 -4.62
C VAL A 39 -9.50 17.50 -6.12
N ASN A 40 -10.60 17.70 -6.83
CA ASN A 40 -10.51 17.96 -8.26
C ASN A 40 -11.45 19.11 -8.64
N ALA A 41 -10.94 20.18 -9.25
CA ALA A 41 -11.68 21.46 -9.31
C ALA A 41 -11.25 22.40 -10.41
N PHE A 42 -12.11 23.42 -10.68
CA PHE A 42 -11.73 24.54 -11.54
C PHE A 42 -11.05 25.52 -10.59
N LEU A 43 -9.97 26.14 -11.05
CA LEU A 43 -9.40 27.32 -10.39
C LEU A 43 -9.51 28.42 -11.40
N SER A 44 -10.12 29.56 -11.02
CA SER A 44 -10.26 30.63 -11.98
C SER A 44 -9.49 31.82 -11.49
N LEU A 45 -8.79 32.51 -12.40
CA LEU A 45 -7.98 33.71 -12.08
C LEU A 45 -8.37 34.83 -13.01
N SER A 46 -8.49 36.03 -12.45
CA SER A 46 -8.72 37.22 -13.29
C SER A 46 -7.96 38.45 -12.85
N TRP A 47 -7.46 39.21 -13.82
CA TRP A 47 -6.69 40.41 -13.49
C TRP A 47 -6.59 41.23 -14.75
N LYS A 48 -6.31 42.52 -14.51
CA LYS A 48 -6.13 43.53 -15.59
C LYS A 48 -4.69 43.62 -16.12
N ASP A 49 -4.50 43.38 -17.41
CA ASP A 49 -3.22 43.63 -18.05
C ASP A 49 -3.42 44.54 -19.27
N ARG A 50 -3.12 45.84 -19.06
CA ARG A 50 -3.38 46.88 -20.06
C ARG A 50 -2.66 46.72 -21.39
N ARG A 51 -1.41 46.30 -21.38
CA ARG A 51 -0.70 45.92 -22.59
C ARG A 51 -1.55 45.04 -23.54
N LEU A 52 -2.63 44.50 -23.03
CA LEU A 52 -3.39 43.52 -23.80
C LEU A 52 -4.71 44.13 -24.25
N ALA A 53 -5.02 45.34 -23.74
CA ALA A 53 -6.25 46.09 -24.12
C ALA A 53 -6.28 46.32 -25.62
N PHE A 54 -7.47 46.54 -26.15
CA PHE A 54 -7.62 46.61 -27.59
C PHE A 54 -8.96 47.27 -27.95
N ASP A 55 -9.06 47.81 -29.16
CA ASP A 55 -10.31 48.42 -29.62
C ASP A 55 -11.23 47.36 -30.25
N PRO A 56 -12.47 47.27 -29.72
CA PRO A 56 -13.42 46.26 -30.23
C PRO A 56 -13.65 46.47 -31.74
N VAL A 57 -13.78 47.77 -32.11
CA VAL A 57 -14.12 48.24 -33.46
C VAL A 57 -13.09 47.79 -34.55
N ARG A 58 -11.87 48.34 -34.48
CA ARG A 58 -10.81 48.06 -35.48
C ARG A 58 -10.49 46.56 -35.69
N SER A 59 -10.65 45.76 -34.63
CA SER A 59 -10.17 44.37 -34.62
C SER A 59 -11.25 43.34 -34.91
N GLY A 60 -12.52 43.73 -34.76
CA GLY A 60 -13.67 42.93 -35.24
C GLY A 60 -13.92 41.62 -34.49
N VAL A 61 -13.55 41.62 -33.20
CA VAL A 61 -13.88 40.54 -32.25
C VAL A 61 -14.01 41.16 -30.84
N ARG A 62 -14.90 40.64 -29.98
CA ARG A 62 -15.10 41.30 -28.67
C ARG A 62 -14.30 40.67 -27.53
N VAL A 63 -13.70 39.53 -27.84
CA VAL A 63 -12.90 38.73 -26.91
C VAL A 63 -11.59 38.34 -27.60
N LYS A 64 -10.58 37.98 -26.82
CA LYS A 64 -9.34 37.48 -27.42
C LYS A 64 -8.79 36.29 -26.68
N THR A 65 -8.41 35.27 -27.43
CA THR A 65 -7.85 34.03 -26.87
C THR A 65 -6.33 33.98 -26.90
N TYR A 66 -5.73 33.44 -25.84
CA TYR A 66 -4.31 33.24 -25.81
C TYR A 66 -3.94 31.86 -25.29
N GLU A 67 -2.75 31.44 -25.67
CA GLU A 67 -2.10 30.25 -25.15
C GLU A 67 -1.25 30.70 -23.95
N PRO A 68 -1.22 29.88 -22.89
CA PRO A 68 -0.54 30.25 -21.64
C PRO A 68 0.77 31.03 -21.84
N GLU A 69 1.66 30.51 -22.68
CA GLU A 69 3.03 31.04 -22.79
C GLU A 69 3.05 32.41 -23.44
N ALA A 70 1.99 32.74 -24.17
CA ALA A 70 1.95 33.99 -24.93
C ALA A 70 1.79 35.27 -24.06
N ILE A 71 1.15 35.15 -22.89
CA ILE A 71 0.98 36.32 -21.97
C ILE A 71 1.43 36.06 -20.53
N TRP A 72 1.61 37.13 -19.77
CA TRP A 72 1.91 37.01 -18.34
C TRP A 72 0.74 36.50 -17.53
N ILE A 73 1.03 35.49 -16.71
CA ILE A 73 0.06 34.83 -15.86
C ILE A 73 0.66 34.82 -14.46
N PRO A 74 -0.11 35.18 -13.45
CA PRO A 74 0.50 35.21 -12.12
C PRO A 74 0.67 33.78 -11.63
N GLU A 75 1.78 33.56 -10.93
CA GLU A 75 2.05 32.26 -10.34
C GLU A 75 1.31 32.02 -9.05
N ILE A 76 0.07 31.49 -9.09
CA ILE A 76 -0.69 31.14 -7.88
C ILE A 76 -0.30 29.74 -7.46
N ARG A 77 -0.09 29.51 -6.18
CA ARG A 77 0.26 28.16 -5.72
C ARG A 77 -0.62 27.85 -4.50
N PHE A 78 -0.82 26.57 -4.18
CA PHE A 78 -1.47 26.21 -2.91
C PHE A 78 -0.45 26.10 -1.77
N VAL A 79 -0.83 26.46 -0.56
CA VAL A 79 0.14 26.30 0.50
C VAL A 79 0.20 24.82 0.96
N ASN A 80 -0.93 24.27 1.41
CA ASN A 80 -0.98 22.98 2.09
C ASN A 80 -1.22 21.80 1.17
N VAL A 81 -0.43 21.69 0.13
CA VAL A 81 -0.44 20.50 -0.67
C VAL A 81 0.85 19.71 -0.49
N GLU A 82 0.77 18.42 -0.87
CA GLU A 82 1.93 17.52 -0.93
C GLU A 82 2.87 17.89 -2.10
N ASN A 83 2.32 17.89 -3.31
CA ASN A 83 3.08 18.30 -4.43
C ASN A 83 2.40 19.38 -5.18
N ALA A 84 3.13 20.15 -5.96
CA ALA A 84 2.47 21.02 -6.91
C ALA A 84 1.25 20.28 -7.51
N ARG A 85 0.10 20.96 -7.49
CA ARG A 85 -1.10 20.48 -8.19
C ARG A 85 -0.84 20.10 -9.66
N ASP A 86 -1.70 19.24 -10.19
CA ASP A 86 -1.75 18.86 -11.58
C ASP A 86 -2.73 19.70 -12.37
N ALA A 87 -2.25 20.49 -13.34
CA ALA A 87 -3.16 21.46 -13.95
C ALA A 87 -3.24 21.42 -15.45
N ASP A 88 -4.43 21.36 -16.04
CA ASP A 88 -4.62 21.74 -17.47
C ASP A 88 -5.16 23.12 -17.56
N VAL A 89 -4.55 23.93 -18.40
CA VAL A 89 -5.20 25.18 -18.68
C VAL A 89 -6.43 24.87 -19.54
N VAL A 90 -7.61 25.35 -19.13
CA VAL A 90 -8.81 25.07 -19.92
C VAL A 90 -9.07 26.14 -20.98
N ASP A 91 -8.70 27.38 -20.66
CA ASP A 91 -9.09 28.51 -21.46
C ASP A 91 -8.53 29.83 -20.89
N ILE A 92 -8.06 30.72 -21.78
CA ILE A 92 -7.69 32.08 -21.39
C ILE A 92 -8.35 33.09 -22.30
N SER A 93 -9.17 33.98 -21.74
CA SER A 93 -9.93 35.00 -22.50
C SER A 93 -9.52 36.41 -22.11
N VAL A 94 -9.31 37.27 -23.09
CA VAL A 94 -8.99 38.67 -22.81
C VAL A 94 -10.06 39.54 -23.43
N SER A 95 -10.65 40.41 -22.65
CA SER A 95 -11.66 41.33 -23.20
C SER A 95 -11.00 42.70 -23.52
N PRO A 96 -11.75 43.60 -24.22
CA PRO A 96 -11.18 44.77 -24.89
C PRO A 96 -10.31 45.62 -23.98
N ASP A 97 -10.80 45.87 -22.77
CA ASP A 97 -10.06 46.74 -21.87
C ASP A 97 -8.90 45.96 -21.22
N GLY A 98 -8.63 44.75 -21.72
CA GLY A 98 -7.45 43.97 -21.29
C GLY A 98 -7.68 43.26 -19.96
N THR A 99 -8.95 42.91 -19.69
CA THR A 99 -9.25 42.04 -18.56
C THR A 99 -8.99 40.57 -19.00
N VAL A 100 -8.17 39.85 -18.24
CA VAL A 100 -7.91 38.45 -18.53
C VAL A 100 -8.76 37.56 -17.64
N GLN A 101 -9.39 36.56 -18.26
CA GLN A 101 -10.10 35.46 -17.55
C GLN A 101 -9.43 34.13 -17.81
N TYR A 102 -8.78 33.62 -16.77
CA TYR A 102 -8.02 32.37 -16.81
C TYR A 102 -8.83 31.21 -16.16
N LEU A 103 -8.78 30.03 -16.76
CA LEU A 103 -9.50 28.92 -16.17
C LEU A 103 -8.68 27.65 -16.35
N GLU A 104 -8.38 27.00 -15.22
CA GLU A 104 -7.67 25.69 -15.22
C GLU A 104 -8.47 24.62 -14.47
N ARG A 105 -8.31 23.36 -14.90
CA ARG A 105 -8.79 22.27 -14.09
C ARG A 105 -7.64 21.56 -13.42
N PHE A 106 -7.70 21.37 -12.09
CA PHE A 106 -6.57 20.82 -11.38
C PHE A 106 -7.02 19.69 -10.47
N SER A 107 -6.04 18.90 -10.04
CA SER A 107 -6.25 17.93 -8.96
C SER A 107 -5.11 18.09 -7.97
N ALA A 108 -5.38 17.89 -6.69
CA ALA A 108 -4.30 17.88 -5.73
C ALA A 108 -4.64 17.11 -4.45
N ARG A 109 -3.57 16.73 -3.72
CA ARG A 109 -3.69 16.14 -2.39
C ARG A 109 -3.35 17.17 -1.34
N VAL A 110 -4.35 17.49 -0.53
CA VAL A 110 -4.30 18.63 0.38
C VAL A 110 -4.10 18.13 1.81
N LEU A 111 -3.14 18.71 2.55
CA LEU A 111 -2.91 18.46 3.97
C LEU A 111 -3.84 19.34 4.73
N SER A 112 -4.51 18.83 5.75
CA SER A 112 -5.36 19.68 6.55
C SER A 112 -5.67 18.94 7.83
N PRO A 113 -5.24 19.50 8.94
CA PRO A 113 -5.35 18.83 10.26
C PRO A 113 -6.83 18.65 10.69
N LEU A 114 -7.15 17.54 11.37
CA LEU A 114 -8.51 17.28 11.87
C LEU A 114 -8.55 17.25 13.38
N ASP A 115 -9.67 17.69 13.97
CA ASP A 115 -9.77 17.72 15.39
C ASP A 115 -10.47 16.45 15.85
N PHE A 116 -9.78 15.49 16.43
CA PHE A 116 -10.40 14.20 16.65
C PHE A 116 -11.16 14.10 17.94
N ARG A 117 -11.16 15.18 18.70
CA ARG A 117 -11.73 15.19 20.04
C ARG A 117 -13.14 14.52 20.15
N ARG A 118 -14.00 14.68 19.15
CA ARG A 118 -15.35 14.21 19.32
C ARG A 118 -15.64 13.05 18.41
N TYR A 119 -14.60 12.38 17.92
CA TYR A 119 -14.79 11.25 17.02
C TYR A 119 -15.61 10.10 17.69
N PRO A 120 -16.53 9.48 16.97
CA PRO A 120 -16.83 9.73 15.59
C PRO A 120 -18.02 10.67 15.42
N PHE A 121 -18.31 11.55 16.38
CA PHE A 121 -19.39 12.53 16.17
C PHE A 121 -18.85 13.93 15.82
N ASP A 122 -17.81 13.99 15.01
CA ASP A 122 -17.02 15.21 14.89
C ASP A 122 -17.37 15.93 13.62
N SER A 123 -16.92 17.19 13.53
CA SER A 123 -17.03 18.00 12.28
C SER A 123 -15.70 18.60 12.07
N GLN A 124 -15.42 18.98 10.83
CA GLN A 124 -14.11 19.48 10.51
C GLN A 124 -14.28 20.65 9.59
N THR A 125 -13.27 21.52 9.58
CA THR A 125 -13.16 22.51 8.49
C THR A 125 -11.96 22.23 7.61
N LEU A 126 -12.13 21.68 6.43
CA LEU A 126 -10.99 21.55 5.56
C LEU A 126 -10.59 22.89 4.91
N HIS A 127 -9.27 23.14 4.74
CA HIS A 127 -8.83 24.37 4.11
C HIS A 127 -8.08 24.12 2.81
N ILE A 128 -8.34 24.95 1.81
CA ILE A 128 -7.39 25.06 0.71
C ILE A 128 -6.84 26.51 0.71
N TYR A 129 -5.55 26.71 0.96
CA TYR A 129 -4.96 28.04 0.96
C TYR A 129 -4.28 28.40 -0.38
N LEU A 130 -4.88 29.31 -1.15
CA LEU A 130 -4.23 29.91 -2.33
C LEU A 130 -3.21 30.97 -1.90
N ILE A 131 -2.10 31.06 -2.62
CA ILE A 131 -1.10 32.05 -2.27
C ILE A 131 -0.43 32.66 -3.53
N VAL A 132 0.10 33.88 -3.40
CA VAL A 132 0.97 34.42 -4.45
C VAL A 132 2.09 35.25 -3.86
N ARG A 133 3.21 35.32 -4.54
CA ARG A 133 4.36 36.03 -4.03
C ARG A 133 4.61 37.23 -4.93
N SER A 134 4.88 38.39 -4.36
CA SER A 134 5.04 39.57 -5.19
C SER A 134 6.37 39.47 -5.95
N VAL A 135 6.37 40.11 -7.11
CA VAL A 135 7.59 40.19 -7.89
C VAL A 135 8.33 41.51 -7.59
N ASP A 136 9.45 41.73 -8.26
CA ASP A 136 10.20 42.95 -7.98
C ASP A 136 9.59 44.29 -8.46
N THR A 137 8.94 44.32 -9.62
CA THR A 137 8.35 45.55 -10.12
C THR A 137 6.94 45.79 -9.61
N ARG A 138 6.36 44.86 -8.85
CA ARG A 138 5.07 45.17 -8.19
C ARG A 138 4.48 44.10 -7.30
N ASN A 139 3.55 44.54 -6.45
CA ASN A 139 2.91 43.75 -5.43
C ASN A 139 1.61 43.16 -5.91
N ILE A 140 1.48 41.84 -5.72
CA ILE A 140 0.30 41.17 -6.18
C ILE A 140 -0.50 40.77 -4.96
N VAL A 141 -1.80 40.81 -5.11
CA VAL A 141 -2.70 40.68 -3.96
C VAL A 141 -3.93 39.87 -4.42
N LEU A 142 -4.44 38.98 -3.55
CA LEU A 142 -5.52 38.08 -3.98
C LEU A 142 -6.91 38.56 -3.56
N ALA A 143 -7.92 38.28 -4.36
CA ALA A 143 -9.25 38.44 -3.86
C ALA A 143 -10.16 37.29 -4.35
N VAL A 144 -11.34 37.20 -3.71
CA VAL A 144 -12.35 36.17 -4.02
C VAL A 144 -13.44 36.73 -4.90
N ASP A 145 -13.62 36.25 -6.11
CA ASP A 145 -14.83 36.58 -6.82
C ASP A 145 -15.89 35.56 -6.43
N LEU A 146 -16.82 35.93 -5.56
CA LEU A 146 -17.82 34.98 -5.04
C LEU A 146 -18.68 34.37 -6.12
N GLU A 147 -18.71 35.03 -7.25
CA GLU A 147 -19.42 34.48 -8.36
C GLU A 147 -18.90 33.13 -8.81
N LYS A 148 -17.71 32.78 -8.37
CA LYS A 148 -16.97 31.72 -9.00
C LYS A 148 -16.43 30.72 -7.95
N VAL A 149 -17.02 30.77 -6.76
CA VAL A 149 -16.74 29.83 -5.72
C VAL A 149 -17.92 28.91 -5.67
N GLY A 150 -17.74 27.63 -5.80
CA GLY A 150 -18.85 26.72 -5.66
C GLY A 150 -18.43 25.27 -5.70
N LYS A 151 -19.40 24.39 -5.88
CA LYS A 151 -19.19 22.96 -6.00
C LYS A 151 -20.37 22.37 -6.71
N ASN A 152 -20.16 21.37 -7.54
CA ASN A 152 -21.30 20.73 -8.15
C ASN A 152 -22.07 19.82 -7.19
N ASP A 153 -23.33 19.53 -7.53
CA ASP A 153 -24.29 18.89 -6.59
C ASP A 153 -23.98 17.47 -6.18
N ASP A 154 -23.47 16.66 -7.12
CA ASP A 154 -22.94 15.31 -6.84
C ASP A 154 -21.66 15.18 -6.03
N VAL A 155 -21.00 16.29 -5.64
CA VAL A 155 -19.74 16.15 -4.91
C VAL A 155 -20.08 15.49 -3.57
N PHE A 156 -19.79 14.22 -3.46
CA PHE A 156 -20.06 13.44 -2.28
C PHE A 156 -18.66 13.07 -1.70
N LEU A 157 -18.48 13.09 -0.41
CA LEU A 157 -17.22 12.64 0.14
C LEU A 157 -17.58 11.50 1.07
N THR A 158 -17.22 10.29 0.70
CA THR A 158 -17.62 9.07 1.43
C THR A 158 -17.53 9.20 2.97
N GLY A 159 -18.64 8.89 3.67
CA GLY A 159 -18.66 8.82 5.14
C GLY A 159 -18.64 10.17 5.80
N TRP A 160 -18.89 11.20 4.98
CA TRP A 160 -18.97 12.59 5.44
C TRP A 160 -20.10 13.34 4.75
N ASP A 161 -20.76 14.24 5.48
CA ASP A 161 -21.71 15.19 4.92
C ASP A 161 -21.08 16.51 4.63
N ILE A 162 -21.28 17.02 3.42
CA ILE A 162 -20.74 18.31 3.10
C ILE A 162 -21.65 19.48 3.49
N GLU A 163 -21.24 20.29 4.46
CA GLU A 163 -22.05 21.48 4.82
C GLU A 163 -21.94 22.70 3.91
N SER A 164 -20.72 23.14 3.55
CA SER A 164 -20.54 24.36 2.73
C SER A 164 -19.11 24.56 2.23
N PHE A 165 -18.96 25.28 1.12
CA PHE A 165 -17.63 25.63 0.58
C PHE A 165 -17.65 27.13 0.40
N THR A 166 -16.95 27.87 1.25
CA THR A 166 -16.91 29.34 1.16
C THR A 166 -15.47 29.84 1.31
N ALA A 167 -15.19 31.09 0.94
CA ALA A 167 -13.84 31.61 1.10
C ALA A 167 -13.88 32.78 2.04
N VAL A 168 -12.92 32.89 2.93
CA VAL A 168 -12.78 34.06 3.73
C VAL A 168 -12.25 35.12 2.75
N VAL A 169 -13.05 36.19 2.55
CA VAL A 169 -12.86 37.19 1.43
C VAL A 169 -11.59 38.04 1.52
N LYS A 170 -11.15 38.27 2.75
CA LYS A 170 -10.05 39.19 3.01
C LYS A 170 -8.74 38.40 3.20
N PRO A 171 -7.75 38.58 2.28
CA PRO A 171 -6.49 37.79 2.28
C PRO A 171 -5.72 38.03 3.55
N ALA A 172 -4.85 37.12 3.98
CA ALA A 172 -3.87 37.46 5.02
C ALA A 172 -2.66 37.90 4.23
N ASN A 173 -2.14 39.12 4.45
CA ASN A 173 -0.97 39.56 3.74
C ASN A 173 0.21 39.54 4.68
N PHE A 174 1.40 39.11 4.27
CA PHE A 174 2.53 39.07 5.18
C PHE A 174 3.81 38.96 4.41
N ALA A 175 4.92 39.18 5.12
CA ALA A 175 6.21 39.19 4.48
C ALA A 175 6.83 37.83 4.66
N LEU A 176 7.44 37.30 3.60
CA LEU A 176 8.19 36.08 3.73
C LEU A 176 9.52 36.15 2.96
N GLU A 177 10.61 36.16 3.70
CA GLU A 177 11.90 36.41 3.08
C GLU A 177 11.82 37.66 2.21
N ASP A 178 11.44 38.77 2.82
CA ASP A 178 11.52 40.06 2.17
C ASP A 178 10.72 40.26 0.91
N ARG A 179 9.64 39.54 0.77
CA ARG A 179 8.70 39.85 -0.30
C ARG A 179 7.30 39.65 0.30
N LEU A 180 6.35 40.35 -0.28
CA LEU A 180 5.05 40.25 0.23
C LEU A 180 4.40 39.03 -0.35
N GLU A 181 3.67 38.33 0.49
CA GLU A 181 2.96 37.16 0.08
C GLU A 181 1.47 37.32 0.44
N SER A 182 0.55 37.17 -0.52
CA SER A 182 -0.92 37.29 -0.29
C SER A 182 -1.66 35.91 -0.32
N LYS A 183 -2.31 35.55 0.79
CA LYS A 183 -2.86 34.22 1.01
C LYS A 183 -4.40 34.15 1.34
N LEU A 184 -5.13 33.28 0.66
CA LEU A 184 -6.58 33.20 0.84
C LEU A 184 -6.97 31.87 1.43
N ASP A 185 -8.09 31.80 2.16
CA ASP A 185 -8.49 30.61 2.90
C ASP A 185 -9.85 30.14 2.40
N TYR A 186 -9.88 29.17 1.50
CA TYR A 186 -11.13 28.50 1.11
C TYR A 186 -11.43 27.38 2.08
N GLN A 187 -12.68 27.28 2.53
CA GLN A 187 -13.04 26.40 3.67
C GLN A 187 -14.09 25.42 3.26
N LEU A 188 -13.88 24.15 3.56
CA LEU A 188 -14.85 23.17 3.18
C LEU A 188 -15.38 22.55 4.45
N ARG A 189 -16.68 22.68 4.70
CA ARG A 189 -17.23 22.36 6.03
C ARG A 189 -17.91 21.02 5.99
N ILE A 190 -17.43 20.08 6.79
CA ILE A 190 -17.96 18.73 6.64
C ILE A 190 -18.26 18.22 8.01
N SER A 191 -19.20 17.27 8.07
CA SER A 191 -19.39 16.51 9.32
C SER A 191 -19.58 14.99 9.10
N ARG A 192 -19.02 14.21 10.03
CA ARG A 192 -18.81 12.79 9.81
C ARG A 192 -20.12 12.04 9.96
N GLN A 193 -20.37 11.05 9.12
CA GLN A 193 -21.59 10.27 9.25
C GLN A 193 -21.31 9.16 10.23
N TYR A 194 -21.80 9.38 11.43
CA TYR A 194 -21.44 8.53 12.55
C TYR A 194 -22.23 7.25 12.57
N PHE A 195 -23.30 7.22 11.77
CA PHE A 195 -24.23 6.11 11.74
C PHE A 195 -23.58 4.77 11.92
N SER A 196 -22.71 4.40 11.00
CA SER A 196 -22.28 2.98 10.98
C SER A 196 -21.40 2.57 12.17
N TYR A 197 -20.68 3.53 12.77
CA TYR A 197 -19.98 3.30 14.03
C TYR A 197 -20.86 2.62 15.09
N ILE A 198 -22.18 2.86 15.03
CA ILE A 198 -23.10 2.35 16.00
C ILE A 198 -23.22 0.85 15.99
N PRO A 199 -23.69 0.28 14.87
CA PRO A 199 -23.74 -1.21 14.77
C PRO A 199 -22.33 -1.90 14.67
N ASN A 200 -21.35 -1.24 14.07
CA ASN A 200 -20.07 -1.89 13.86
C ASN A 200 -19.11 -1.96 15.07
N ILE A 201 -19.22 -1.01 15.98
CA ILE A 201 -18.24 -0.80 17.05
C ILE A 201 -18.89 -0.52 18.40
N ILE A 202 -19.72 0.50 18.46
CA ILE A 202 -20.28 0.85 19.74
C ILE A 202 -21.19 -0.22 20.37
N LEU A 203 -22.21 -0.67 19.67
CA LEU A 203 -23.07 -1.65 20.32
C LEU A 203 -22.35 -2.99 20.61
N PRO A 204 -21.59 -3.52 19.64
CA PRO A 204 -20.84 -4.74 19.95
C PRO A 204 -20.01 -4.57 21.20
N MET A 205 -19.34 -3.45 21.28
CA MET A 205 -18.52 -3.20 22.45
C MET A 205 -19.35 -3.17 23.72
N LEU A 206 -20.55 -2.61 23.67
CA LEU A 206 -21.43 -2.60 24.88
C LEU A 206 -21.97 -4.01 25.21
N PHE A 207 -22.42 -4.74 24.17
CA PHE A 207 -22.86 -6.13 24.33
C PHE A 207 -21.83 -6.95 25.08
N ILE A 208 -20.57 -6.94 24.62
CA ILE A 208 -19.61 -7.80 25.29
C ILE A 208 -19.42 -7.34 26.72
N LEU A 209 -19.44 -6.03 26.98
CA LEU A 209 -19.37 -5.59 28.37
C LEU A 209 -20.56 -6.10 29.26
N PHE A 210 -21.77 -5.97 28.75
CA PHE A 210 -22.93 -6.44 29.51
C PHE A 210 -22.83 -7.95 29.75
N ILE A 211 -22.39 -8.70 28.74
CA ILE A 211 -22.16 -10.12 28.92
C ILE A 211 -21.23 -10.29 30.12
N SER A 212 -20.22 -9.43 30.25
CA SER A 212 -19.31 -9.61 31.38
C SER A 212 -20.03 -9.55 32.71
N TRP A 213 -21.09 -8.76 32.77
CA TRP A 213 -21.71 -8.48 34.04
C TRP A 213 -22.62 -9.60 34.49
N THR A 214 -22.80 -10.59 33.62
CA THR A 214 -23.55 -11.74 34.04
C THR A 214 -22.81 -12.42 35.13
N ALA A 215 -21.52 -12.17 35.24
CA ALA A 215 -20.74 -12.86 36.23
C ALA A 215 -21.31 -12.53 37.59
N PHE A 216 -22.06 -11.43 37.66
CA PHE A 216 -22.59 -10.98 38.97
C PHE A 216 -23.79 -11.84 39.44
N TRP A 217 -24.21 -12.77 38.62
CA TRP A 217 -25.34 -13.62 38.95
C TRP A 217 -24.82 -15.04 39.00
N SER A 218 -23.50 -15.20 39.10
CA SER A 218 -22.89 -16.52 39.08
C SER A 218 -21.99 -16.71 40.24
N THR A 219 -22.12 -17.83 40.96
CA THR A 219 -21.18 -18.18 42.08
C THR A 219 -20.06 -19.11 41.64
N SER A 220 -19.86 -19.28 40.33
CA SER A 220 -18.83 -20.14 39.79
C SER A 220 -17.58 -19.34 39.44
N TYR A 221 -16.55 -19.44 40.25
CA TYR A 221 -15.30 -18.76 39.94
C TYR A 221 -14.82 -19.11 38.55
N GLU A 222 -14.79 -20.40 38.28
CA GLU A 222 -14.17 -20.79 37.07
C GLU A 222 -15.00 -20.15 35.90
N ALA A 223 -16.31 -20.32 35.94
CA ALA A 223 -17.17 -19.63 34.95
C ALA A 223 -16.84 -18.12 34.82
N ASN A 224 -16.86 -17.43 35.96
CA ASN A 224 -16.68 -16.00 35.93
C ASN A 224 -15.35 -15.58 35.31
N VAL A 225 -14.30 -16.23 35.76
CA VAL A 225 -13.02 -15.93 35.23
C VAL A 225 -13.09 -16.01 33.71
N THR A 226 -13.78 -17.02 33.21
CA THR A 226 -13.97 -17.14 31.76
C THR A 226 -14.77 -16.04 31.15
N LEU A 227 -15.93 -15.72 31.73
CA LEU A 227 -16.71 -14.59 31.18
C LEU A 227 -15.85 -13.33 31.10
N VAL A 228 -15.17 -13.00 32.19
CA VAL A 228 -14.65 -11.65 32.28
C VAL A 228 -13.41 -11.52 31.42
N VAL A 229 -12.64 -12.58 31.32
CA VAL A 229 -11.36 -12.48 30.64
C VAL A 229 -11.56 -12.58 29.13
N SER A 230 -12.43 -13.48 28.72
CA SER A 230 -12.85 -13.57 27.32
C SER A 230 -13.35 -12.27 26.74
N THR A 231 -14.39 -11.73 27.35
CA THR A 231 -14.87 -10.44 26.89
C THR A 231 -13.80 -9.35 26.89
N LEU A 232 -12.93 -9.33 27.92
CA LEU A 232 -11.88 -8.34 28.01
C LEU A 232 -11.04 -8.45 26.77
N ILE A 233 -10.84 -9.68 26.33
CA ILE A 233 -10.04 -9.89 25.15
C ILE A 233 -10.74 -9.29 23.95
N ALA A 234 -12.02 -9.62 23.77
CA ALA A 234 -12.81 -8.99 22.70
C ALA A 234 -12.75 -7.44 22.78
N HIS A 235 -12.70 -6.91 23.99
CA HIS A 235 -12.64 -5.49 24.06
C HIS A 235 -11.29 -4.99 23.50
N ILE A 236 -10.22 -5.68 23.86
CA ILE A 236 -8.93 -5.30 23.32
C ILE A 236 -8.94 -5.31 21.79
N ALA A 237 -9.65 -6.28 21.22
CA ALA A 237 -9.73 -6.31 19.76
C ALA A 237 -10.42 -5.05 19.20
N PHE A 238 -11.55 -4.65 19.78
CA PHE A 238 -12.20 -3.43 19.34
C PHE A 238 -11.32 -2.24 19.57
N ASN A 239 -10.66 -2.20 20.71
CA ASN A 239 -9.67 -1.15 20.92
C ASN A 239 -8.62 -1.08 19.80
N ILE A 240 -7.91 -2.18 19.57
CA ILE A 240 -6.97 -2.19 18.50
C ILE A 240 -7.55 -1.79 17.18
N LEU A 241 -8.72 -2.33 16.80
CA LEU A 241 -9.41 -1.95 15.52
C LEU A 241 -9.64 -0.42 15.43
N VAL A 242 -10.29 0.14 16.44
CA VAL A 242 -10.54 1.56 16.47
C VAL A 242 -9.22 2.33 16.34
N GLU A 243 -8.19 2.00 17.13
CA GLU A 243 -7.00 2.81 17.06
C GLU A 243 -6.19 2.65 15.76
N THR A 244 -6.39 1.61 14.97
CA THR A 244 -5.74 1.59 13.63
C THR A 244 -6.39 2.53 12.58
N ASN A 245 -7.62 2.93 12.81
CA ASN A 245 -8.24 3.94 11.99
C ASN A 245 -7.95 5.40 12.30
N LEU A 246 -7.38 5.69 13.45
CA LEU A 246 -7.17 7.05 13.86
C LEU A 246 -5.69 7.28 13.93
N PRO A 247 -5.25 8.52 13.73
CA PRO A 247 -3.86 8.86 13.98
C PRO A 247 -3.65 9.01 15.47
N LYS A 248 -2.44 9.21 15.92
CA LYS A 248 -2.18 9.29 17.34
C LYS A 248 -2.23 10.74 17.79
N THR A 249 -3.13 11.06 18.71
CA THR A 249 -3.28 12.46 19.04
C THR A 249 -2.69 12.77 20.40
N PRO A 250 -2.31 14.02 20.66
CA PRO A 250 -1.84 14.31 22.01
C PRO A 250 -2.99 14.65 22.95
N TYR A 251 -4.23 14.32 22.61
CA TYR A 251 -5.36 14.58 23.50
C TYR A 251 -6.22 13.35 23.49
N MET A 252 -6.99 13.11 24.54
CA MET A 252 -7.95 11.96 24.53
C MET A 252 -9.03 12.25 23.49
N THR A 253 -9.48 11.26 22.76
CA THR A 253 -10.69 11.44 21.94
C THR A 253 -11.92 10.89 22.66
N TYR A 254 -13.12 11.27 22.24
CA TYR A 254 -14.33 10.77 22.89
C TYR A 254 -14.42 9.24 22.95
N THR A 255 -14.40 8.58 21.79
CA THR A 255 -14.33 7.11 21.72
C THR A 255 -13.15 6.61 22.49
N GLY A 256 -12.00 7.26 22.31
CA GLY A 256 -10.81 6.87 23.03
C GLY A 256 -11.07 6.71 24.52
N ALA A 257 -11.70 7.74 25.07
CA ALA A 257 -12.04 7.78 26.48
C ALA A 257 -13.04 6.69 26.93
N ILE A 258 -14.13 6.50 26.20
CA ILE A 258 -15.04 5.41 26.53
C ILE A 258 -14.27 4.11 26.56
N ILE A 259 -13.57 3.82 25.46
CA ILE A 259 -12.79 2.61 25.36
C ILE A 259 -11.86 2.45 26.59
N PHE A 260 -11.17 3.51 27.02
CA PHE A 260 -10.21 3.36 28.11
C PHE A 260 -10.94 3.11 29.40
N MET A 261 -11.94 3.91 29.67
CA MET A 261 -12.72 3.74 30.86
C MET A 261 -13.19 2.29 30.98
N ILE A 262 -13.65 1.73 29.87
CA ILE A 262 -14.19 0.41 29.96
C ILE A 262 -13.17 -0.58 30.51
N TYR A 263 -11.86 -0.37 30.27
CA TYR A 263 -10.86 -1.30 30.81
C TYR A 263 -10.98 -1.26 32.31
N LEU A 264 -11.24 -0.07 32.85
CA LEU A 264 -11.32 0.06 34.28
C LEU A 264 -12.45 -0.78 34.84
N PHE A 265 -13.56 -0.79 34.10
CA PHE A 265 -14.61 -1.69 34.44
C PHE A 265 -14.22 -3.15 34.46
N TYR A 266 -13.44 -3.59 33.50
CA TYR A 266 -13.08 -5.01 33.47
C TYR A 266 -12.20 -5.39 34.67
N PHE A 267 -11.23 -4.53 34.91
CA PHE A 267 -10.35 -4.71 35.99
C PHE A 267 -11.14 -4.80 37.30
N VAL A 268 -12.07 -3.88 37.54
CA VAL A 268 -12.82 -3.95 38.81
C VAL A 268 -13.73 -5.19 38.87
N ALA A 269 -14.50 -5.46 37.81
CA ALA A 269 -15.10 -6.80 37.65
C ALA A 269 -14.18 -7.99 38.05
N VAL A 270 -12.96 -8.03 37.54
CA VAL A 270 -12.10 -9.14 37.92
C VAL A 270 -11.86 -9.14 39.43
N ILE A 271 -11.53 -7.97 39.98
CA ILE A 271 -11.40 -7.88 41.43
C ILE A 271 -12.67 -8.42 42.13
N GLU A 272 -13.84 -7.96 41.77
CA GLU A 272 -15.03 -8.49 42.41
C GLU A 272 -15.08 -10.03 42.31
N VAL A 273 -14.79 -10.56 41.13
CA VAL A 273 -14.90 -11.95 40.90
C VAL A 273 -13.92 -12.65 41.84
N THR A 274 -12.77 -12.03 42.00
CA THR A 274 -11.73 -12.59 42.83
C THR A 274 -12.14 -12.59 44.33
N VAL A 275 -12.63 -11.45 44.80
CA VAL A 275 -12.98 -11.27 46.18
C VAL A 275 -14.13 -12.21 46.56
N GLN A 276 -15.16 -12.24 45.71
CA GLN A 276 -16.27 -13.15 45.91
C GLN A 276 -15.80 -14.56 46.13
N HIS A 277 -14.97 -15.06 45.21
CA HIS A 277 -14.42 -16.41 45.34
C HIS A 277 -13.58 -16.57 46.60
N TYR A 278 -12.68 -15.66 46.82
CA TYR A 278 -11.90 -15.75 48.01
C TYR A 278 -12.80 -15.94 49.27
N LEU A 279 -13.79 -15.07 49.42
CA LEU A 279 -14.57 -15.11 50.62
C LEU A 279 -15.23 -16.46 50.67
N LYS A 280 -15.84 -16.91 49.59
CA LYS A 280 -16.44 -18.23 49.56
C LYS A 280 -15.49 -19.34 50.08
N VAL A 281 -14.27 -19.38 49.58
CA VAL A 281 -13.34 -20.43 50.01
C VAL A 281 -13.03 -20.37 51.52
N GLU A 282 -13.24 -19.21 52.10
CA GLU A 282 -12.81 -18.91 53.44
C GLU A 282 -14.04 -18.97 54.29
N SER A 283 -15.01 -19.68 53.76
CA SER A 283 -16.21 -19.93 54.47
C SER A 283 -16.94 -18.68 54.95
N GLN A 284 -16.95 -17.59 54.18
CA GLN A 284 -17.99 -16.60 54.40
C GLN A 284 -18.74 -16.08 53.14
N PRO A 285 -19.70 -16.89 52.64
CA PRO A 285 -20.56 -16.65 51.49
C PRO A 285 -21.48 -15.48 51.70
N ALA A 286 -21.80 -15.15 52.93
CA ALA A 286 -22.76 -14.08 53.09
C ALA A 286 -22.18 -12.70 52.77
N ARG A 287 -20.90 -12.42 53.11
CA ARG A 287 -20.30 -11.16 52.66
C ARG A 287 -20.20 -11.14 51.14
N ALA A 288 -19.61 -12.20 50.61
CA ALA A 288 -19.56 -12.41 49.20
C ALA A 288 -20.93 -12.11 48.61
N ALA A 289 -21.97 -12.77 49.11
CA ALA A 289 -23.29 -12.61 48.53
C ALA A 289 -23.68 -11.16 48.40
N SER A 290 -23.28 -10.36 49.39
CA SER A 290 -23.84 -9.04 49.38
C SER A 290 -22.95 -8.08 48.64
N ILE A 291 -21.65 -8.36 48.55
CA ILE A 291 -20.85 -7.69 47.53
C ILE A 291 -21.36 -7.95 46.08
N THR A 292 -21.64 -9.19 45.72
CA THR A 292 -22.18 -9.47 44.39
C THR A 292 -23.51 -8.75 44.23
N ARG A 293 -24.35 -8.77 45.26
CA ARG A 293 -25.67 -8.17 45.11
C ARG A 293 -25.54 -6.64 44.89
N ALA A 294 -24.63 -6.04 45.60
CA ALA A 294 -24.37 -4.63 45.33
C ALA A 294 -23.97 -4.43 43.85
N SER A 295 -22.94 -5.17 43.41
CA SER A 295 -22.35 -5.01 42.10
C SER A 295 -23.39 -5.06 40.99
N ARG A 296 -24.37 -5.94 41.09
CA ARG A 296 -25.43 -5.98 40.07
C ARG A 296 -26.04 -4.60 39.81
N ILE A 297 -26.10 -3.74 40.81
CA ILE A 297 -26.65 -2.43 40.61
C ILE A 297 -25.52 -1.44 40.41
N ALA A 298 -24.51 -1.47 41.28
CA ALA A 298 -23.42 -0.49 41.15
C ALA A 298 -22.82 -0.39 39.72
N PHE A 299 -22.34 -1.51 39.17
CA PHE A 299 -21.76 -1.50 37.85
C PHE A 299 -22.59 -0.78 36.78
N PRO A 300 -23.80 -1.26 36.53
CA PRO A 300 -24.56 -0.53 35.49
C PRO A 300 -24.74 0.94 35.89
N VAL A 301 -25.17 1.22 37.11
CA VAL A 301 -25.34 2.64 37.50
C VAL A 301 -24.09 3.53 37.32
N VAL A 302 -22.95 3.10 37.84
CA VAL A 302 -21.73 3.93 37.75
C VAL A 302 -21.26 4.00 36.29
N PHE A 303 -21.53 2.94 35.54
CA PHE A 303 -21.21 2.98 34.11
C PHE A 303 -21.99 4.09 33.39
N LEU A 304 -23.26 4.19 33.75
CA LEU A 304 -24.18 5.16 33.17
C LEU A 304 -23.83 6.55 33.70
N LEU A 305 -23.61 6.72 34.98
CA LEU A 305 -23.17 8.01 35.48
C LEU A 305 -21.88 8.50 34.82
N ALA A 306 -20.89 7.61 34.74
CA ALA A 306 -19.59 7.98 34.17
C ALA A 306 -19.75 8.38 32.70
N ASN A 307 -20.69 7.76 32.00
CA ASN A 307 -20.86 8.10 30.60
C ASN A 307 -21.49 9.46 30.44
N ILE A 308 -22.50 9.79 31.25
CA ILE A 308 -23.12 11.11 31.20
C ILE A 308 -22.04 12.16 31.53
N ILE A 309 -21.29 11.99 32.60
CA ILE A 309 -20.17 12.87 32.81
C ILE A 309 -19.29 13.10 31.56
N LEU A 310 -18.89 12.01 30.88
CA LEU A 310 -18.04 12.11 29.69
C LEU A 310 -18.69 12.87 28.56
N ALA A 311 -19.92 12.53 28.21
CA ALA A 311 -20.63 13.27 27.12
C ALA A 311 -20.70 14.75 27.45
N PHE A 312 -20.93 15.02 28.72
CA PHE A 312 -20.95 16.37 29.16
C PHE A 312 -19.56 16.99 28.92
N LEU A 313 -18.48 16.40 29.42
CA LEU A 313 -17.17 17.02 29.17
C LEU A 313 -16.86 17.18 27.69
N PHE A 314 -17.33 16.28 26.84
CA PHE A 314 -16.89 16.29 25.45
C PHE A 314 -17.81 17.02 24.53
N PHE A 315 -19.03 17.23 24.94
CA PHE A 315 -19.96 17.78 23.99
C PHE A 315 -20.63 18.99 24.56
N VAL B 5 -4.76 27.66 -35.18
CA VAL B 5 -5.62 26.68 -34.43
C VAL B 5 -6.57 27.34 -33.39
N SER B 6 -7.86 27.34 -33.72
CA SER B 6 -8.94 27.68 -32.81
C SER B 6 -10.22 27.25 -33.56
N PRO B 7 -11.35 27.17 -32.86
CA PRO B 7 -12.49 26.36 -33.30
C PRO B 7 -12.98 26.66 -34.71
N PRO B 8 -13.53 25.68 -35.40
CA PRO B 8 -14.11 25.94 -36.72
C PRO B 8 -15.43 26.73 -36.63
N PRO B 9 -15.60 27.73 -37.51
CA PRO B 9 -16.71 28.66 -37.35
C PRO B 9 -17.97 28.14 -38.02
N PRO B 10 -19.15 28.65 -37.60
CA PRO B 10 -20.47 28.12 -37.99
C PRO B 10 -20.80 28.47 -39.44
N ILE B 11 -21.38 27.53 -40.20
CA ILE B 11 -21.96 27.89 -41.51
C ILE B 11 -23.10 28.86 -41.23
N ALA B 12 -24.16 28.42 -40.55
CA ALA B 12 -25.19 29.34 -40.02
C ALA B 12 -24.77 30.04 -38.68
N ASP B 13 -25.52 29.71 -37.64
CA ASP B 13 -25.08 29.94 -36.26
C ASP B 13 -25.42 28.69 -35.38
N GLU B 14 -25.12 27.49 -35.88
CA GLU B 14 -25.25 26.23 -35.10
C GLU B 14 -24.08 25.95 -34.14
N PRO B 15 -24.34 25.11 -33.13
CA PRO B 15 -23.28 24.67 -32.21
C PRO B 15 -22.42 23.62 -32.93
N LEU B 16 -21.16 23.47 -32.54
CA LEU B 16 -20.32 22.40 -33.07
C LEU B 16 -20.59 21.02 -32.37
N THR B 17 -20.97 20.02 -33.17
CA THR B 17 -21.31 18.72 -32.64
C THR B 17 -20.06 17.82 -32.63
N VAL B 18 -19.69 17.30 -31.46
CA VAL B 18 -18.64 16.32 -31.40
C VAL B 18 -19.25 14.97 -31.11
N ASN B 19 -19.11 14.08 -32.05
CA ASN B 19 -19.52 12.72 -31.86
C ASN B 19 -18.45 11.96 -31.08
N THR B 20 -18.90 11.18 -30.07
CA THR B 20 -18.01 10.45 -29.20
C THR B 20 -18.39 8.99 -29.19
N GLY B 21 -17.42 8.18 -28.79
CA GLY B 21 -17.63 6.78 -28.46
C GLY B 21 -16.52 6.27 -27.57
N ILE B 22 -16.86 5.29 -26.75
CA ILE B 22 -15.92 4.71 -25.84
C ILE B 22 -16.00 3.24 -26.09
N TYR B 23 -14.85 2.61 -26.27
CA TYR B 23 -14.76 1.15 -26.47
C TYR B 23 -13.77 0.51 -25.46
N LEU B 24 -14.33 -0.28 -24.52
CA LEU B 24 -13.57 -0.75 -23.37
C LEU B 24 -12.74 -1.91 -23.80
N ILE B 25 -11.43 -1.83 -23.54
CA ILE B 25 -10.52 -2.92 -23.78
C ILE B 25 -10.30 -3.63 -22.47
N GLU B 26 -10.11 -2.93 -21.36
CA GLU B 26 -9.83 -3.57 -20.07
C GLU B 26 -10.63 -2.97 -18.93
N CYS B 27 -11.05 -3.81 -17.98
CA CYS B 27 -11.66 -3.39 -16.69
C CYS B 27 -11.06 -4.04 -15.49
N TYR B 28 -10.56 -3.27 -14.55
CA TYR B 28 -9.95 -3.94 -13.38
C TYR B 28 -10.12 -3.14 -12.09
N SER B 29 -9.68 -3.73 -10.98
CA SER B 29 -9.66 -3.00 -9.74
C SER B 29 -10.97 -2.24 -9.41
N LEU B 30 -12.13 -2.90 -9.45
CA LEU B 30 -13.26 -2.31 -8.79
C LEU B 30 -12.99 -2.44 -7.34
N ASP B 31 -12.69 -1.33 -6.71
CA ASP B 31 -12.34 -1.27 -5.30
C ASP B 31 -13.54 -0.82 -4.48
N ASP B 32 -14.17 -1.73 -3.77
CA ASP B 32 -15.36 -1.36 -3.00
C ASP B 32 -15.22 -0.23 -2.00
N LYS B 33 -14.18 -0.35 -1.16
CA LYS B 33 -13.88 0.67 -0.16
C LYS B 33 -13.74 2.04 -0.80
N ALA B 34 -12.83 2.23 -1.80
CA ALA B 34 -12.59 3.55 -2.41
C ALA B 34 -13.70 4.00 -3.38
N GLU B 35 -14.54 3.06 -3.79
CA GLU B 35 -15.55 3.32 -4.78
C GLU B 35 -15.03 3.79 -6.11
N THR B 36 -13.99 3.13 -6.62
CA THR B 36 -13.41 3.48 -7.87
C THR B 36 -13.17 2.20 -8.68
N PHE B 37 -12.91 2.38 -9.99
CA PHE B 37 -12.52 1.27 -10.87
C PHE B 37 -11.55 1.77 -11.93
N LYS B 38 -10.80 0.88 -12.55
CA LYS B 38 -9.80 1.32 -13.52
C LYS B 38 -10.29 0.93 -14.90
N VAL B 39 -10.05 1.77 -15.88
CA VAL B 39 -10.55 1.43 -17.22
C VAL B 39 -9.48 1.72 -18.24
N ASN B 40 -9.42 0.87 -19.24
CA ASN B 40 -8.53 1.10 -20.38
C ASN B 40 -9.36 0.92 -21.68
N ALA B 41 -9.36 1.97 -22.54
CA ALA B 41 -10.34 2.07 -23.64
C ALA B 41 -9.92 2.94 -24.78
N PHE B 42 -10.61 2.69 -25.95
CA PHE B 42 -10.60 3.64 -27.10
C PHE B 42 -11.58 4.77 -26.79
N LEU B 43 -11.16 6.02 -26.99
CA LEU B 43 -12.07 7.17 -27.03
C LEU B 43 -12.07 7.67 -28.47
N SER B 44 -13.24 7.71 -29.12
CA SER B 44 -13.27 8.23 -30.47
C SER B 44 -14.00 9.57 -30.54
N LEU B 45 -13.47 10.51 -31.31
CA LEU B 45 -14.08 11.81 -31.48
C LEU B 45 -14.19 12.15 -32.96
N SER B 46 -15.35 12.65 -33.38
CA SER B 46 -15.55 13.11 -34.77
C SER B 46 -16.30 14.44 -34.85
N TRP B 47 -15.89 15.27 -35.79
CA TRP B 47 -16.47 16.61 -35.93
C TRP B 47 -16.04 17.25 -37.25
N LYS B 48 -16.90 18.12 -37.79
CA LYS B 48 -16.64 18.80 -39.06
C LYS B 48 -15.71 19.98 -38.83
N ASP B 49 -14.64 20.02 -39.58
CA ASP B 49 -13.88 21.24 -39.66
C ASP B 49 -13.59 21.63 -41.09
N ARG B 50 -14.35 22.61 -41.60
CA ARG B 50 -14.42 22.91 -43.03
C ARG B 50 -13.13 23.50 -43.56
N ARG B 51 -12.42 24.20 -42.70
CA ARG B 51 -11.08 24.68 -42.99
C ARG B 51 -10.16 23.58 -43.40
N LEU B 52 -10.57 22.36 -43.25
CA LEU B 52 -9.63 21.30 -43.55
C LEU B 52 -9.90 20.59 -44.83
N ALA B 53 -10.67 21.19 -45.70
CA ALA B 53 -11.08 20.46 -46.87
C ALA B 53 -9.88 20.42 -47.82
N PHE B 54 -9.87 19.43 -48.71
CA PHE B 54 -8.77 19.26 -49.64
C PHE B 54 -9.22 18.46 -50.86
N ASP B 55 -8.42 18.56 -51.93
CA ASP B 55 -8.66 17.83 -53.14
C ASP B 55 -7.76 16.58 -53.26
N PRO B 56 -8.38 15.37 -53.28
CA PRO B 56 -7.63 14.12 -53.45
C PRO B 56 -6.71 14.23 -54.68
N VAL B 57 -7.29 14.61 -55.82
CA VAL B 57 -6.54 14.99 -57.03
C VAL B 57 -5.29 15.92 -56.89
N ARG B 58 -5.47 17.06 -56.23
CA ARG B 58 -4.46 18.09 -56.14
C ARG B 58 -3.58 17.78 -54.93
N SER B 59 -3.75 16.64 -54.26
CA SER B 59 -2.89 16.35 -53.08
C SER B 59 -2.45 14.86 -52.98
N GLY B 60 -2.97 14.05 -53.91
CA GLY B 60 -2.53 12.68 -54.10
C GLY B 60 -3.25 11.64 -53.27
N VAL B 61 -3.63 12.06 -52.07
CA VAL B 61 -4.11 11.16 -51.01
C VAL B 61 -5.67 11.17 -50.74
N ARG B 62 -6.31 10.01 -50.57
CA ARG B 62 -7.80 9.95 -50.31
C ARG B 62 -8.15 10.49 -48.93
N VAL B 63 -7.27 10.25 -47.98
CA VAL B 63 -7.46 10.73 -46.63
C VAL B 63 -6.20 11.43 -46.20
N LYS B 64 -6.28 12.45 -45.37
CA LYS B 64 -5.08 13.02 -44.82
C LYS B 64 -4.94 12.54 -43.40
N THR B 65 -3.69 12.29 -43.02
CA THR B 65 -3.34 12.05 -41.62
C THR B 65 -2.76 13.29 -41.03
N TYR B 66 -3.19 13.67 -39.84
CA TYR B 66 -2.59 14.84 -39.22
C TYR B 66 -2.07 14.41 -37.89
N GLU B 67 -1.12 15.19 -37.42
CA GLU B 67 -0.55 15.08 -36.07
C GLU B 67 -1.29 16.04 -35.16
N PRO B 68 -1.59 15.58 -33.95
CA PRO B 68 -2.41 16.34 -32.98
C PRO B 68 -2.24 17.85 -33.04
N GLU B 69 -1.02 18.34 -32.92
CA GLU B 69 -0.80 19.78 -32.86
C GLU B 69 -1.00 20.53 -34.16
N ALA B 70 -1.13 19.82 -35.29
CA ALA B 70 -1.35 20.50 -36.57
C ALA B 70 -2.78 21.09 -36.71
N ILE B 71 -3.78 20.51 -36.02
CA ILE B 71 -5.19 20.90 -36.20
C ILE B 71 -5.90 21.15 -34.89
N TRP B 72 -7.02 21.88 -34.90
CA TRP B 72 -7.84 22.04 -33.72
C TRP B 72 -8.49 20.75 -33.32
N ILE B 73 -8.44 20.47 -32.04
CA ILE B 73 -9.04 19.29 -31.46
C ILE B 73 -9.84 19.72 -30.26
N PRO B 74 -11.06 19.24 -30.12
CA PRO B 74 -11.80 19.73 -29.00
C PRO B 74 -11.30 19.15 -27.71
N GLU B 75 -11.29 19.96 -26.67
CA GLU B 75 -10.88 19.48 -25.35
C GLU B 75 -11.93 18.68 -24.63
N ILE B 76 -12.04 17.38 -24.88
CA ILE B 76 -12.97 16.54 -24.09
C ILE B 76 -12.31 16.13 -22.77
N ARG B 77 -13.02 16.17 -21.65
CA ARG B 77 -12.46 15.70 -20.40
C ARG B 77 -13.44 14.73 -19.71
N PHE B 78 -12.97 13.91 -18.77
CA PHE B 78 -13.88 13.08 -18.00
C PHE B 78 -14.25 13.84 -16.73
N VAL B 79 -15.48 13.75 -16.28
CA VAL B 79 -15.81 14.42 -15.02
C VAL B 79 -15.25 13.65 -13.81
N ASN B 80 -15.71 12.42 -13.62
CA ASN B 80 -15.44 11.66 -12.41
C ASN B 80 -14.14 10.83 -12.46
N VAL B 81 -13.05 11.45 -12.87
CA VAL B 81 -11.75 10.83 -12.68
C VAL B 81 -10.96 11.44 -11.51
N GLU B 82 -9.93 10.67 -11.05
CA GLU B 82 -8.94 11.15 -10.09
C GLU B 82 -7.98 12.17 -10.75
N ASN B 83 -7.36 11.71 -11.83
CA ASN B 83 -6.47 12.56 -12.55
C ASN B 83 -6.89 12.60 -13.97
N ALA B 84 -6.50 13.66 -14.66
CA ALA B 84 -6.53 13.65 -16.11
C ALA B 84 -6.09 12.24 -16.61
N ARG B 85 -6.90 11.64 -17.48
CA ARG B 85 -6.58 10.39 -18.11
C ARG B 85 -5.20 10.38 -18.81
N ASP B 86 -4.64 9.16 -18.97
CA ASP B 86 -3.46 8.90 -19.76
C ASP B 86 -3.80 8.55 -21.17
N ALA B 87 -3.38 9.37 -22.14
CA ALA B 87 -3.89 9.19 -23.49
C ALA B 87 -2.83 9.08 -24.53
N ASP B 88 -2.96 8.11 -25.41
CA ASP B 88 -2.10 8.01 -26.58
C ASP B 88 -2.89 8.22 -27.84
N VAL B 89 -2.59 9.29 -28.59
CA VAL B 89 -3.32 9.49 -29.83
C VAL B 89 -2.99 8.34 -30.77
N VAL B 90 -3.98 7.57 -31.18
CA VAL B 90 -3.71 6.47 -32.10
C VAL B 90 -3.68 6.89 -33.56
N ASP B 91 -4.54 7.83 -33.94
CA ASP B 91 -4.72 8.18 -35.34
C ASP B 91 -5.64 9.39 -35.49
N ILE B 92 -5.32 10.29 -36.42
CA ILE B 92 -6.29 11.33 -36.83
C ILE B 92 -6.51 11.31 -38.34
N SER B 93 -7.70 10.99 -38.81
CA SER B 93 -8.06 11.01 -40.23
C SER B 93 -8.99 12.19 -40.60
N VAL B 94 -8.66 12.90 -41.68
CA VAL B 94 -9.58 13.86 -42.29
C VAL B 94 -10.05 13.45 -43.69
N SER B 95 -11.37 13.33 -43.90
CA SER B 95 -11.86 13.05 -45.24
C SER B 95 -12.00 14.45 -45.95
N PRO B 96 -11.90 14.51 -47.28
CA PRO B 96 -11.80 15.76 -48.06
C PRO B 96 -12.78 16.87 -47.70
N ASP B 97 -13.97 16.49 -47.20
CA ASP B 97 -15.02 17.42 -46.81
C ASP B 97 -14.66 18.10 -45.55
N GLY B 98 -13.73 17.48 -44.87
CA GLY B 98 -13.22 18.05 -43.66
C GLY B 98 -13.79 17.40 -42.42
N THR B 99 -14.43 16.22 -42.54
CA THR B 99 -14.84 15.46 -41.36
C THR B 99 -13.58 14.85 -40.71
N VAL B 100 -13.39 15.13 -39.42
CA VAL B 100 -12.24 14.60 -38.69
C VAL B 100 -12.66 13.38 -37.84
N GLN B 101 -11.88 12.31 -37.96
CA GLN B 101 -11.99 11.11 -37.15
C GLN B 101 -10.76 10.99 -36.24
N TYR B 102 -10.98 11.16 -34.94
CA TYR B 102 -9.92 11.11 -33.96
C TYR B 102 -10.05 9.84 -33.10
N LEU B 103 -8.92 9.13 -32.92
CA LEU B 103 -8.87 7.93 -32.06
C LEU B 103 -7.73 7.93 -31.02
N GLU B 104 -8.07 7.78 -29.76
CA GLU B 104 -7.04 7.73 -28.72
C GLU B 104 -7.26 6.50 -27.88
N ARG B 105 -6.16 5.99 -27.32
CA ARG B 105 -6.30 4.96 -26.27
C ARG B 105 -5.92 5.51 -24.94
N PHE B 106 -6.77 5.30 -23.97
CA PHE B 106 -6.55 5.97 -22.68
C PHE B 106 -6.74 4.97 -21.56
N SER B 107 -6.26 5.37 -20.38
CA SER B 107 -6.48 4.60 -19.13
C SER B 107 -6.78 5.62 -18.09
N ALA B 108 -7.72 5.25 -17.23
CA ALA B 108 -8.09 6.15 -16.12
C ALA B 108 -8.68 5.43 -14.94
N ARG B 109 -8.56 6.10 -13.78
CA ARG B 109 -9.19 5.68 -12.53
C ARG B 109 -10.44 6.54 -12.28
N VAL B 110 -11.56 5.87 -12.33
CA VAL B 110 -12.89 6.49 -12.33
C VAL B 110 -13.60 6.39 -10.98
N LEU B 111 -14.15 7.51 -10.49
CA LEU B 111 -14.87 7.61 -9.20
C LEU B 111 -16.33 7.31 -9.43
N SER B 112 -16.92 6.42 -8.70
CA SER B 112 -18.31 6.16 -9.02
C SER B 112 -18.95 5.40 -7.87
N PRO B 113 -19.93 6.05 -7.23
CA PRO B 113 -20.49 5.59 -5.93
C PRO B 113 -21.25 4.26 -6.12
N LEU B 114 -21.22 3.38 -5.11
CA LEU B 114 -21.89 2.08 -5.18
C LEU B 114 -22.96 2.06 -4.11
N ASP B 115 -24.04 1.35 -4.39
CA ASP B 115 -25.06 1.25 -3.41
C ASP B 115 -24.88 -0.08 -2.64
N PHE B 116 -24.44 -0.02 -1.40
CA PHE B 116 -24.10 -1.28 -0.74
C PHE B 116 -25.26 -1.99 -0.02
N ARG B 117 -26.44 -1.39 -0.08
CA ARG B 117 -27.66 -1.93 0.53
C ARG B 117 -27.89 -3.44 0.38
N ARG B 118 -27.62 -4.02 -0.76
CA ARG B 118 -27.89 -5.46 -0.87
C ARG B 118 -26.63 -6.35 -0.96
N TYR B 119 -25.50 -5.83 -0.49
CA TYR B 119 -24.25 -6.60 -0.47
C TYR B 119 -24.40 -7.90 0.36
N PRO B 120 -23.92 -9.04 -0.18
CA PRO B 120 -23.14 -9.07 -1.37
C PRO B 120 -23.97 -9.51 -2.55
N PHE B 121 -25.29 -9.27 -2.53
CA PHE B 121 -26.13 -9.68 -3.67
C PHE B 121 -26.50 -8.48 -4.53
N ASP B 122 -25.65 -7.48 -4.61
CA ASP B 122 -25.94 -6.19 -5.21
C ASP B 122 -25.56 -6.07 -6.68
N SER B 123 -26.11 -5.03 -7.30
CA SER B 123 -25.73 -4.65 -8.69
C SER B 123 -25.45 -3.19 -8.68
N GLN B 124 -24.77 -2.70 -9.71
CA GLN B 124 -24.26 -1.36 -9.69
C GLN B 124 -24.36 -0.88 -11.12
N THR B 125 -24.42 0.42 -11.29
CA THR B 125 -24.22 1.05 -12.58
C THR B 125 -23.04 1.96 -12.51
N LEU B 126 -21.93 1.58 -13.11
CA LEU B 126 -20.80 2.50 -13.10
C LEU B 126 -21.01 3.56 -14.20
N HIS B 127 -20.57 4.78 -13.97
CA HIS B 127 -20.65 5.82 -15.00
C HIS B 127 -19.28 6.34 -15.44
N ILE B 128 -19.13 6.59 -16.73
CA ILE B 128 -18.03 7.44 -17.16
C ILE B 128 -18.70 8.64 -17.80
N TYR B 129 -18.52 9.84 -17.23
CA TYR B 129 -19.06 11.10 -17.80
C TYR B 129 -18.09 11.93 -18.65
N LEU B 130 -18.34 11.99 -19.97
CA LEU B 130 -17.59 12.83 -20.89
C LEU B 130 -18.10 14.23 -20.80
N ILE B 131 -17.20 15.21 -20.84
CA ILE B 131 -17.68 16.58 -20.86
C ILE B 131 -16.91 17.47 -21.86
N VAL B 132 -17.49 18.59 -22.26
CA VAL B 132 -16.77 19.62 -23.02
C VAL B 132 -17.33 21.01 -22.66
N ARG B 133 -16.44 21.98 -22.64
CA ARG B 133 -16.78 23.34 -22.29
C ARG B 133 -16.69 24.26 -23.56
N SER B 134 -17.71 25.09 -23.76
CA SER B 134 -17.78 25.91 -24.95
C SER B 134 -16.73 26.98 -24.91
N VAL B 135 -16.20 27.32 -26.07
CA VAL B 135 -15.21 28.36 -26.17
C VAL B 135 -15.94 29.67 -26.45
N ASP B 136 -15.17 30.73 -26.66
CA ASP B 136 -15.83 32.02 -26.85
C ASP B 136 -16.57 32.20 -28.25
N THR B 137 -15.91 31.82 -29.34
CA THR B 137 -16.52 31.96 -30.65
C THR B 137 -17.63 30.94 -30.96
N ARG B 138 -17.76 29.85 -30.20
CA ARG B 138 -18.89 28.93 -30.40
C ARG B 138 -19.10 27.86 -29.36
N ASN B 139 -20.31 27.27 -29.42
CA ASN B 139 -20.80 26.31 -28.44
C ASN B 139 -20.55 24.94 -28.98
N ILE B 140 -19.99 24.08 -28.13
CA ILE B 140 -19.69 22.72 -28.53
C ILE B 140 -20.61 21.79 -27.78
N VAL B 141 -21.03 20.75 -28.43
CA VAL B 141 -22.09 19.95 -27.87
C VAL B 141 -21.73 18.53 -28.19
N LEU B 142 -22.01 17.59 -27.28
CA LEU B 142 -21.56 16.21 -27.52
C LEU B 142 -22.68 15.31 -28.03
N ALA B 143 -22.33 14.27 -28.79
CA ALA B 143 -23.27 13.20 -29.10
C ALA B 143 -22.59 11.85 -29.16
N VAL B 144 -23.41 10.81 -29.06
CA VAL B 144 -22.93 9.46 -29.04
C VAL B 144 -23.09 8.90 -30.45
N ASP B 145 -22.00 8.48 -31.11
CA ASP B 145 -22.15 7.62 -32.27
C ASP B 145 -22.26 6.11 -31.86
N LEU B 146 -23.48 5.55 -31.80
CA LEU B 146 -23.69 4.21 -31.24
C LEU B 146 -22.87 3.18 -31.91
N GLU B 147 -22.38 3.52 -33.07
CA GLU B 147 -21.59 2.60 -33.82
C GLU B 147 -20.27 2.28 -33.14
N LYS B 148 -19.87 3.15 -32.23
CA LYS B 148 -18.51 3.17 -31.73
C LYS B 148 -18.49 3.09 -30.23
N VAL B 149 -19.60 2.62 -29.66
CA VAL B 149 -19.70 2.34 -28.26
C VAL B 149 -19.67 0.84 -28.11
N GLY B 150 -18.78 0.28 -27.28
CA GLY B 150 -18.75 -1.21 -27.13
C GLY B 150 -17.73 -1.66 -26.13
N LYS B 151 -17.44 -2.96 -26.13
CA LYS B 151 -16.42 -3.52 -25.27
C LYS B 151 -15.94 -4.83 -25.86
N ASN B 152 -14.68 -5.20 -25.70
CA ASN B 152 -14.27 -6.49 -26.25
C ASN B 152 -14.76 -7.64 -25.36
N ASP B 153 -14.84 -8.84 -25.96
CA ASP B 153 -15.45 -10.01 -25.30
C ASP B 153 -14.76 -10.52 -24.03
N ASP B 154 -13.42 -10.51 -24.03
CA ASP B 154 -12.59 -10.81 -22.86
C ASP B 154 -12.67 -9.87 -21.69
N VAL B 155 -13.31 -8.68 -21.80
CA VAL B 155 -13.31 -7.73 -20.67
C VAL B 155 -13.99 -8.40 -19.49
N PHE B 156 -13.21 -8.80 -18.50
CA PHE B 156 -13.70 -9.50 -17.34
C PHE B 156 -13.38 -8.53 -16.19
N LEU B 157 -14.24 -8.45 -15.21
CA LEU B 157 -13.92 -7.62 -14.08
C LEU B 157 -14.05 -8.54 -12.89
N THR B 158 -12.91 -8.94 -12.34
CA THR B 158 -12.89 -9.89 -11.21
C THR B 158 -13.98 -9.75 -10.14
N GLY B 159 -14.78 -10.80 -9.98
CA GLY B 159 -15.76 -10.83 -8.89
C GLY B 159 -17.08 -10.16 -9.22
N TRP B 160 -17.20 -9.75 -10.47
CA TRP B 160 -18.36 -9.10 -11.02
C TRP B 160 -18.75 -9.69 -12.39
N ASP B 161 -20.05 -9.71 -12.69
CA ASP B 161 -20.56 -10.00 -14.03
C ASP B 161 -20.88 -8.75 -14.76
N ILE B 162 -20.42 -8.65 -15.99
CA ILE B 162 -20.72 -7.46 -16.78
C ILE B 162 -21.99 -7.63 -17.58
N GLU B 163 -23.03 -6.90 -17.21
CA GLU B 163 -24.26 -6.93 -17.99
C GLU B 163 -24.21 -6.17 -19.29
N SER B 164 -23.76 -4.91 -19.32
CA SER B 164 -23.87 -4.09 -20.55
C SER B 164 -23.13 -2.76 -20.46
N PHE B 165 -22.72 -2.26 -21.63
CA PHE B 165 -22.07 -0.93 -21.70
C PHE B 165 -22.87 -0.13 -22.74
N THR B 166 -23.54 0.94 -22.31
CA THR B 166 -24.33 1.76 -23.23
C THR B 166 -24.25 3.24 -22.84
N ALA B 167 -24.58 4.14 -23.78
CA ALA B 167 -24.54 5.56 -23.42
C ALA B 167 -25.93 6.12 -23.45
N VAL B 168 -26.19 7.05 -22.57
CA VAL B 168 -27.40 7.81 -22.65
C VAL B 168 -27.16 8.84 -23.74
N VAL B 169 -27.91 8.72 -24.84
CA VAL B 169 -27.65 9.45 -26.11
C VAL B 169 -27.84 10.95 -26.03
N LYS B 170 -28.70 11.43 -25.13
CA LYS B 170 -29.00 12.87 -25.01
C LYS B 170 -28.16 13.57 -23.94
N PRO B 171 -27.23 14.44 -24.33
CA PRO B 171 -26.34 15.15 -23.35
C PRO B 171 -27.09 15.96 -22.34
N ALA B 172 -26.50 16.23 -21.18
CA ALA B 172 -27.05 17.16 -20.24
C ALA B 172 -26.30 18.42 -20.57
N ASN B 173 -26.99 19.51 -20.97
CA ASN B 173 -26.29 20.77 -21.21
C ASN B 173 -26.57 21.82 -20.13
N PHE B 174 -25.59 22.53 -19.62
CA PHE B 174 -25.89 23.41 -18.49
C PHE B 174 -24.82 24.46 -18.46
N ALA B 175 -25.02 25.48 -17.64
CA ALA B 175 -24.08 26.55 -17.55
C ALA B 175 -23.16 26.32 -16.37
N LEU B 176 -21.89 26.64 -16.50
CA LEU B 176 -20.98 26.48 -15.38
C LEU B 176 -20.03 27.63 -15.48
N GLU B 177 -20.15 28.56 -14.52
CA GLU B 177 -19.30 29.74 -14.52
C GLU B 177 -19.37 30.38 -15.90
N ASP B 178 -20.59 30.62 -16.35
CA ASP B 178 -20.75 31.50 -17.52
C ASP B 178 -20.31 31.00 -18.87
N ARG B 179 -20.28 29.68 -19.04
CA ARG B 179 -20.04 29.11 -20.33
C ARG B 179 -20.88 27.87 -20.37
N LEU B 180 -21.18 27.43 -21.56
CA LEU B 180 -21.96 26.24 -21.68
C LEU B 180 -21.07 24.98 -21.59
N GLU B 181 -21.56 23.96 -20.87
CA GLU B 181 -20.87 22.73 -20.70
C GLU B 181 -21.83 21.61 -21.20
N SER B 182 -21.35 20.71 -22.08
CA SER B 182 -22.13 19.56 -22.59
C SER B 182 -21.56 18.23 -22.10
N LYS B 183 -22.36 17.49 -21.32
CA LYS B 183 -21.94 16.27 -20.61
C LYS B 183 -22.73 14.99 -21.02
N LEU B 184 -21.99 13.87 -21.20
CA LEU B 184 -22.57 12.59 -21.62
C LEU B 184 -22.39 11.50 -20.55
N ASP B 185 -23.38 10.61 -20.39
CA ASP B 185 -23.37 9.60 -19.32
C ASP B 185 -23.21 8.23 -19.98
N TYR B 186 -21.96 7.70 -19.97
CA TYR B 186 -21.72 6.28 -20.32
C TYR B 186 -21.94 5.37 -19.09
N GLN B 187 -22.65 4.25 -19.28
CA GLN B 187 -23.03 3.40 -18.16
C GLN B 187 -22.57 1.97 -18.31
N LEU B 188 -21.98 1.45 -17.25
CA LEU B 188 -21.44 0.12 -17.32
C LEU B 188 -22.17 -0.59 -16.20
N ARG B 189 -22.93 -1.61 -16.58
CA ARG B 189 -23.88 -2.29 -15.66
C ARG B 189 -23.32 -3.61 -15.25
N ILE B 190 -23.14 -3.77 -13.95
CA ILE B 190 -22.48 -4.97 -13.46
C ILE B 190 -23.30 -5.55 -12.31
N SER B 191 -23.09 -6.85 -12.08
CA SER B 191 -23.57 -7.42 -10.82
C SER B 191 -22.55 -8.40 -10.15
N ARG B 192 -22.54 -8.39 -8.81
CA ARG B 192 -21.50 -9.00 -8.03
C ARG B 192 -21.71 -10.53 -8.04
N GLN B 193 -20.64 -11.30 -8.20
CA GLN B 193 -20.77 -12.71 -8.10
C GLN B 193 -20.70 -13.00 -6.64
N TYR B 194 -21.86 -13.34 -6.08
CA TYR B 194 -21.95 -13.55 -4.64
C TYR B 194 -21.53 -14.93 -4.21
N PHE B 195 -21.30 -15.79 -5.18
CA PHE B 195 -20.96 -17.17 -4.90
C PHE B 195 -20.04 -17.38 -3.73
N SER B 196 -18.86 -16.81 -3.79
CA SER B 196 -17.85 -17.18 -2.82
C SER B 196 -18.16 -16.73 -1.39
N TYR B 197 -18.91 -15.63 -1.26
CA TYR B 197 -19.37 -15.18 0.05
C TYR B 197 -20.07 -16.30 0.85
N ILE B 198 -20.62 -17.28 0.16
CA ILE B 198 -21.36 -18.34 0.79
C ILE B 198 -20.50 -19.28 1.61
N PRO B 199 -19.55 -20.00 0.97
CA PRO B 199 -18.61 -20.79 1.76
C PRO B 199 -17.56 -19.98 2.64
N ASN B 200 -17.21 -18.76 2.26
CA ASN B 200 -16.17 -18.08 3.00
C ASN B 200 -16.64 -17.32 4.24
N ILE B 201 -17.92 -16.92 4.24
CA ILE B 201 -18.40 -16.03 5.28
C ILE B 201 -19.74 -16.46 5.87
N ILE B 202 -20.75 -16.54 5.01
CA ILE B 202 -22.08 -16.81 5.45
C ILE B 202 -22.23 -18.14 6.20
N LEU B 203 -21.83 -19.23 5.56
CA LEU B 203 -22.00 -20.53 6.21
C LEU B 203 -21.13 -20.66 7.49
N PRO B 204 -19.84 -20.30 7.39
CA PRO B 204 -19.04 -20.38 8.63
C PRO B 204 -19.72 -19.64 9.75
N MET B 205 -20.24 -18.48 9.44
CA MET B 205 -20.91 -17.69 10.42
C MET B 205 -22.12 -18.40 10.96
N LEU B 206 -22.83 -19.11 10.09
CA LEU B 206 -24.02 -19.85 10.58
C LEU B 206 -23.62 -21.05 11.43
N PHE B 207 -22.62 -21.82 10.98
CA PHE B 207 -22.10 -22.93 11.75
C PHE B 207 -21.75 -22.53 13.16
N ILE B 208 -21.00 -21.46 13.30
CA ILE B 208 -20.62 -21.09 14.65
C ILE B 208 -21.85 -20.71 15.49
N LEU B 209 -22.81 -19.99 14.90
CA LEU B 209 -24.06 -19.72 15.58
C LEU B 209 -24.81 -21.00 16.04
N PHE B 210 -24.95 -21.98 15.16
CA PHE B 210 -25.62 -23.21 15.50
C PHE B 210 -24.88 -23.97 16.61
N ILE B 211 -23.57 -23.97 16.50
CA ILE B 211 -22.79 -24.56 17.58
C ILE B 211 -23.15 -23.93 18.94
N SER B 212 -23.32 -22.62 18.97
CA SER B 212 -23.73 -21.96 20.23
C SER B 212 -25.02 -22.55 20.79
N TRP B 213 -25.95 -22.91 19.92
CA TRP B 213 -27.24 -23.32 20.39
C TRP B 213 -27.21 -24.70 21.06
N THR B 214 -26.12 -25.44 20.87
CA THR B 214 -25.96 -26.69 21.56
C THR B 214 -25.92 -26.44 23.05
N ALA B 215 -25.66 -25.22 23.50
CA ALA B 215 -25.82 -24.95 24.93
C ALA B 215 -27.21 -25.29 25.46
N PHE B 216 -28.24 -25.27 24.60
CA PHE B 216 -29.62 -25.57 25.02
C PHE B 216 -29.85 -27.06 25.33
N TRP B 217 -28.81 -27.87 25.16
CA TRP B 217 -28.97 -29.29 25.39
C TRP B 217 -28.00 -29.67 26.46
N SER B 218 -27.51 -28.68 27.21
CA SER B 218 -26.50 -28.90 28.23
C SER B 218 -26.88 -28.26 29.52
N THR B 219 -26.71 -28.97 30.64
CA THR B 219 -26.96 -28.40 32.01
C THR B 219 -25.67 -27.93 32.70
N SER B 220 -24.56 -27.92 31.96
CA SER B 220 -23.31 -27.46 32.47
C SER B 220 -23.05 -25.96 32.27
N TYR B 221 -23.22 -25.16 33.30
CA TYR B 221 -22.99 -23.71 33.16
C TYR B 221 -21.61 -23.41 32.59
N GLU B 222 -20.57 -24.05 33.14
CA GLU B 222 -19.21 -23.74 32.71
C GLU B 222 -18.99 -24.13 31.23
N ALA B 223 -19.58 -25.24 30.83
CA ALA B 223 -19.54 -25.61 29.44
C ALA B 223 -20.26 -24.54 28.59
N ASN B 224 -21.48 -24.19 28.97
CA ASN B 224 -22.27 -23.34 28.13
C ASN B 224 -21.56 -22.01 27.95
N VAL B 225 -21.11 -21.46 29.06
CA VAL B 225 -20.43 -20.18 29.05
C VAL B 225 -19.27 -20.24 28.04
N THR B 226 -18.61 -21.37 27.98
CA THR B 226 -17.57 -21.52 26.99
C THR B 226 -18.11 -21.61 25.58
N LEU B 227 -19.10 -22.46 25.34
CA LEU B 227 -19.67 -22.50 24.00
C LEU B 227 -20.08 -21.14 23.53
N VAL B 228 -20.74 -20.35 24.38
CA VAL B 228 -21.45 -19.18 23.87
C VAL B 228 -20.48 -18.04 23.66
N VAL B 229 -19.54 -17.93 24.58
CA VAL B 229 -18.61 -16.80 24.54
C VAL B 229 -17.58 -17.00 23.47
N SER B 230 -17.16 -18.24 23.29
CA SER B 230 -16.20 -18.59 22.28
C SER B 230 -16.68 -18.32 20.86
N THR B 231 -17.82 -18.90 20.51
CA THR B 231 -18.44 -18.60 19.22
C THR B 231 -18.72 -17.10 19.03
N LEU B 232 -19.12 -16.41 20.10
CA LEU B 232 -19.38 -14.97 20.01
C LEU B 232 -18.13 -14.29 19.48
N ILE B 233 -17.01 -14.73 20.01
CA ILE B 233 -15.78 -14.15 19.62
C ILE B 233 -15.50 -14.40 18.11
N ALA B 234 -15.65 -15.65 17.70
CA ALA B 234 -15.50 -15.99 16.29
C ALA B 234 -16.42 -15.10 15.48
N HIS B 235 -17.60 -14.76 16.00
CA HIS B 235 -18.49 -13.94 15.20
C HIS B 235 -17.90 -12.56 15.06
N ILE B 236 -17.42 -12.01 16.18
CA ILE B 236 -16.74 -10.75 16.09
C ILE B 236 -15.68 -10.80 14.99
N ALA B 237 -14.90 -11.87 14.93
CA ALA B 237 -13.87 -11.97 13.87
C ALA B 237 -14.51 -11.81 12.47
N PHE B 238 -15.59 -12.54 12.21
CA PHE B 238 -16.18 -12.40 10.89
C PHE B 238 -16.68 -10.98 10.68
N ASN B 239 -17.35 -10.43 11.69
CA ASN B 239 -17.78 -9.03 11.64
C ASN B 239 -16.60 -8.10 11.24
N ILE B 240 -15.51 -8.15 11.98
CA ILE B 240 -14.40 -7.34 11.62
C ILE B 240 -13.95 -7.59 10.18
N LEU B 241 -13.80 -8.86 9.80
CA LEU B 241 -13.37 -9.21 8.43
C LEU B 241 -14.27 -8.53 7.42
N VAL B 242 -15.54 -8.84 7.48
CA VAL B 242 -16.50 -8.29 6.54
C VAL B 242 -16.45 -6.77 6.51
N GLU B 243 -16.37 -6.08 7.66
CA GLU B 243 -16.37 -4.59 7.62
C GLU B 243 -15.07 -3.99 7.11
N THR B 244 -13.96 -4.73 7.08
CA THR B 244 -12.72 -4.18 6.46
C THR B 244 -12.77 -4.16 4.93
N ASN B 245 -13.59 -5.01 4.35
CA ASN B 245 -13.85 -4.98 2.90
C ASN B 245 -14.90 -4.00 2.36
N LEU B 246 -15.66 -3.32 3.21
CA LEU B 246 -16.70 -2.42 2.78
C LEU B 246 -16.34 -1.07 3.26
N PRO B 247 -16.80 -0.02 2.57
CA PRO B 247 -16.71 1.33 3.12
C PRO B 247 -17.76 1.58 4.21
N LYS B 248 -17.67 2.67 4.90
CA LYS B 248 -18.62 2.95 5.98
C LYS B 248 -19.84 3.64 5.42
N THR B 249 -21.00 3.01 5.47
CA THR B 249 -22.17 3.66 4.86
C THR B 249 -23.12 4.31 5.82
N PRO B 250 -23.83 5.36 5.37
CA PRO B 250 -24.83 5.89 6.32
C PRO B 250 -26.12 5.10 6.32
N TYR B 251 -26.11 3.86 5.83
CA TYR B 251 -27.35 3.04 5.78
C TYR B 251 -26.97 1.65 6.19
N MET B 252 -27.92 0.81 6.64
CA MET B 252 -27.57 -0.56 7.03
C MET B 252 -27.37 -1.36 5.74
N THR B 253 -26.47 -2.32 5.67
CA THR B 253 -26.40 -3.13 4.44
C THR B 253 -27.01 -4.49 4.80
N TYR B 254 -27.33 -5.30 3.81
CA TYR B 254 -28.01 -6.53 4.08
C TYR B 254 -27.19 -7.43 5.00
N THR B 255 -25.96 -7.81 4.59
CA THR B 255 -24.98 -8.49 5.46
C THR B 255 -24.80 -7.75 6.78
N GLY B 256 -24.61 -6.43 6.75
CA GLY B 256 -24.48 -5.71 7.99
C GLY B 256 -25.56 -6.07 9.00
N ALA B 257 -26.80 -6.11 8.52
CA ALA B 257 -27.99 -6.36 9.35
C ALA B 257 -27.97 -7.78 9.93
N ILE B 258 -27.69 -8.76 9.08
CA ILE B 258 -27.66 -10.12 9.54
C ILE B 258 -26.61 -10.27 10.62
N ILE B 259 -25.38 -9.85 10.30
CA ILE B 259 -24.32 -9.70 11.28
C ILE B 259 -24.79 -9.02 12.58
N PHE B 260 -25.46 -7.88 12.49
CA PHE B 260 -25.81 -7.17 13.75
C PHE B 260 -26.85 -7.96 14.55
N MET B 261 -27.91 -8.37 13.88
CA MET B 261 -28.89 -9.18 14.50
C MET B 261 -28.25 -10.34 15.29
N ILE B 262 -27.29 -11.01 14.66
CA ILE B 262 -26.81 -12.21 15.28
C ILE B 262 -26.20 -11.90 16.64
N TYR B 263 -25.65 -10.71 16.85
CA TYR B 263 -25.19 -10.33 18.19
C TYR B 263 -26.34 -10.46 19.16
N LEU B 264 -27.53 -10.05 18.73
CA LEU B 264 -28.65 -10.04 19.66
C LEU B 264 -28.91 -11.47 20.10
N PHE B 265 -28.78 -12.38 19.15
CA PHE B 265 -28.94 -13.78 19.46
C PHE B 265 -27.92 -14.31 20.48
N TYR B 266 -26.68 -13.89 20.38
CA TYR B 266 -25.66 -14.30 21.35
C TYR B 266 -25.98 -13.73 22.72
N PHE B 267 -26.30 -12.44 22.74
CA PHE B 267 -26.69 -11.79 23.96
C PHE B 267 -27.87 -12.52 24.64
N VAL B 268 -28.95 -12.83 23.90
CA VAL B 268 -30.04 -13.54 24.54
C VAL B 268 -29.67 -15.00 24.96
N ALA B 269 -29.02 -15.74 24.08
CA ALA B 269 -28.34 -16.98 24.52
C ALA B 269 -27.55 -16.86 25.87
N VAL B 270 -26.71 -15.86 26.02
CA VAL B 270 -26.02 -15.75 27.31
C VAL B 270 -27.05 -15.58 28.46
N ILE B 271 -28.03 -14.70 28.27
CA ILE B 271 -29.03 -14.52 29.28
C ILE B 271 -29.62 -15.89 29.64
N GLU B 272 -30.12 -16.62 28.63
CA GLU B 272 -30.71 -17.93 28.92
C GLU B 272 -29.77 -18.85 29.67
N VAL B 273 -28.53 -18.91 29.24
CA VAL B 273 -27.55 -19.71 29.93
C VAL B 273 -27.42 -19.28 31.38
N THR B 274 -27.51 -17.98 31.62
CA THR B 274 -27.38 -17.42 32.96
C THR B 274 -28.61 -17.77 33.84
N VAL B 275 -29.80 -17.53 33.29
CA VAL B 275 -31.03 -17.77 34.00
C VAL B 275 -31.11 -19.26 34.42
N GLN B 276 -30.93 -20.13 33.41
CA GLN B 276 -30.94 -21.56 33.65
C GLN B 276 -30.04 -21.95 34.81
N HIS B 277 -28.80 -21.48 34.80
CA HIS B 277 -27.92 -21.78 35.91
C HIS B 277 -28.47 -21.21 37.23
N TYR B 278 -28.82 -19.94 37.22
CA TYR B 278 -29.31 -19.33 38.42
C TYR B 278 -30.43 -20.16 39.01
N LEU B 279 -31.43 -20.49 38.20
CA LEU B 279 -32.53 -21.24 38.74
C LEU B 279 -32.00 -22.53 39.36
N LYS B 280 -31.14 -23.23 38.64
CA LYS B 280 -30.58 -24.49 39.12
C LYS B 280 -29.95 -24.32 40.50
N VAL B 281 -29.16 -23.29 40.69
CA VAL B 281 -28.50 -23.12 41.97
C VAL B 281 -29.50 -22.88 43.09
N GLU B 282 -30.61 -22.29 42.72
CA GLU B 282 -31.64 -21.85 43.65
C GLU B 282 -32.62 -23.01 43.85
N SER B 283 -32.20 -24.17 43.38
CA SER B 283 -32.97 -25.36 43.58
C SER B 283 -34.30 -25.35 42.91
N GLN B 284 -34.40 -24.74 41.73
CA GLN B 284 -35.57 -25.02 40.88
C GLN B 284 -35.24 -25.32 39.42
N PRO B 285 -34.78 -26.56 39.14
CA PRO B 285 -34.42 -27.10 37.87
C PRO B 285 -35.61 -27.32 36.95
N ALA B 286 -36.80 -27.47 37.48
CA ALA B 286 -37.88 -27.67 36.58
C ALA B 286 -38.21 -26.41 35.80
N ARG B 287 -38.16 -25.21 36.41
CA ARG B 287 -38.42 -23.97 35.61
C ARG B 287 -37.33 -23.85 34.56
N ALA B 288 -36.10 -23.93 35.05
CA ALA B 288 -34.96 -23.99 34.19
C ALA B 288 -35.20 -24.95 33.04
N ALA B 289 -35.56 -26.19 33.34
CA ALA B 289 -35.71 -27.21 32.32
C ALA B 289 -36.64 -26.74 31.21
N SER B 290 -37.66 -25.97 31.55
CA SER B 290 -38.65 -25.74 30.56
C SER B 290 -38.35 -24.45 29.83
N ILE B 291 -37.61 -23.56 30.48
CA ILE B 291 -36.98 -22.46 29.74
C ILE B 291 -35.98 -22.98 28.67
N THR B 292 -35.17 -23.93 29.03
CA THR B 292 -34.25 -24.49 28.05
C THR B 292 -35.00 -25.22 26.97
N ARG B 293 -36.01 -25.99 27.35
CA ARG B 293 -36.72 -26.79 26.35
C ARG B 293 -37.39 -25.85 25.34
N ALA B 294 -37.84 -24.69 25.82
CA ALA B 294 -38.48 -23.74 24.93
C ALA B 294 -37.43 -23.24 23.92
N SER B 295 -36.29 -22.82 24.48
CA SER B 295 -35.24 -22.17 23.74
C SER B 295 -34.78 -22.99 22.55
N ARG B 296 -34.65 -24.31 22.75
CA ARG B 296 -34.40 -25.20 21.63
C ARG B 296 -35.26 -24.97 20.39
N ILE B 297 -36.52 -24.53 20.59
CA ILE B 297 -37.38 -24.31 19.44
C ILE B 297 -37.37 -22.83 19.11
N ALA B 298 -37.57 -22.03 20.14
CA ALA B 298 -37.65 -20.60 19.95
C ALA B 298 -36.47 -20.03 19.13
N PHE B 299 -35.25 -20.25 19.61
CA PHE B 299 -34.10 -19.71 18.92
C PHE B 299 -34.12 -19.97 17.39
N PRO B 300 -34.08 -21.24 16.96
CA PRO B 300 -34.06 -21.45 15.49
C PRO B 300 -35.30 -20.80 14.82
N VAL B 301 -36.48 -20.98 15.40
CA VAL B 301 -37.69 -20.42 14.79
C VAL B 301 -37.64 -18.89 14.64
N VAL B 302 -37.31 -18.20 15.72
CA VAL B 302 -37.26 -16.75 15.63
C VAL B 302 -36.11 -16.33 14.70
N PHE B 303 -35.02 -17.09 14.68
CA PHE B 303 -33.90 -16.76 13.80
C PHE B 303 -34.35 -16.82 12.35
N LEU B 304 -35.13 -17.85 12.04
CA LEU B 304 -35.66 -18.07 10.68
C LEU B 304 -36.68 -16.99 10.37
N LEU B 305 -37.61 -16.75 11.28
CA LEU B 305 -38.57 -15.68 11.06
C LEU B 305 -37.92 -14.34 10.83
N ALA B 306 -36.99 -13.97 11.71
CA ALA B 306 -36.32 -12.68 11.57
C ALA B 306 -35.59 -12.57 10.20
N ASN B 307 -34.98 -13.68 9.75
CA ASN B 307 -34.31 -13.62 8.45
C ASN B 307 -35.24 -13.36 7.28
N ILE B 308 -36.39 -14.05 7.27
CA ILE B 308 -37.40 -13.84 6.23
C ILE B 308 -37.86 -12.39 6.24
N ILE B 309 -38.19 -11.87 7.41
CA ILE B 309 -38.49 -10.46 7.49
C ILE B 309 -37.37 -9.60 6.88
N LEU B 310 -36.11 -9.86 7.21
CA LEU B 310 -35.04 -9.04 6.58
C LEU B 310 -34.96 -9.21 5.07
N ALA B 311 -35.00 -10.43 4.57
CA ALA B 311 -34.85 -10.62 3.15
C ALA B 311 -35.95 -9.83 2.44
N PHE B 312 -37.13 -9.92 3.01
CA PHE B 312 -38.25 -9.15 2.51
C PHE B 312 -37.90 -7.64 2.55
N LEU B 313 -37.60 -7.07 3.72
CA LEU B 313 -37.22 -5.66 3.73
C LEU B 313 -36.16 -5.33 2.71
N PHE B 314 -35.22 -6.22 2.39
CA PHE B 314 -34.09 -5.77 1.61
C PHE B 314 -34.24 -6.08 0.15
N PHE B 315 -35.06 -7.06 -0.13
CA PHE B 315 -35.06 -7.51 -1.49
C PHE B 315 -36.46 -7.53 -2.10
N VAL C 5 6.69 11.22 -43.12
CA VAL C 5 6.46 9.93 -42.43
C VAL C 5 4.97 9.52 -42.49
N SER C 6 4.73 8.42 -43.21
CA SER C 6 3.47 7.67 -43.17
C SER C 6 3.76 6.36 -43.92
N PRO C 7 2.84 5.39 -43.85
CA PRO C 7 3.18 4.00 -44.12
C PRO C 7 3.81 3.79 -45.49
N PRO C 8 4.69 2.79 -45.61
CA PRO C 8 5.25 2.43 -46.92
C PRO C 8 4.21 1.76 -47.79
N PRO C 9 4.11 2.18 -49.07
CA PRO C 9 3.00 1.74 -49.93
C PRO C 9 3.30 0.41 -50.60
N PRO C 10 2.25 -0.29 -51.02
CA PRO C 10 2.36 -1.69 -51.52
C PRO C 10 3.05 -1.80 -52.88
N ILE C 11 3.93 -2.80 -53.06
CA ILE C 11 4.42 -3.07 -54.44
C ILE C 11 3.22 -3.48 -55.26
N ALA C 12 2.60 -4.61 -54.91
CA ALA C 12 1.29 -4.98 -55.50
C ALA C 12 0.11 -4.25 -54.80
N ASP C 13 -0.72 -5.07 -54.16
CA ASP C 13 -1.67 -4.59 -53.15
C ASP C 13 -1.70 -5.52 -51.85
N GLU C 14 -0.51 -5.98 -51.41
CA GLU C 14 -0.38 -6.80 -50.19
C GLU C 14 -0.45 -5.98 -48.90
N PRO C 15 -0.77 -6.65 -47.78
CA PRO C 15 -0.73 -6.04 -46.48
C PRO C 15 0.72 -5.80 -46.09
N LEU C 16 1.01 -4.92 -45.13
CA LEU C 16 2.36 -4.82 -44.61
C LEU C 16 2.54 -5.81 -43.47
N THR C 17 3.56 -6.65 -43.57
CA THR C 17 3.87 -7.63 -42.53
C THR C 17 4.87 -7.11 -41.47
N VAL C 18 4.45 -7.04 -40.22
CA VAL C 18 5.39 -6.69 -39.20
C VAL C 18 5.77 -7.96 -38.43
N ASN C 19 7.05 -8.27 -38.46
CA ASN C 19 7.54 -9.39 -37.67
C ASN C 19 7.89 -8.94 -36.27
N THR C 20 7.45 -9.72 -35.30
CA THR C 20 7.61 -9.35 -33.91
C THR C 20 8.28 -10.47 -33.19
N GLY C 21 8.94 -10.08 -32.09
CA GLY C 21 9.41 -10.98 -31.06
C GLY C 21 9.52 -10.31 -29.70
N ILE C 22 9.32 -11.12 -28.67
CA ILE C 22 9.47 -10.67 -27.30
C ILE C 22 10.49 -11.56 -26.62
N TYR C 23 11.44 -10.94 -25.92
CA TYR C 23 12.48 -11.66 -25.21
C TYR C 23 12.50 -11.15 -23.76
N LEU C 24 12.05 -12.02 -22.84
CA LEU C 24 11.90 -11.69 -21.43
C LEU C 24 13.24 -11.55 -20.76
N ILE C 25 13.43 -10.43 -20.10
CA ILE C 25 14.59 -10.20 -19.29
C ILE C 25 14.30 -10.42 -17.81
N GLU C 26 13.15 -9.93 -17.35
CA GLU C 26 12.69 -10.09 -15.97
C GLU C 26 11.22 -10.51 -15.85
N CYS C 27 10.90 -11.35 -14.88
CA CYS C 27 9.49 -11.56 -14.48
C CYS C 27 9.30 -11.39 -13.01
N TYR C 28 8.48 -10.47 -12.57
CA TYR C 28 8.22 -10.41 -11.11
C TYR C 28 6.74 -10.22 -10.73
N SER C 29 6.44 -10.29 -9.43
CA SER C 29 5.17 -9.81 -8.95
C SER C 29 3.99 -10.50 -9.66
N LEU C 30 3.98 -11.82 -9.77
CA LEU C 30 2.74 -12.42 -10.12
C LEU C 30 1.91 -12.25 -8.86
N ASP C 31 0.93 -11.37 -8.91
CA ASP C 31 0.02 -11.08 -7.84
C ASP C 31 -1.31 -11.83 -8.03
N ASP C 32 -1.54 -12.84 -7.21
CA ASP C 32 -2.75 -13.66 -7.39
C ASP C 32 -4.09 -12.90 -7.27
N LYS C 33 -4.21 -12.12 -6.21
CA LYS C 33 -5.38 -11.31 -5.99
C LYS C 33 -5.69 -10.42 -7.16
N ALA C 34 -4.77 -9.52 -7.55
CA ALA C 34 -5.00 -8.64 -8.71
C ALA C 34 -5.06 -9.35 -10.05
N GLU C 35 -4.49 -10.55 -10.13
CA GLU C 35 -4.37 -11.26 -11.39
C GLU C 35 -3.54 -10.53 -12.41
N THR C 36 -2.45 -9.90 -11.95
CA THR C 36 -1.47 -9.28 -12.83
C THR C 36 -0.02 -9.77 -12.55
N PHE C 37 0.90 -9.57 -13.49
CA PHE C 37 2.32 -9.81 -13.30
C PHE C 37 3.15 -8.68 -13.97
N LYS C 38 4.40 -8.51 -13.61
CA LYS C 38 5.17 -7.44 -14.24
C LYS C 38 6.22 -8.06 -15.17
N VAL C 39 6.51 -7.42 -16.29
CA VAL C 39 7.44 -8.01 -17.25
C VAL C 39 8.39 -6.94 -17.67
N ASN C 40 9.64 -7.34 -17.92
CA ASN C 40 10.66 -6.47 -18.50
C ASN C 40 11.34 -7.24 -19.64
N ALA C 41 11.28 -6.71 -20.87
CA ALA C 41 11.64 -7.45 -22.06
C ALA C 41 12.09 -6.61 -23.29
N PHE C 42 12.79 -7.27 -24.23
CA PHE C 42 13.04 -6.70 -25.57
C PHE C 42 11.80 -6.95 -26.39
N LEU C 43 11.43 -5.94 -27.17
CA LEU C 43 10.34 -6.08 -28.18
C LEU C 43 11.06 -5.85 -29.48
N SER C 44 10.98 -6.81 -30.41
CA SER C 44 11.60 -6.55 -31.67
C SER C 44 10.57 -6.46 -32.79
N LEU C 45 10.80 -5.52 -33.69
CA LEU C 45 9.93 -5.26 -34.83
C LEU C 45 10.75 -5.23 -36.13
N SER C 46 10.22 -5.89 -37.17
CA SER C 46 10.83 -5.83 -38.50
C SER C 46 9.82 -5.76 -39.64
N TRP C 47 10.15 -4.93 -40.63
CA TRP C 47 9.26 -4.78 -41.77
C TRP C 47 10.06 -4.15 -42.89
N LYS C 48 9.52 -4.27 -44.11
CA LYS C 48 10.10 -3.67 -45.33
C LYS C 48 9.59 -2.27 -45.59
N ASP C 49 10.49 -1.31 -45.70
CA ASP C 49 10.11 0.02 -46.18
C ASP C 49 11.03 0.41 -47.34
N ARG C 50 10.49 0.27 -48.54
CA ARG C 50 11.30 0.48 -49.75
C ARG C 50 11.83 1.88 -49.98
N ARG C 51 11.08 2.90 -49.56
CA ARG C 51 11.54 4.26 -49.54
C ARG C 51 12.91 4.36 -48.87
N LEU C 52 13.35 3.30 -48.20
CA LEU C 52 14.54 3.38 -47.38
C LEU C 52 15.71 2.58 -47.91
N ALA C 53 15.51 1.78 -48.97
CA ALA C 53 16.60 0.95 -49.58
C ALA C 53 17.87 1.70 -50.06
N PHE C 54 18.90 0.98 -50.49
CA PHE C 54 20.10 1.61 -51.05
C PHE C 54 21.02 0.59 -51.71
N ASP C 55 22.07 1.08 -52.37
CA ASP C 55 23.09 0.21 -53.02
C ASP C 55 24.10 -0.39 -52.03
N PRO C 56 24.20 -1.74 -51.96
CA PRO C 56 25.21 -2.38 -51.11
C PRO C 56 26.66 -2.00 -51.53
N VAL C 57 27.01 -2.16 -52.82
CA VAL C 57 28.40 -1.85 -53.33
C VAL C 57 28.74 -0.34 -53.36
N ARG C 58 27.85 0.47 -53.93
CA ARG C 58 27.98 1.94 -53.99
C ARG C 58 28.10 2.68 -52.66
N SER C 59 27.45 2.16 -51.63
CA SER C 59 27.36 2.83 -50.35
C SER C 59 28.52 2.53 -49.42
N GLY C 60 29.04 1.31 -49.53
CA GLY C 60 30.19 0.89 -48.73
C GLY C 60 29.89 0.75 -47.24
N VAL C 61 28.61 0.84 -46.90
CA VAL C 61 28.11 0.48 -45.55
C VAL C 61 27.10 -0.66 -45.68
N ARG C 62 27.31 -1.68 -44.86
CA ARG C 62 26.52 -2.91 -44.87
C ARG C 62 25.05 -2.68 -44.46
N VAL C 63 24.84 -1.64 -43.63
CA VAL C 63 23.58 -1.39 -42.90
C VAL C 63 23.60 0.08 -42.58
N LYS C 64 22.57 0.61 -41.92
CA LYS C 64 22.41 2.04 -41.68
C LYS C 64 21.46 2.31 -40.48
N THR C 65 21.74 3.31 -39.64
CA THR C 65 20.99 3.49 -38.37
C THR C 65 20.20 4.76 -38.28
N TYR C 66 18.92 4.76 -37.86
CA TYR C 66 18.11 5.97 -37.76
C TYR C 66 17.63 6.23 -36.34
N GLU C 67 17.15 7.45 -36.09
CA GLU C 67 16.50 7.85 -34.86
C GLU C 67 15.00 7.67 -35.07
N PRO C 68 14.30 7.14 -34.07
CA PRO C 68 12.85 6.86 -34.19
C PRO C 68 12.10 7.88 -35.07
N GLU C 69 12.23 9.18 -34.78
CA GLU C 69 11.39 10.21 -35.43
C GLU C 69 11.72 10.46 -36.89
N ALA C 70 12.87 9.99 -37.34
CA ALA C 70 13.26 10.14 -38.74
C ALA C 70 12.54 9.18 -39.73
N ILE C 71 12.05 8.04 -39.26
CA ILE C 71 11.32 7.07 -40.15
C ILE C 71 9.97 6.58 -39.64
N TRP C 72 9.16 6.02 -40.52
CA TRP C 72 7.88 5.42 -40.08
C TRP C 72 8.10 4.14 -39.31
N ILE C 73 7.49 4.10 -38.13
CA ILE C 73 7.48 2.94 -37.28
C ILE C 73 6.03 2.54 -37.01
N PRO C 74 5.71 1.26 -37.11
CA PRO C 74 4.35 0.90 -36.87
C PRO C 74 4.01 0.99 -35.38
N GLU C 75 2.83 1.48 -35.09
CA GLU C 75 2.33 1.57 -33.71
C GLU C 75 1.90 0.23 -33.17
N ILE C 76 2.82 -0.53 -32.56
CA ILE C 76 2.43 -1.80 -31.87
C ILE C 76 2.02 -1.48 -30.45
N ARG C 77 0.90 -2.02 -29.98
CA ARG C 77 0.48 -1.82 -28.58
C ARG C 77 0.14 -3.18 -27.95
N PHE C 78 0.15 -3.20 -26.61
CA PHE C 78 -0.26 -4.39 -25.87
C PHE C 78 -1.77 -4.32 -25.58
N VAL C 79 -2.50 -5.40 -25.73
CA VAL C 79 -3.90 -5.37 -25.35
C VAL C 79 -4.10 -5.37 -23.83
N ASN C 80 -3.71 -6.45 -23.15
CA ASN C 80 -3.89 -6.60 -21.71
C ASN C 80 -2.87 -5.95 -20.75
N VAL C 81 -2.54 -4.69 -20.96
CA VAL C 81 -1.82 -3.95 -19.98
C VAL C 81 -2.70 -2.92 -19.20
N GLU C 82 -2.13 -2.47 -18.08
CA GLU C 82 -2.77 -1.45 -17.27
C GLU C 82 -2.56 -0.09 -17.97
N ASN C 83 -1.29 0.22 -18.22
CA ASN C 83 -0.96 1.45 -18.88
C ASN C 83 -0.13 1.17 -20.05
N ALA C 84 -0.12 2.07 -21.02
CA ALA C 84 0.91 2.04 -22.03
C ALA C 84 2.26 1.67 -21.36
N ARG C 85 2.92 0.65 -21.93
CA ARG C 85 4.27 0.23 -21.59
C ARG C 85 5.33 1.38 -21.59
N ASP C 86 6.35 1.22 -20.76
CA ASP C 86 7.53 2.07 -20.71
C ASP C 86 8.63 1.62 -21.65
N ALA C 87 8.98 2.46 -22.63
CA ALA C 87 9.86 1.97 -23.68
C ALA C 87 11.08 2.83 -24.01
N ASP C 88 12.25 2.26 -24.07
CA ASP C 88 13.38 2.96 -24.69
C ASP C 88 13.66 2.24 -25.94
N VAL C 89 13.80 3.01 -27.00
CA VAL C 89 14.25 2.45 -28.23
C VAL C 89 15.74 2.16 -28.03
N VAL C 90 16.14 0.91 -28.31
CA VAL C 90 17.55 0.51 -28.14
C VAL C 90 18.35 0.76 -29.40
N ASP C 91 17.72 0.51 -30.55
CA ASP C 91 18.40 0.57 -31.82
C ASP C 91 17.44 0.36 -33.04
N ILE C 92 17.68 1.06 -34.15
CA ILE C 92 16.94 0.87 -35.39
C ILE C 92 17.90 0.71 -36.55
N SER C 93 17.90 -0.43 -37.20
CA SER C 93 18.83 -0.75 -38.31
C SER C 93 18.13 -0.97 -39.67
N VAL C 94 18.63 -0.35 -40.74
CA VAL C 94 18.03 -0.55 -42.03
C VAL C 94 19.07 -1.14 -42.91
N SER C 95 18.75 -2.24 -43.57
CA SER C 95 19.69 -2.84 -44.49
C SER C 95 19.35 -2.49 -45.98
N PRO C 96 20.20 -2.95 -46.94
CA PRO C 96 20.22 -2.44 -48.32
C PRO C 96 18.89 -2.59 -49.03
N ASP C 97 18.27 -3.76 -48.89
CA ASP C 97 16.98 -3.92 -49.49
C ASP C 97 15.86 -3.13 -48.77
N GLY C 98 16.21 -2.29 -47.76
CA GLY C 98 15.22 -1.46 -47.02
C GLY C 98 14.41 -2.23 -45.96
N THR C 99 15.01 -3.30 -45.43
CA THR C 99 14.42 -3.99 -44.31
C THR C 99 14.85 -3.29 -43.02
N VAL C 100 13.88 -2.94 -42.18
CA VAL C 100 14.14 -2.24 -40.95
C VAL C 100 14.10 -3.27 -39.84
N GLN C 101 15.08 -3.16 -38.93
CA GLN C 101 15.12 -3.93 -37.66
C GLN C 101 15.07 -3.03 -36.43
N TYR C 102 13.98 -3.11 -35.69
CA TYR C 102 13.68 -2.18 -34.62
C TYR C 102 13.81 -2.98 -33.33
N LEU C 103 14.37 -2.37 -32.30
CA LEU C 103 14.52 -3.05 -31.02
C LEU C 103 14.32 -2.08 -29.87
N GLU C 104 13.36 -2.42 -29.00
CA GLU C 104 13.12 -1.61 -27.79
C GLU C 104 13.20 -2.47 -26.54
N ARG C 105 13.58 -1.86 -25.43
CA ARG C 105 13.41 -2.49 -24.13
C ARG C 105 12.24 -1.84 -23.36
N PHE C 106 11.33 -2.66 -22.84
CA PHE C 106 10.11 -2.10 -22.26
C PHE C 106 9.87 -2.80 -20.94
N SER C 107 9.10 -2.16 -20.08
CA SER C 107 8.52 -2.81 -18.91
C SER C 107 7.02 -2.54 -18.94
N ALA C 108 6.23 -3.49 -18.45
CA ALA C 108 4.79 -3.27 -18.32
C ALA C 108 4.14 -4.12 -17.23
N ARG C 109 2.94 -3.73 -16.81
CA ARG C 109 2.14 -4.52 -15.88
C ARG C 109 0.97 -5.14 -16.67
N VAL C 110 0.89 -6.45 -16.72
CA VAL C 110 0.06 -7.19 -17.65
C VAL C 110 -1.11 -7.80 -16.85
N LEU C 111 -2.32 -7.73 -17.39
CA LEU C 111 -3.52 -8.32 -16.81
C LEU C 111 -3.68 -9.68 -17.42
N SER C 112 -3.87 -10.71 -16.62
CA SER C 112 -4.08 -12.01 -17.19
C SER C 112 -4.71 -12.88 -16.14
N PRO C 113 -5.93 -13.35 -16.43
CA PRO C 113 -6.75 -14.17 -15.52
C PRO C 113 -6.10 -15.53 -15.18
N LEU C 114 -6.25 -15.94 -13.92
CA LEU C 114 -5.76 -17.23 -13.44
C LEU C 114 -6.93 -18.13 -13.10
N ASP C 115 -6.70 -19.43 -13.27
CA ASP C 115 -7.67 -20.42 -12.94
C ASP C 115 -7.34 -20.98 -11.55
N PHE C 116 -8.05 -20.54 -10.50
CA PHE C 116 -7.66 -20.97 -9.18
C PHE C 116 -8.20 -22.33 -8.73
N ARG C 117 -8.93 -23.00 -9.62
CA ARG C 117 -9.56 -24.31 -9.34
C ARG C 117 -8.64 -25.33 -8.65
N ARG C 118 -7.37 -25.40 -8.99
CA ARG C 118 -6.54 -26.42 -8.34
C ARG C 118 -5.54 -25.88 -7.34
N TYR C 119 -5.74 -24.65 -6.87
CA TYR C 119 -4.80 -24.01 -5.94
C TYR C 119 -4.66 -24.85 -4.65
N PRO C 120 -3.44 -25.02 -4.12
CA PRO C 120 -2.29 -24.38 -4.66
C PRO C 120 -1.50 -25.33 -5.59
N PHE C 121 -2.16 -26.32 -6.20
CA PHE C 121 -1.45 -27.22 -7.12
C PHE C 121 -1.69 -26.89 -8.60
N ASP C 122 -1.75 -25.61 -8.92
CA ASP C 122 -2.34 -25.16 -10.17
C ASP C 122 -1.27 -24.77 -11.13
N SER C 123 -1.64 -24.68 -12.40
CA SER C 123 -0.74 -24.16 -13.47
C SER C 123 -1.46 -23.07 -14.16
N GLN C 124 -0.75 -22.21 -14.87
CA GLN C 124 -1.41 -21.08 -15.48
C GLN C 124 -0.80 -20.91 -16.83
N THR C 125 -1.53 -20.30 -17.77
CA THR C 125 -0.90 -19.75 -18.98
C THR C 125 -0.99 -18.24 -18.98
N LEU C 126 0.08 -17.54 -18.68
CA LEU C 126 0.00 -16.07 -18.81
C LEU C 126 -0.01 -15.66 -20.31
N HIS C 127 -0.71 -14.58 -20.65
CA HIS C 127 -0.65 -14.09 -22.03
C HIS C 127 -0.10 -12.66 -22.18
N ILE C 128 0.65 -12.40 -23.24
CA ILE C 128 0.90 -11.01 -23.59
C ILE C 128 0.39 -10.90 -25.02
N TYR C 129 -0.58 -10.03 -25.27
CA TYR C 129 -1.15 -9.87 -26.59
C TYR C 129 -0.64 -8.59 -27.29
N LEU C 130 0.14 -8.76 -28.37
CA LEU C 130 0.55 -7.67 -29.26
C LEU C 130 -0.56 -7.39 -30.25
N ILE C 131 -0.71 -6.11 -30.60
CA ILE C 131 -1.76 -5.73 -31.52
C ILE C 131 -1.29 -4.54 -32.39
N VAL C 132 -1.82 -4.46 -33.61
CA VAL C 132 -1.63 -3.28 -34.45
C VAL C 132 -2.94 -2.97 -35.20
N ARG C 133 -3.19 -1.68 -35.40
CA ARG C 133 -4.41 -1.28 -36.11
C ARG C 133 -4.00 -0.75 -37.50
N SER C 134 -4.77 -1.13 -38.53
CA SER C 134 -4.40 -0.75 -39.88
C SER C 134 -4.67 0.75 -40.06
N VAL C 135 -3.90 1.32 -40.97
CA VAL C 135 -4.07 2.72 -41.29
C VAL C 135 -4.91 2.86 -42.56
N ASP C 136 -5.08 4.11 -43.04
CA ASP C 136 -5.98 4.30 -44.17
C ASP C 136 -5.45 3.82 -45.53
N THR C 137 -4.18 4.06 -45.77
CA THR C 137 -3.59 3.65 -47.05
C THR C 137 -3.13 2.20 -47.09
N ARG C 138 -3.27 1.43 -46.01
CA ARG C 138 -2.95 -0.05 -46.02
C ARG C 138 -3.02 -0.83 -44.72
N ASN C 139 -3.21 -2.13 -44.88
CA ASN C 139 -3.44 -3.03 -43.79
C ASN C 139 -2.16 -3.56 -43.25
N ILE C 140 -2.02 -3.54 -41.93
CA ILE C 140 -0.81 -4.02 -41.32
C ILE C 140 -1.11 -5.30 -40.62
N VAL C 141 -0.20 -6.26 -40.71
CA VAL C 141 -0.49 -7.61 -40.23
C VAL C 141 0.68 -8.16 -39.43
N LEU C 142 0.45 -8.87 -38.33
CA LEU C 142 1.60 -9.24 -37.46
C LEU C 142 2.12 -10.67 -37.71
N ALA C 143 3.40 -10.93 -37.47
CA ALA C 143 3.89 -12.32 -37.48
C ALA C 143 4.98 -12.47 -36.48
N VAL C 144 5.25 -13.73 -36.15
CA VAL C 144 6.24 -14.06 -35.12
C VAL C 144 7.51 -14.47 -35.80
N ASP C 145 8.61 -13.77 -35.60
CA ASP C 145 9.91 -14.31 -35.94
C ASP C 145 10.46 -15.16 -34.77
N LEU C 146 10.26 -16.49 -34.80
CA LEU C 146 10.65 -17.39 -33.69
C LEU C 146 12.09 -17.18 -33.26
N GLU C 147 12.92 -16.77 -34.18
CA GLU C 147 14.30 -16.56 -33.88
C GLU C 147 14.49 -15.56 -32.71
N LYS C 148 13.43 -14.86 -32.37
CA LYS C 148 13.55 -13.66 -31.54
C LYS C 148 12.49 -13.67 -30.42
N VAL C 149 11.95 -14.86 -30.16
CA VAL C 149 11.13 -15.11 -29.03
C VAL C 149 11.96 -15.89 -28.07
N GLY C 150 12.00 -15.53 -26.81
CA GLY C 150 12.78 -16.28 -25.85
C GLY C 150 12.78 -15.63 -24.50
N LYS C 151 13.70 -16.05 -23.64
CA LYS C 151 13.82 -15.53 -22.29
C LYS C 151 15.19 -15.87 -21.77
N ASN C 152 15.78 -15.02 -20.94
CA ASN C 152 17.10 -15.33 -20.42
C ASN C 152 16.98 -16.37 -19.27
N ASP C 153 18.08 -17.11 -19.00
CA ASP C 153 18.09 -18.32 -18.10
C ASP C 153 17.75 -18.03 -16.63
N ASP C 154 18.19 -16.87 -16.12
CA ASP C 154 17.90 -16.38 -14.77
C ASP C 154 16.51 -15.90 -14.51
N VAL C 155 15.64 -15.84 -15.53
CA VAL C 155 14.28 -15.28 -15.32
C VAL C 155 13.61 -16.24 -14.35
N PHE C 156 13.48 -15.78 -13.13
CA PHE C 156 12.86 -16.56 -12.08
C PHE C 156 11.62 -15.74 -11.63
N LEU C 157 10.49 -16.40 -11.43
CA LEU C 157 9.30 -15.72 -10.96
C LEU C 157 8.97 -16.37 -9.65
N THR C 158 9.29 -15.69 -8.57
CA THR C 158 9.12 -16.20 -7.21
C THR C 158 7.88 -17.04 -6.95
N GLY C 159 8.04 -18.29 -6.49
CA GLY C 159 6.91 -19.09 -6.08
C GLY C 159 6.23 -19.77 -7.25
N TRP C 160 6.88 -19.68 -8.39
CA TRP C 160 6.42 -20.33 -9.60
C TRP C 160 7.59 -21.01 -10.36
N ASP C 161 7.30 -22.06 -11.13
CA ASP C 161 8.23 -22.64 -12.06
C ASP C 161 7.86 -22.19 -13.43
N ILE C 162 8.87 -21.75 -14.20
CA ILE C 162 8.59 -21.40 -15.57
C ILE C 162 8.74 -22.58 -16.56
N GLU C 163 7.63 -23.01 -17.16
CA GLU C 163 7.69 -24.03 -18.17
C GLU C 163 8.12 -23.59 -19.57
N SER C 164 7.63 -22.49 -20.12
CA SER C 164 7.94 -22.13 -21.51
C SER C 164 7.39 -20.77 -21.95
N PHE C 165 8.08 -20.16 -22.93
CA PHE C 165 7.58 -18.91 -23.50
C PHE C 165 7.53 -19.09 -24.98
N THR C 166 6.33 -19.17 -25.53
CA THR C 166 6.13 -19.37 -26.96
C THR C 166 4.99 -18.48 -27.55
N ALA C 167 4.96 -18.28 -28.88
CA ALA C 167 3.94 -17.45 -29.46
C ALA C 167 3.13 -18.33 -30.33
N VAL C 168 1.84 -18.05 -30.41
CA VAL C 168 0.97 -18.71 -31.37
C VAL C 168 1.16 -17.96 -32.68
N VAL C 169 1.72 -18.65 -33.68
CA VAL C 169 2.31 -18.04 -34.88
C VAL C 169 1.29 -17.36 -35.80
N LYS C 170 0.07 -17.87 -35.80
CA LYS C 170 -1.00 -17.33 -36.65
C LYS C 170 -1.77 -16.21 -35.93
N PRO C 171 -1.73 -14.93 -36.44
CA PRO C 171 -2.47 -13.82 -35.78
C PRO C 171 -3.98 -14.05 -35.79
N ALA C 172 -4.71 -13.44 -34.85
CA ALA C 172 -6.17 -13.34 -34.98
C ALA C 172 -6.40 -11.98 -35.63
N ASN C 173 -6.98 -11.98 -36.84
CA ASN C 173 -7.30 -10.72 -37.54
C ASN C 173 -8.79 -10.41 -37.51
N PHE C 174 -9.19 -9.21 -37.09
CA PHE C 174 -10.61 -8.94 -36.99
C PHE C 174 -10.84 -7.44 -37.18
N ALA C 175 -12.10 -7.04 -37.36
CA ALA C 175 -12.42 -5.63 -37.53
C ALA C 175 -12.84 -5.00 -36.22
N LEU C 176 -12.40 -3.78 -35.97
CA LEU C 176 -12.80 -3.14 -34.75
C LEU C 176 -12.96 -1.72 -35.07
N GLU C 177 -14.20 -1.26 -34.90
CA GLU C 177 -14.63 0.05 -35.38
C GLU C 177 -14.07 0.33 -36.75
N ASP C 178 -14.41 -0.53 -37.71
CA ASP C 178 -14.20 -0.19 -39.11
C ASP C 178 -12.77 -0.06 -39.63
N ARG C 179 -11.85 -0.78 -38.98
CA ARG C 179 -10.46 -0.92 -39.42
C ARG C 179 -10.00 -2.28 -38.96
N LEU C 180 -9.07 -2.82 -39.70
CA LEU C 180 -8.57 -4.11 -39.38
C LEU C 180 -7.56 -4.00 -38.23
N GLU C 181 -7.63 -4.97 -37.33
CA GLU C 181 -6.75 -5.07 -36.21
C GLU C 181 -6.08 -6.46 -36.27
N SER C 182 -4.76 -6.53 -36.22
CA SER C 182 -4.02 -7.80 -36.16
C SER C 182 -3.41 -8.07 -34.75
N LYS C 183 -3.80 -9.20 -34.13
CA LYS C 183 -3.42 -9.51 -32.76
C LYS C 183 -2.64 -10.88 -32.56
N LEU C 184 -1.52 -10.87 -31.83
CA LEU C 184 -0.76 -12.06 -31.56
C LEU C 184 -0.79 -12.48 -30.08
N ASP C 185 -0.78 -13.80 -29.80
CA ASP C 185 -0.85 -14.36 -28.44
C ASP C 185 0.51 -14.95 -28.00
N TYR C 186 1.30 -14.22 -27.23
CA TYR C 186 2.49 -14.78 -26.58
C TYR C 186 2.04 -15.44 -25.28
N GLN C 187 2.54 -16.66 -25.03
CA GLN C 187 2.12 -17.43 -23.84
C GLN C 187 3.27 -17.76 -22.91
N LEU C 188 3.08 -17.45 -21.64
CA LEU C 188 4.07 -17.83 -20.69
C LEU C 188 3.47 -18.93 -19.81
N ARG C 189 4.04 -20.14 -19.88
CA ARG C 189 3.50 -21.28 -19.13
C ARG C 189 4.23 -21.49 -17.81
N ILE C 190 3.49 -21.43 -16.70
CA ILE C 190 4.13 -21.50 -15.40
C ILE C 190 3.38 -22.43 -14.52
N SER C 191 4.06 -22.99 -13.52
CA SER C 191 3.32 -23.75 -12.51
C SER C 191 3.76 -23.47 -11.05
N ARG C 192 2.79 -23.49 -10.14
CA ARG C 192 3.02 -22.93 -8.84
C ARG C 192 3.87 -23.90 -8.03
N GLN C 193 4.74 -23.39 -7.17
CA GLN C 193 5.52 -24.28 -6.34
C GLN C 193 4.71 -24.44 -5.10
N TYR C 194 4.14 -25.61 -4.94
CA TYR C 194 3.21 -25.83 -3.86
C TYR C 194 3.86 -26.20 -2.60
N PHE C 195 5.13 -26.54 -2.70
CA PHE C 195 5.92 -26.97 -1.55
C PHE C 195 5.61 -26.26 -0.22
N SER C 196 5.70 -24.95 -0.17
CA SER C 196 5.65 -24.37 1.16
C SER C 196 4.27 -24.40 1.81
N TYR C 197 3.21 -24.39 0.97
CA TYR C 197 1.84 -24.59 1.44
C TYR C 197 1.70 -25.78 2.37
N ILE C 198 2.60 -26.77 2.27
CA ILE C 198 2.49 -27.99 3.01
C ILE C 198 2.80 -27.81 4.48
N PRO C 199 4.03 -27.32 4.79
CA PRO C 199 4.31 -26.98 6.22
C PRO C 199 3.56 -25.70 6.75
N ASN C 200 3.22 -24.74 5.89
CA ASN C 200 2.71 -23.51 6.43
C ASN C 200 1.23 -23.48 6.69
N ILE C 201 0.49 -24.32 5.98
CA ILE C 201 -0.95 -24.24 5.97
C ILE C 201 -1.62 -25.62 6.09
N ILE C 202 -1.39 -26.49 5.10
CA ILE C 202 -2.06 -27.77 5.09
C ILE C 202 -1.81 -28.63 6.35
N LEU C 203 -0.53 -28.86 6.70
CA LEU C 203 -0.25 -29.74 7.84
C LEU C 203 -0.76 -29.14 9.16
N PRO C 204 -0.48 -27.85 9.42
CA PRO C 204 -1.01 -27.23 10.64
C PRO C 204 -2.49 -27.40 10.74
N MET C 205 -3.15 -27.20 9.61
CA MET C 205 -4.53 -27.36 9.59
C MET C 205 -4.95 -28.77 9.94
N LEU C 206 -4.31 -29.77 9.38
CA LEU C 206 -4.62 -31.16 9.78
C LEU C 206 -4.33 -31.47 11.30
N PHE C 207 -3.16 -31.03 11.79
CA PHE C 207 -2.82 -31.18 13.17
C PHE C 207 -3.95 -30.69 14.05
N ILE C 208 -4.41 -29.46 13.83
CA ILE C 208 -5.44 -28.99 14.73
C ILE C 208 -6.73 -29.81 14.59
N LEU C 209 -7.06 -30.25 13.39
CA LEU C 209 -8.21 -31.13 13.26
C LEU C 209 -8.04 -32.46 14.03
N PHE C 210 -6.87 -33.07 13.95
CA PHE C 210 -6.65 -34.34 14.61
C PHE C 210 -6.75 -34.14 16.11
N ILE C 211 -6.11 -33.07 16.60
CA ILE C 211 -6.24 -32.68 18.01
C ILE C 211 -7.74 -32.67 18.38
N SER C 212 -8.58 -32.10 17.53
CA SER C 212 -10.00 -32.13 17.87
C SER C 212 -10.56 -33.52 18.15
N TRP C 213 -10.07 -34.50 17.41
CA TRP C 213 -10.64 -35.82 17.54
C TRP C 213 -10.20 -36.54 18.81
N THR C 214 -9.25 -35.99 19.56
CA THR C 214 -8.94 -36.59 20.85
C THR C 214 -10.16 -36.51 21.78
N ALA C 215 -11.11 -35.65 21.49
CA ALA C 215 -12.31 -35.62 22.29
C ALA C 215 -12.99 -36.99 22.27
N PHE C 216 -12.76 -37.78 21.23
CA PHE C 216 -13.44 -39.09 21.14
C PHE C 216 -12.85 -40.09 22.14
N TRP C 217 -11.81 -39.70 22.87
CA TRP C 217 -11.24 -40.60 23.85
C TRP C 217 -11.45 -40.02 25.24
N SER C 218 -12.37 -39.05 25.37
CA SER C 218 -12.53 -38.33 26.63
C SER C 218 -13.98 -38.29 27.04
N THR C 219 -14.28 -38.58 28.30
CA THR C 219 -15.69 -38.48 28.79
C THR C 219 -16.01 -37.11 29.45
N SER C 220 -15.05 -36.18 29.43
CA SER C 220 -15.21 -34.87 30.01
C SER C 220 -15.85 -33.85 29.05
N TYR C 221 -17.13 -33.52 29.26
CA TYR C 221 -17.79 -32.56 28.39
C TYR C 221 -17.04 -31.24 28.38
N GLU C 222 -16.74 -30.73 29.58
CA GLU C 222 -16.07 -29.45 29.64
C GLU C 222 -14.72 -29.47 28.87
N ALA C 223 -13.97 -30.56 29.00
CA ALA C 223 -12.74 -30.71 28.23
C ALA C 223 -13.01 -30.72 26.73
N ASN C 224 -13.97 -31.56 26.32
CA ASN C 224 -14.22 -31.70 24.91
C ASN C 224 -14.62 -30.38 24.30
N VAL C 225 -15.56 -29.72 24.94
CA VAL C 225 -16.07 -28.49 24.41
C VAL C 225 -14.88 -27.59 24.15
N THR C 226 -13.94 -27.55 25.09
CA THR C 226 -12.71 -26.73 24.90
C THR C 226 -11.85 -27.23 23.77
N LEU C 227 -11.57 -28.52 23.72
CA LEU C 227 -10.87 -29.02 22.56
C LEU C 227 -11.50 -28.62 21.23
N VAL C 228 -12.80 -28.85 21.11
CA VAL C 228 -13.38 -28.76 19.79
C VAL C 228 -13.57 -27.31 19.36
N VAL C 229 -13.95 -26.47 20.30
CA VAL C 229 -14.23 -25.11 19.95
C VAL C 229 -12.95 -24.33 19.73
N SER C 230 -11.95 -24.56 20.58
CA SER C 230 -10.61 -23.97 20.40
C SER C 230 -10.01 -24.24 19.02
N THR C 231 -9.88 -25.51 18.68
CA THR C 231 -9.34 -25.83 17.38
C THR C 231 -10.20 -25.19 16.25
N LEU C 232 -11.53 -25.18 16.40
CA LEU C 232 -12.39 -24.64 15.34
C LEU C 232 -12.02 -23.21 15.13
N ILE C 233 -11.56 -22.56 16.21
CA ILE C 233 -11.22 -21.17 16.09
C ILE C 233 -9.97 -21.05 15.29
N ALA C 234 -8.96 -21.87 15.62
CA ALA C 234 -7.69 -21.92 14.85
C ALA C 234 -8.01 -22.25 13.40
N HIS C 235 -9.03 -23.06 13.14
CA HIS C 235 -9.32 -23.37 11.77
C HIS C 235 -9.78 -22.13 11.07
N ILE C 236 -10.66 -21.37 11.73
CA ILE C 236 -11.14 -20.13 11.13
C ILE C 236 -9.97 -19.23 10.75
N ALA C 237 -8.98 -19.17 11.64
CA ALA C 237 -7.75 -18.41 11.35
C ALA C 237 -7.08 -18.84 10.03
N PHE C 238 -6.87 -20.12 9.85
CA PHE C 238 -6.25 -20.54 8.62
C PHE C 238 -7.15 -20.18 7.45
N ASN C 239 -8.45 -20.42 7.60
CA ASN C 239 -9.39 -20.00 6.56
C ASN C 239 -9.23 -18.48 6.20
N ILE C 240 -9.33 -17.62 7.19
CA ILE C 240 -9.17 -16.26 6.88
C ILE C 240 -7.80 -16.01 6.21
N LEU C 241 -6.70 -16.52 6.78
CA LEU C 241 -5.38 -16.36 6.13
C LEU C 241 -5.45 -16.76 4.64
N VAL C 242 -5.84 -18.01 4.41
CA VAL C 242 -5.88 -18.50 3.06
C VAL C 242 -6.70 -17.56 2.18
N GLU C 243 -7.90 -17.20 2.59
CA GLU C 243 -8.72 -16.40 1.70
C GLU C 243 -8.23 -14.93 1.49
N THR C 244 -7.46 -14.34 2.38
CA THR C 244 -6.80 -13.05 2.07
C THR C 244 -5.73 -13.11 0.94
N ASN C 245 -5.13 -14.27 0.72
CA ASN C 245 -4.22 -14.45 -0.40
C ASN C 245 -4.82 -14.73 -1.75
N LEU C 246 -6.10 -15.09 -1.81
CA LEU C 246 -6.74 -15.40 -3.08
C LEU C 246 -7.70 -14.32 -3.38
N PRO C 247 -8.04 -14.15 -4.66
CA PRO C 247 -9.15 -13.31 -5.07
C PRO C 247 -10.43 -14.12 -4.90
N LYS C 248 -11.58 -13.48 -5.11
CA LYS C 248 -12.85 -14.13 -4.84
C LYS C 248 -13.33 -14.78 -6.09
N THR C 249 -13.42 -16.10 -6.12
CA THR C 249 -13.84 -16.71 -7.39
C THR C 249 -15.32 -17.14 -7.49
N PRO C 250 -15.89 -17.18 -8.69
CA PRO C 250 -17.25 -17.76 -8.70
C PRO C 250 -17.28 -19.30 -8.76
N TYR C 251 -16.25 -19.98 -8.26
CA TYR C 251 -16.15 -21.46 -8.32
C TYR C 251 -15.42 -21.96 -7.11
N MET C 252 -15.75 -23.11 -6.57
CA MET C 252 -14.95 -23.60 -5.41
C MET C 252 -13.49 -23.78 -5.85
N THR C 253 -12.51 -23.50 -5.00
CA THR C 253 -11.16 -23.92 -5.36
C THR C 253 -10.80 -25.18 -4.53
N TYR C 254 -9.79 -25.94 -4.95
CA TYR C 254 -9.46 -27.14 -4.22
C TYR C 254 -9.25 -26.93 -2.71
N THR C 255 -8.27 -26.11 -2.32
CA THR C 255 -8.06 -25.73 -0.93
C THR C 255 -9.37 -25.19 -0.34
N GLY C 256 -10.05 -24.28 -1.05
CA GLY C 256 -11.31 -23.79 -0.59
C GLY C 256 -12.23 -24.88 -0.08
N ALA C 257 -12.38 -25.90 -0.90
CA ALA C 257 -13.25 -27.05 -0.61
C ALA C 257 -12.82 -27.84 0.63
N ILE C 258 -11.54 -28.19 0.70
CA ILE C 258 -11.05 -28.86 1.89
C ILE C 258 -11.39 -28.04 3.14
N ILE C 259 -10.94 -26.77 3.15
CA ILE C 259 -11.25 -25.86 4.23
C ILE C 259 -12.76 -25.93 4.57
N PHE C 260 -13.64 -25.83 3.58
CA PHE C 260 -15.08 -25.78 3.87
C PHE C 260 -15.63 -27.08 4.49
N MET C 261 -15.31 -28.17 3.80
CA MET C 261 -15.56 -29.47 4.33
C MET C 261 -15.14 -29.62 5.82
N ILE C 262 -13.91 -29.23 6.15
CA ILE C 262 -13.50 -29.40 7.51
C ILE C 262 -14.45 -28.71 8.49
N TYR C 263 -15.10 -27.60 8.16
CA TYR C 263 -16.10 -27.03 9.06
C TYR C 263 -17.15 -28.07 9.36
N LEU C 264 -17.54 -28.83 8.35
CA LEU C 264 -18.58 -29.82 8.59
C LEU C 264 -18.15 -30.84 9.66
N PHE C 265 -16.86 -31.13 9.63
CA PHE C 265 -16.33 -32.04 10.59
C PHE C 265 -16.35 -31.49 11.98
N TYR C 266 -16.06 -30.21 12.15
CA TYR C 266 -16.11 -29.61 13.48
C TYR C 266 -17.52 -29.60 14.01
N PHE C 267 -18.45 -29.14 13.16
CA PHE C 267 -19.84 -29.13 13.50
C PHE C 267 -20.27 -30.51 13.99
N VAL C 268 -20.07 -31.54 13.19
CA VAL C 268 -20.48 -32.89 13.63
C VAL C 268 -19.78 -33.39 14.95
N ALA C 269 -18.46 -33.30 15.04
CA ALA C 269 -17.76 -33.41 16.34
C ALA C 269 -18.48 -32.71 17.50
N VAL C 270 -18.79 -31.41 17.37
CA VAL C 270 -19.55 -30.74 18.44
C VAL C 270 -20.85 -31.51 18.77
N ILE C 271 -21.65 -31.83 17.76
CA ILE C 271 -22.85 -32.61 17.98
C ILE C 271 -22.48 -33.88 18.79
N GLU C 272 -21.55 -34.67 18.30
CA GLU C 272 -21.21 -35.89 19.02
C GLU C 272 -20.85 -35.64 20.49
N VAL C 273 -19.98 -34.68 20.72
CA VAL C 273 -19.65 -34.29 22.06
C VAL C 273 -20.94 -33.92 22.86
N THR C 274 -21.89 -33.27 22.20
CA THR C 274 -23.11 -32.83 22.87
C THR C 274 -23.96 -34.07 23.26
N VAL C 275 -24.12 -34.97 22.27
CA VAL C 275 -24.94 -36.17 22.41
C VAL C 275 -24.41 -37.11 23.50
N GLN C 276 -23.13 -37.43 23.38
CA GLN C 276 -22.41 -38.11 24.45
C GLN C 276 -22.66 -37.55 25.83
N HIS C 277 -22.47 -36.25 26.01
CA HIS C 277 -22.73 -35.63 27.29
C HIS C 277 -24.19 -35.80 27.71
N TYR C 278 -25.08 -35.46 26.81
CA TYR C 278 -26.51 -35.59 27.10
C TYR C 278 -26.91 -36.98 27.59
N LEU C 279 -26.46 -38.01 26.87
CA LEU C 279 -26.83 -39.36 27.26
C LEU C 279 -26.26 -39.66 28.63
N LYS C 280 -24.99 -39.33 28.87
CA LYS C 280 -24.41 -39.48 30.20
C LYS C 280 -25.25 -38.81 31.31
N VAL C 281 -25.69 -37.59 31.11
CA VAL C 281 -26.47 -36.94 32.16
C VAL C 281 -27.80 -37.66 32.39
N GLU C 282 -28.20 -38.45 31.43
CA GLU C 282 -29.55 -38.98 31.39
C GLU C 282 -29.41 -40.42 31.75
N SER C 283 -28.28 -40.68 32.36
CA SER C 283 -27.99 -41.96 32.88
C SER C 283 -28.05 -43.06 31.85
N GLN C 284 -27.62 -42.79 30.62
CA GLN C 284 -27.26 -43.93 29.77
C GLN C 284 -25.91 -43.91 29.04
N PRO C 285 -24.81 -44.16 29.78
CA PRO C 285 -23.43 -44.13 29.36
C PRO C 285 -23.07 -45.21 28.38
N ALA C 286 -23.84 -46.28 28.30
CA ALA C 286 -23.45 -47.30 27.39
C ALA C 286 -23.80 -46.90 25.95
N ARG C 287 -24.90 -46.18 25.68
CA ARG C 287 -25.17 -45.73 24.28
C ARG C 287 -24.11 -44.69 23.91
N ALA C 288 -23.92 -43.75 24.81
CA ALA C 288 -22.89 -42.76 24.69
C ALA C 288 -21.60 -43.47 24.33
N ALA C 289 -21.18 -44.42 25.16
CA ALA C 289 -19.95 -45.17 24.94
C ALA C 289 -19.80 -45.77 23.53
N SER C 290 -20.91 -46.16 22.91
CA SER C 290 -20.73 -46.83 21.66
C SER C 290 -20.87 -45.88 20.51
N ILE C 291 -21.50 -44.72 20.73
CA ILE C 291 -21.42 -43.65 19.75
C ILE C 291 -19.95 -43.12 19.68
N THR C 292 -19.30 -42.93 20.83
CA THR C 292 -17.96 -42.38 20.83
C THR C 292 -17.06 -43.41 20.20
N ARG C 293 -17.29 -44.69 20.51
CA ARG C 293 -16.39 -45.74 20.00
C ARG C 293 -16.50 -45.83 18.46
N ALA C 294 -17.71 -45.65 17.96
CA ALA C 294 -17.90 -45.59 16.54
C ALA C 294 -17.16 -44.40 15.97
N SER C 295 -17.35 -43.22 16.55
CA SER C 295 -16.75 -41.99 16.06
C SER C 295 -15.24 -42.03 15.93
N ARG C 296 -14.57 -42.68 16.86
CA ARG C 296 -13.13 -42.92 16.71
C ARG C 296 -12.71 -43.49 15.35
N ILE C 297 -13.53 -44.35 14.77
CA ILE C 297 -13.19 -44.88 13.49
C ILE C 297 -13.85 -44.04 12.39
N ALA C 298 -15.16 -43.80 12.54
CA ALA C 298 -15.92 -43.12 11.48
C ALA C 298 -15.21 -41.80 11.07
N PHE C 299 -14.86 -40.92 12.01
CA PHE C 299 -14.34 -39.63 11.65
C PHE C 299 -13.09 -39.70 10.76
N PRO C 300 -12.02 -40.35 11.23
CA PRO C 300 -10.86 -40.48 10.34
C PRO C 300 -11.23 -41.18 9.02
N VAL C 301 -11.99 -42.27 9.04
CA VAL C 301 -12.36 -42.94 7.76
C VAL C 301 -13.14 -42.04 6.77
N VAL C 302 -14.20 -41.41 7.22
CA VAL C 302 -15.01 -40.62 6.32
C VAL C 302 -14.20 -39.42 5.91
N PHE C 303 -13.26 -38.97 6.74
CA PHE C 303 -12.45 -37.80 6.37
C PHE C 303 -11.53 -38.16 5.22
N LEU C 304 -10.97 -39.35 5.29
CA LEU C 304 -10.13 -39.96 4.26
C LEU C 304 -10.91 -40.27 2.98
N LEU C 305 -12.05 -40.93 3.08
CA LEU C 305 -12.91 -41.11 1.90
C LEU C 305 -13.28 -39.79 1.21
N ALA C 306 -13.82 -38.84 1.97
CA ALA C 306 -14.24 -37.56 1.41
C ALA C 306 -13.06 -36.88 0.68
N ASN C 307 -11.85 -37.01 1.23
CA ASN C 307 -10.72 -36.37 0.58
C ASN C 307 -10.35 -36.99 -0.73
N ILE C 308 -10.38 -38.33 -0.80
CA ILE C 308 -10.12 -39.03 -2.05
C ILE C 308 -11.19 -38.61 -3.08
N ILE C 309 -12.46 -38.62 -2.67
CA ILE C 309 -13.47 -38.13 -3.57
C ILE C 309 -13.12 -36.75 -4.10
N LEU C 310 -12.75 -35.80 -3.21
CA LEU C 310 -12.39 -34.44 -3.68
C LEU C 310 -11.21 -34.42 -4.63
N ALA C 311 -10.12 -35.10 -4.30
CA ALA C 311 -8.96 -35.04 -5.17
C ALA C 311 -9.36 -35.58 -6.57
N PHE C 312 -10.20 -36.58 -6.56
CA PHE C 312 -10.67 -37.14 -7.80
C PHE C 312 -11.49 -36.06 -8.52
N LEU C 313 -12.51 -35.47 -7.90
CA LEU C 313 -13.22 -34.41 -8.65
C LEU C 313 -12.30 -33.28 -9.14
N PHE C 314 -11.30 -32.89 -8.39
CA PHE C 314 -10.52 -31.75 -8.80
C PHE C 314 -9.34 -32.06 -9.71
N PHE C 315 -8.88 -33.29 -9.73
CA PHE C 315 -7.66 -33.53 -10.42
C PHE C 315 -7.78 -34.67 -11.39
N VAL D 5 26.00 12.19 -34.65
CA VAL D 5 26.31 11.36 -33.46
C VAL D 5 26.10 9.88 -33.82
N SER D 6 27.20 9.14 -33.81
CA SER D 6 27.17 7.67 -33.81
C SER D 6 28.59 7.23 -33.45
N PRO D 7 28.78 5.94 -33.18
CA PRO D 7 29.94 5.46 -32.43
C PRO D 7 31.30 5.86 -33.01
N PRO D 8 32.28 6.09 -32.14
CA PRO D 8 33.63 6.41 -32.61
C PRO D 8 34.31 5.18 -33.23
N PRO D 9 34.92 5.37 -34.43
CA PRO D 9 35.35 4.21 -35.21
C PRO D 9 36.75 3.78 -34.75
N PRO D 10 37.10 2.52 -35.03
CA PRO D 10 38.32 1.88 -34.53
C PRO D 10 39.60 2.49 -35.12
N ILE D 11 40.65 2.72 -34.33
CA ILE D 11 41.99 2.99 -34.96
C ILE D 11 42.37 1.74 -35.76
N ALA D 12 42.59 0.63 -35.07
CA ALA D 12 42.78 -0.65 -35.80
C ALA D 12 41.42 -1.28 -36.23
N ASP D 13 41.15 -2.45 -35.64
CA ASP D 13 39.81 -3.02 -35.57
C ASP D 13 39.47 -3.57 -34.14
N GLU D 14 39.82 -2.81 -33.08
CA GLU D 14 39.50 -3.15 -31.68
C GLU D 14 38.05 -2.78 -31.26
N PRO D 15 37.57 -3.48 -30.23
CA PRO D 15 36.29 -3.12 -29.62
C PRO D 15 36.39 -1.75 -28.91
N LEU D 16 35.26 -1.06 -28.68
CA LEU D 16 35.26 0.12 -27.85
C LEU D 16 35.11 -0.28 -26.36
N THR D 17 36.07 0.12 -25.53
CA THR D 17 36.03 -0.16 -24.11
C THR D 17 35.33 0.97 -23.34
N VAL D 18 34.32 0.62 -22.56
CA VAL D 18 33.72 1.61 -21.69
C VAL D 18 34.07 1.26 -20.28
N ASN D 19 34.76 2.17 -19.64
CA ASN D 19 35.04 1.98 -18.26
C ASN D 19 33.86 2.47 -17.45
N THR D 20 33.53 1.68 -16.41
CA THR D 20 32.40 1.98 -15.55
C THR D 20 32.83 2.01 -14.11
N GLY D 21 32.16 2.86 -13.31
CA GLY D 21 32.12 2.78 -11.83
C GLY D 21 30.73 3.07 -11.23
N ILE D 22 30.43 2.41 -10.13
CA ILE D 22 29.22 2.70 -9.36
C ILE D 22 29.68 3.09 -7.97
N TYR D 23 29.16 4.24 -7.50
CA TYR D 23 29.46 4.74 -6.15
C TYR D 23 28.13 4.99 -5.36
N LEU D 24 27.85 4.13 -4.37
CA LEU D 24 26.54 4.12 -3.71
C LEU D 24 26.48 5.27 -2.79
N ILE D 25 25.40 6.03 -2.90
CA ILE D 25 25.14 7.12 -2.02
C ILE D 25 24.07 6.76 -1.01
N GLU D 26 23.06 5.97 -1.41
CA GLU D 26 22.02 5.53 -0.50
C GLU D 26 21.62 4.08 -0.77
N CYS D 27 21.24 3.33 0.27
CA CYS D 27 20.56 2.02 0.16
C CYS D 27 19.40 1.87 1.07
N TYR D 28 18.25 1.58 0.52
CA TYR D 28 17.06 1.46 1.40
C TYR D 28 16.09 0.36 0.94
N SER D 29 15.06 0.10 1.74
CA SER D 29 13.99 -0.80 1.31
C SER D 29 14.50 -2.10 0.73
N LEU D 30 15.31 -2.83 1.48
CA LEU D 30 15.49 -4.20 1.13
C LEU D 30 14.22 -4.87 1.57
N ASP D 31 13.38 -5.22 0.62
CA ASP D 31 12.12 -5.85 0.86
C ASP D 31 12.23 -7.39 0.66
N ASP D 32 12.21 -8.15 1.77
CA ASP D 32 12.35 -9.59 1.69
C ASP D 32 11.32 -10.30 0.83
N LYS D 33 10.07 -9.98 1.06
CA LYS D 33 9.01 -10.58 0.27
C LYS D 33 9.20 -10.35 -1.22
N ALA D 34 9.37 -9.10 -1.68
CA ALA D 34 9.50 -8.83 -3.13
C ALA D 34 10.85 -9.17 -3.70
N GLU D 35 11.83 -9.39 -2.82
CA GLU D 35 13.20 -9.62 -3.22
C GLU D 35 13.79 -8.52 -4.04
N THR D 36 13.58 -7.27 -3.60
CA THR D 36 14.14 -6.09 -4.26
C THR D 36 14.75 -5.12 -3.25
N PHE D 37 15.52 -4.13 -3.72
CA PHE D 37 16.10 -3.09 -2.84
C PHE D 37 16.25 -1.82 -3.69
N LYS D 38 16.36 -0.68 -3.03
CA LYS D 38 16.42 0.58 -3.78
C LYS D 38 17.81 1.18 -3.67
N VAL D 39 18.32 1.74 -4.75
CA VAL D 39 19.66 2.24 -4.70
C VAL D 39 19.67 3.66 -5.25
N ASN D 40 20.59 4.46 -4.74
CA ASN D 40 20.82 5.78 -5.28
C ASN D 40 22.35 6.01 -5.29
N ALA D 41 22.92 6.37 -6.45
CA ALA D 41 24.36 6.24 -6.69
C ALA D 41 24.85 7.08 -7.88
N PHE D 42 26.18 7.32 -7.92
CA PHE D 42 26.84 7.85 -9.10
C PHE D 42 27.10 6.69 -10.03
N LEU D 43 26.97 6.92 -11.32
CA LEU D 43 27.39 5.94 -12.32
C LEU D 43 28.41 6.73 -13.12
N SER D 44 29.63 6.20 -13.29
CA SER D 44 30.60 6.88 -14.11
C SER D 44 31.00 6.06 -15.31
N LEU D 45 31.09 6.73 -16.45
CA LEU D 45 31.45 6.09 -17.71
C LEU D 45 32.62 6.84 -18.32
N SER D 46 33.56 6.08 -18.88
CA SER D 46 34.66 6.67 -19.62
C SER D 46 35.07 5.88 -20.85
N TRP D 47 35.33 6.60 -21.93
CA TRP D 47 35.74 5.94 -23.18
C TRP D 47 36.47 6.94 -24.08
N LYS D 48 37.23 6.42 -25.04
CA LYS D 48 37.98 7.27 -26.00
C LYS D 48 37.17 7.63 -27.23
N ASP D 49 37.01 8.91 -27.52
CA ASP D 49 36.37 9.29 -28.78
C ASP D 49 37.25 10.31 -29.47
N ARG D 50 37.98 9.82 -30.48
CA ARG D 50 39.01 10.61 -31.17
C ARG D 50 38.53 11.84 -31.94
N ARG D 51 37.38 11.72 -32.59
CA ARG D 51 36.69 12.87 -33.16
C ARG D 51 36.61 14.06 -32.19
N LEU D 52 36.89 13.86 -30.92
CA LEU D 52 36.69 14.94 -29.97
C LEU D 52 38.00 15.50 -29.46
N ALA D 53 39.15 14.98 -29.94
CA ALA D 53 40.46 15.46 -29.47
C ALA D 53 40.74 16.88 -29.95
N PHE D 54 41.68 17.57 -29.31
CA PHE D 54 41.93 18.97 -29.62
C PHE D 54 43.36 19.35 -29.17
N ASP D 55 43.88 20.46 -29.74
CA ASP D 55 45.14 21.02 -29.26
C ASP D 55 44.90 21.88 -28.01
N PRO D 56 45.59 21.53 -26.90
CA PRO D 56 45.48 22.26 -25.64
C PRO D 56 45.80 23.73 -25.81
N VAL D 57 46.72 24.02 -26.75
CA VAL D 57 47.37 25.35 -26.90
C VAL D 57 46.55 26.44 -27.65
N ARG D 58 45.99 26.10 -28.82
CA ARG D 58 45.12 27.05 -29.57
C ARG D 58 43.71 27.16 -28.98
N SER D 59 43.49 26.43 -27.88
CA SER D 59 42.22 26.41 -27.17
C SER D 59 42.33 27.13 -25.80
N GLY D 60 43.51 27.07 -25.18
CA GLY D 60 43.76 27.76 -23.89
C GLY D 60 42.98 27.13 -22.75
N VAL D 61 42.81 25.81 -22.83
CA VAL D 61 41.94 25.05 -21.93
C VAL D 61 42.47 23.62 -21.77
N ARG D 62 42.44 23.13 -20.54
CA ARG D 62 42.92 21.77 -20.24
C ARG D 62 41.87 20.71 -20.62
N VAL D 63 40.60 21.12 -20.57
CA VAL D 63 39.48 20.20 -20.67
C VAL D 63 38.35 20.88 -21.44
N LYS D 64 37.37 20.14 -21.93
CA LYS D 64 36.21 20.75 -22.58
C LYS D 64 34.93 20.14 -22.02
N THR D 65 33.87 20.93 -21.94
CA THR D 65 32.57 20.46 -21.45
C THR D 65 31.51 20.24 -22.54
N TYR D 66 30.65 19.25 -22.35
CA TYR D 66 29.59 19.03 -23.33
C TYR D 66 28.29 18.71 -22.67
N GLU D 67 27.23 19.00 -23.41
CA GLU D 67 25.87 18.63 -23.05
C GLU D 67 25.56 17.28 -23.67
N PRO D 68 24.87 16.40 -22.92
CA PRO D 68 24.65 15.03 -23.36
C PRO D 68 24.42 14.89 -24.87
N GLU D 69 23.46 15.64 -25.41
CA GLU D 69 23.01 15.48 -26.82
C GLU D 69 24.05 15.93 -27.83
N ALA D 70 25.04 16.70 -27.40
CA ALA D 70 26.09 17.16 -28.32
C ALA D 70 27.09 16.05 -28.75
N ILE D 71 27.27 15.00 -27.94
CA ILE D 71 28.23 13.93 -28.29
C ILE D 71 27.66 12.52 -28.17
N TRP D 72 28.32 11.55 -28.80
CA TRP D 72 27.94 10.14 -28.62
C TRP D 72 28.29 9.62 -27.23
N ILE D 73 27.28 9.01 -26.63
CA ILE D 73 27.34 8.43 -25.30
C ILE D 73 26.81 6.98 -25.40
N PRO D 74 27.53 6.04 -24.78
CA PRO D 74 27.10 4.67 -24.97
C PRO D 74 25.85 4.41 -24.13
N GLU D 75 24.91 3.68 -24.70
CA GLU D 75 23.72 3.32 -23.95
C GLU D 75 23.97 2.22 -22.96
N ILE D 76 24.38 2.54 -21.73
CA ILE D 76 24.48 1.52 -20.68
C ILE D 76 23.12 1.30 -20.06
N ARG D 77 22.72 0.07 -19.83
CA ARG D 77 21.52 -0.18 -19.04
C ARG D 77 21.77 -1.19 -17.90
N PHE D 78 20.87 -1.22 -16.90
CA PHE D 78 20.90 -2.23 -15.85
C PHE D 78 20.06 -3.44 -16.30
N VAL D 79 20.54 -4.64 -16.00
CA VAL D 79 19.75 -5.78 -16.39
C VAL D 79 18.57 -5.92 -15.39
N ASN D 80 18.88 -6.08 -14.09
CA ASN D 80 17.93 -6.51 -13.11
C ASN D 80 17.21 -5.38 -12.38
N VAL D 81 16.66 -4.45 -13.15
CA VAL D 81 15.77 -3.44 -12.64
C VAL D 81 14.31 -3.64 -13.06
N GLU D 82 13.40 -2.99 -12.30
CA GLU D 82 11.98 -2.91 -12.60
C GLU D 82 11.76 -2.00 -13.81
N ASN D 83 12.19 -0.75 -13.67
CA ASN D 83 12.07 0.20 -14.71
C ASN D 83 13.40 0.77 -15.05
N ALA D 84 13.56 1.25 -16.27
CA ALA D 84 14.70 2.10 -16.54
C ALA D 84 14.98 3.06 -15.32
N ARG D 85 16.23 3.07 -14.89
CA ARG D 85 16.72 3.96 -13.86
C ARG D 85 16.39 5.44 -14.15
N ASP D 86 16.26 6.22 -13.07
CA ASP D 86 16.12 7.65 -13.05
C ASP D 86 17.44 8.40 -13.01
N ALA D 87 17.78 9.16 -14.07
CA ALA D 87 19.13 9.63 -14.18
C ALA D 87 19.26 11.08 -14.46
N ASP D 88 20.14 11.74 -13.72
CA ASP D 88 20.58 13.10 -14.02
C ASP D 88 22.01 13.08 -14.43
N VAL D 89 22.28 13.59 -15.61
CA VAL D 89 23.66 13.73 -15.99
C VAL D 89 24.28 14.83 -15.12
N VAL D 90 25.33 14.51 -14.36
CA VAL D 90 25.95 15.50 -13.51
C VAL D 90 26.94 16.33 -14.26
N ASP D 91 27.68 15.70 -15.16
CA ASP D 91 28.84 16.32 -15.77
C ASP D 91 29.45 15.44 -16.89
N ILE D 92 29.89 16.07 -17.98
CA ILE D 92 30.67 15.39 -19.03
C ILE D 92 31.92 16.17 -19.38
N SER D 93 33.09 15.55 -19.21
CA SER D 93 34.38 16.18 -19.46
C SER D 93 35.14 15.46 -20.58
N VAL D 94 35.78 16.24 -21.43
CA VAL D 94 36.61 15.69 -22.49
C VAL D 94 38.00 16.26 -22.37
N SER D 95 39.01 15.40 -22.24
CA SER D 95 40.37 15.87 -22.15
C SER D 95 40.99 15.83 -23.56
N PRO D 96 42.21 16.42 -23.71
CA PRO D 96 42.77 16.77 -25.04
C PRO D 96 42.78 15.60 -26.01
N ASP D 97 43.23 14.43 -25.54
CA ASP D 97 43.32 13.28 -26.42
C ASP D 97 41.95 12.66 -26.67
N GLY D 98 40.89 13.35 -26.22
CA GLY D 98 39.51 12.92 -26.53
C GLY D 98 39.00 11.79 -25.63
N THR D 99 39.57 11.69 -24.43
CA THR D 99 39.02 10.80 -23.42
C THR D 99 37.79 11.50 -22.80
N VAL D 100 36.64 10.82 -22.81
CA VAL D 100 35.45 11.36 -22.19
C VAL D 100 35.26 10.77 -20.79
N GLN D 101 34.98 11.66 -19.85
CA GLN D 101 34.53 11.31 -18.49
C GLN D 101 33.07 11.71 -18.26
N TYR D 102 32.20 10.71 -18.12
CA TYR D 102 30.77 10.96 -17.94
C TYR D 102 30.37 10.62 -16.49
N LEU D 103 29.54 11.47 -15.89
CA LEU D 103 29.09 11.20 -14.52
C LEU D 103 27.59 11.49 -14.39
N GLU D 104 26.83 10.50 -13.92
CA GLU D 104 25.39 10.67 -13.74
C GLU D 104 25.07 10.28 -12.34
N ARG D 105 23.96 10.83 -11.80
CA ARG D 105 23.41 10.35 -10.54
C ARG D 105 22.07 9.69 -10.79
N PHE D 106 21.87 8.48 -10.28
CA PHE D 106 20.69 7.73 -10.69
C PHE D 106 20.08 7.14 -9.42
N SER D 107 18.81 6.79 -9.50
CA SER D 107 18.16 5.93 -8.53
C SER D 107 17.46 4.79 -9.28
N ALA D 108 17.42 3.60 -8.66
CA ALA D 108 16.66 2.47 -9.27
C ALA D 108 16.20 1.45 -8.27
N ARG D 109 15.21 0.66 -8.68
CA ARG D 109 14.72 -0.46 -7.87
C ARG D 109 15.25 -1.72 -8.51
N VAL D 110 16.06 -2.45 -7.77
CA VAL D 110 16.82 -3.59 -8.26
C VAL D 110 16.18 -4.89 -7.75
N LEU D 111 16.05 -5.87 -8.66
CA LEU D 111 15.52 -7.21 -8.40
C LEU D 111 16.71 -8.05 -8.06
N SER D 112 16.64 -8.81 -6.99
CA SER D 112 17.79 -9.63 -6.69
C SER D 112 17.44 -10.69 -5.68
N PRO D 113 17.52 -11.95 -6.12
CA PRO D 113 16.98 -13.07 -5.35
C PRO D 113 17.76 -13.22 -4.04
N LEU D 114 17.08 -13.62 -2.96
CA LEU D 114 17.71 -13.93 -1.68
C LEU D 114 17.59 -15.39 -1.30
N ASP D 115 18.61 -15.91 -0.64
CA ASP D 115 18.57 -17.25 -0.17
C ASP D 115 18.08 -17.33 1.29
N PHE D 116 16.85 -17.78 1.51
CA PHE D 116 16.26 -17.65 2.81
C PHE D 116 16.51 -18.81 3.70
N ARG D 117 17.38 -19.71 3.23
CA ARG D 117 17.72 -20.96 3.96
C ARG D 117 18.16 -20.76 5.44
N ARG D 118 18.92 -19.72 5.71
CA ARG D 118 19.35 -19.57 7.09
C ARG D 118 18.70 -18.41 7.83
N TYR D 119 17.54 -17.96 7.35
CA TYR D 119 16.84 -16.84 7.99
C TYR D 119 16.44 -17.18 9.44
N PRO D 120 16.59 -16.24 10.36
CA PRO D 120 17.09 -14.92 10.12
C PRO D 120 18.61 -14.78 10.39
N PHE D 121 19.41 -15.84 10.29
CA PHE D 121 20.87 -15.67 10.46
C PHE D 121 21.59 -15.68 9.10
N ASP D 122 21.03 -15.05 8.08
CA ASP D 122 21.46 -15.31 6.72
C ASP D 122 22.28 -14.15 6.22
N SER D 123 22.96 -14.37 5.09
CA SER D 123 23.73 -13.30 4.41
C SER D 123 23.31 -13.36 2.98
N GLN D 124 23.50 -12.28 2.24
CA GLN D 124 23.03 -12.24 0.87
C GLN D 124 24.11 -11.58 0.04
N THR D 125 24.08 -11.86 -1.26
CA THR D 125 24.88 -11.04 -2.19
C THR D 125 23.94 -10.31 -3.13
N LEU D 126 23.79 -9.02 -2.96
CA LEU D 126 22.99 -8.30 -3.93
C LEU D 126 23.80 -8.00 -5.21
N HIS D 127 23.15 -8.00 -6.37
CA HIS D 127 23.84 -7.73 -7.64
C HIS D 127 23.27 -6.51 -8.32
N ILE D 128 24.14 -5.66 -8.84
CA ILE D 128 23.67 -4.74 -9.84
C ILE D 128 24.43 -5.08 -11.13
N TYR D 129 23.72 -5.50 -12.19
CA TYR D 129 24.31 -5.87 -13.48
C TYR D 129 24.28 -4.76 -14.54
N LEU D 130 25.42 -4.18 -14.89
CA LEU D 130 25.54 -3.22 -15.99
C LEU D 130 25.65 -3.94 -17.31
N ILE D 131 24.96 -3.46 -18.34
CA ILE D 131 25.07 -4.09 -19.64
C ILE D 131 25.23 -3.07 -20.79
N VAL D 132 25.69 -3.51 -21.96
CA VAL D 132 25.66 -2.64 -23.14
C VAL D 132 25.59 -3.54 -24.32
N ARG D 133 24.93 -3.10 -25.38
CA ARG D 133 24.73 -3.93 -26.57
C ARG D 133 25.51 -3.29 -27.73
N SER D 134 26.13 -4.13 -28.56
CA SER D 134 27.02 -3.60 -29.60
C SER D 134 26.17 -3.02 -30.71
N VAL D 135 26.70 -2.02 -31.37
CA VAL D 135 26.05 -1.42 -32.51
C VAL D 135 26.58 -2.08 -33.79
N ASP D 136 26.10 -1.58 -34.93
CA ASP D 136 26.51 -2.24 -36.16
C ASP D 136 28.00 -2.00 -36.60
N THR D 137 28.46 -0.76 -36.49
CA THR D 137 29.83 -0.44 -36.91
C THR D 137 30.90 -0.84 -35.89
N ARG D 138 30.52 -1.31 -34.71
CA ARG D 138 31.52 -1.80 -33.72
C ARG D 138 31.01 -2.41 -32.40
N ASN D 139 31.89 -3.19 -31.76
CA ASN D 139 31.61 -3.90 -30.51
C ASN D 139 32.01 -3.11 -29.29
N ILE D 140 31.07 -2.96 -28.35
CA ILE D 140 31.36 -2.23 -27.17
C ILE D 140 31.46 -3.21 -26.04
N VAL D 141 32.38 -2.94 -25.15
CA VAL D 141 32.79 -3.90 -24.13
C VAL D 141 32.98 -3.11 -22.84
N LEU D 142 32.58 -3.68 -21.71
CA LEU D 142 32.63 -2.92 -20.44
C LEU D 142 33.89 -3.26 -19.59
N ALA D 143 34.40 -2.29 -18.86
CA ALA D 143 35.36 -2.60 -17.79
C ALA D 143 35.08 -1.81 -16.51
N VAL D 144 35.72 -2.26 -15.44
CA VAL D 144 35.56 -1.65 -14.12
C VAL D 144 36.77 -0.82 -13.83
N ASP D 145 36.64 0.48 -13.68
CA ASP D 145 37.74 1.27 -13.14
C ASP D 145 37.65 1.25 -11.61
N LEU D 146 38.42 0.39 -10.95
CA LEU D 146 38.33 0.22 -9.50
C LEU D 146 38.45 1.52 -8.73
N GLU D 147 39.08 2.48 -9.35
CA GLU D 147 39.24 3.76 -8.73
C GLU D 147 37.88 4.39 -8.38
N LYS D 148 36.80 3.90 -8.99
CA LYS D 148 35.57 4.64 -9.01
C LYS D 148 34.40 3.74 -8.62
N VAL D 149 34.73 2.64 -7.95
CA VAL D 149 33.75 1.80 -7.30
C VAL D 149 33.83 2.09 -5.84
N GLY D 150 32.74 2.42 -5.19
CA GLY D 150 32.76 2.61 -3.73
C GLY D 150 31.38 2.89 -3.15
N LYS D 151 31.35 3.39 -1.92
CA LYS D 151 30.10 3.74 -1.28
C LYS D 151 30.45 4.72 -0.20
N ASN D 152 29.58 5.67 0.11
CA ASN D 152 29.89 6.56 1.20
C ASN D 152 29.71 5.88 2.57
N ASP D 153 30.35 6.44 3.62
CA ASP D 153 30.40 5.79 4.96
C ASP D 153 29.07 5.64 5.71
N ASP D 154 28.17 6.61 5.53
CA ASP D 154 26.82 6.60 6.08
C ASP D 154 25.85 5.64 5.43
N VAL D 155 26.21 4.99 4.32
CA VAL D 155 25.25 4.10 3.64
C VAL D 155 24.87 3.02 4.63
N PHE D 156 23.66 3.10 5.16
CA PHE D 156 23.20 2.15 6.13
C PHE D 156 22.01 1.44 5.45
N LEU D 157 21.85 0.15 5.64
CA LEU D 157 20.66 -0.48 5.09
C LEU D 157 19.92 -1.12 6.23
N THR D 158 18.78 -0.53 6.62
CA THR D 158 18.06 -0.93 7.85
C THR D 158 17.94 -2.44 8.08
N GLY D 159 18.48 -2.94 9.21
CA GLY D 159 18.27 -4.35 9.58
C GLY D 159 19.27 -5.30 8.97
N TRP D 160 20.21 -4.68 8.26
CA TRP D 160 21.33 -5.35 7.58
C TRP D 160 22.66 -4.67 7.92
N ASP D 161 23.74 -5.44 7.92
CA ASP D 161 25.13 -4.95 7.94
C ASP D 161 25.76 -5.00 6.59
N ILE D 162 26.36 -3.92 6.16
CA ILE D 162 26.99 -3.93 4.86
C ILE D 162 28.44 -4.40 4.91
N GLU D 163 28.73 -5.55 4.31
CA GLU D 163 30.09 -6.03 4.27
C GLU D 163 31.01 -5.38 3.22
N SER D 164 30.56 -5.30 1.96
CA SER D 164 31.44 -4.80 0.89
C SER D 164 30.73 -4.55 -0.43
N PHE D 165 31.31 -3.64 -1.23
CA PHE D 165 30.76 -3.35 -2.55
C PHE D 165 31.90 -3.48 -3.50
N THR D 166 31.91 -4.53 -4.30
CA THR D 166 33.00 -4.74 -5.28
C THR D 166 32.44 -5.19 -6.65
N ALA D 167 33.25 -5.08 -7.69
CA ALA D 167 32.77 -5.55 -8.99
C ALA D 167 33.64 -6.70 -9.43
N VAL D 168 33.04 -7.70 -10.07
CA VAL D 168 33.78 -8.71 -10.74
C VAL D 168 34.37 -8.05 -12.01
N VAL D 169 35.71 -8.00 -12.12
CA VAL D 169 36.39 -7.12 -13.12
C VAL D 169 36.18 -7.54 -14.57
N LYS D 170 35.98 -8.84 -14.77
CA LYS D 170 35.93 -9.37 -16.12
C LYS D 170 34.46 -9.52 -16.59
N PRO D 171 34.02 -8.79 -17.63
CA PRO D 171 32.62 -8.85 -18.13
C PRO D 171 32.25 -10.24 -18.57
N ALA D 172 30.97 -10.59 -18.59
CA ALA D 172 30.54 -11.80 -19.26
C ALA D 172 30.13 -11.27 -20.63
N ASN D 173 30.72 -11.80 -21.72
CA ASN D 173 30.34 -11.39 -23.07
C ASN D 173 29.52 -12.45 -23.76
N PHE D 174 28.39 -12.15 -24.39
CA PHE D 174 27.58 -13.22 -25.00
C PHE D 174 26.74 -12.59 -26.08
N ALA D 175 26.11 -13.43 -26.86
CA ALA D 175 25.33 -12.97 -27.98
C ALA D 175 23.88 -12.97 -27.57
N LEU D 176 23.14 -11.95 -27.97
CA LEU D 176 21.72 -11.96 -27.68
C LEU D 176 20.93 -11.36 -28.85
N GLU D 177 20.21 -12.22 -29.55
CA GLU D 177 19.59 -11.80 -30.82
C GLU D 177 20.64 -11.17 -31.74
N ASP D 178 21.64 -11.95 -32.08
CA ASP D 178 22.58 -11.53 -33.10
C ASP D 178 23.29 -10.24 -32.90
N ARG D 179 23.51 -9.86 -31.65
CA ARG D 179 24.47 -8.83 -31.34
C ARG D 179 25.17 -9.21 -30.05
N LEU D 180 26.37 -8.74 -29.90
CA LEU D 180 27.11 -9.04 -28.77
C LEU D 180 26.68 -8.08 -27.67
N GLU D 181 26.62 -8.62 -26.45
CA GLU D 181 26.20 -7.89 -25.29
C GLU D 181 27.28 -8.08 -24.20
N SER D 182 27.77 -7.00 -23.59
CA SER D 182 28.83 -7.05 -22.55
C SER D 182 28.30 -6.69 -21.16
N LYS D 183 28.32 -7.62 -20.22
CA LYS D 183 27.68 -7.47 -18.90
C LYS D 183 28.64 -7.56 -17.65
N LEU D 184 28.49 -6.61 -16.72
CA LEU D 184 29.31 -6.54 -15.52
C LEU D 184 28.49 -6.82 -14.24
N ASP D 185 29.14 -7.44 -13.23
CA ASP D 185 28.43 -7.87 -12.00
C ASP D 185 28.99 -7.10 -10.79
N TYR D 186 28.29 -6.03 -10.37
CA TYR D 186 28.60 -5.34 -9.12
C TYR D 186 27.90 -6.06 -7.96
N GLN D 187 28.64 -6.33 -6.89
CA GLN D 187 28.14 -7.17 -5.78
C GLN D 187 28.12 -6.43 -4.47
N LEU D 188 26.98 -6.45 -3.80
CA LEU D 188 26.89 -5.76 -2.54
C LEU D 188 26.62 -6.87 -1.50
N ARG D 189 27.58 -7.01 -0.57
CA ARG D 189 27.58 -8.13 0.40
C ARG D 189 27.04 -7.68 1.70
N ILE D 190 25.97 -8.31 2.15
CA ILE D 190 25.33 -7.82 3.35
C ILE D 190 25.03 -9.01 4.22
N SER D 191 24.87 -8.74 5.52
CA SER D 191 24.31 -9.79 6.42
C SER D 191 23.28 -9.23 7.42
N ARG D 192 22.29 -10.08 7.73
CA ARG D 192 21.12 -9.64 8.42
C ARG D 192 21.41 -9.44 9.90
N GLN D 193 20.89 -8.37 10.48
CA GLN D 193 21.08 -8.20 11.90
C GLN D 193 19.99 -9.00 12.55
N TYR D 194 20.37 -10.13 13.14
CA TYR D 194 19.41 -11.08 13.63
C TYR D 194 18.95 -10.74 15.03
N PHE D 195 19.65 -9.79 15.63
CA PHE D 195 19.44 -9.43 17.02
C PHE D 195 18.00 -9.41 17.46
N SER D 196 17.19 -8.60 16.80
CA SER D 196 15.85 -8.37 17.31
C SER D 196 14.92 -9.59 17.24
N TYR D 197 15.19 -10.51 16.31
CA TYR D 197 14.36 -11.73 16.17
C TYR D 197 14.36 -12.55 17.47
N ILE D 198 15.42 -12.33 18.27
CA ILE D 198 15.56 -13.05 19.51
C ILE D 198 14.51 -12.70 20.53
N PRO D 199 14.44 -11.42 20.94
CA PRO D 199 13.38 -11.06 21.91
C PRO D 199 11.97 -10.98 21.28
N ASN D 200 11.85 -10.63 20.00
CA ASN D 200 10.50 -10.46 19.39
C ASN D 200 9.73 -11.72 19.00
N ILE D 201 10.46 -12.76 18.63
CA ILE D 201 9.90 -13.99 18.03
C ILE D 201 10.40 -15.29 18.70
N ILE D 202 11.73 -15.46 18.68
CA ILE D 202 12.29 -16.70 19.13
C ILE D 202 11.99 -17.03 20.60
N LEU D 203 12.40 -16.13 21.50
CA LEU D 203 12.17 -16.40 22.91
C LEU D 203 10.66 -16.55 23.25
N PRO D 204 9.84 -15.58 22.80
CA PRO D 204 8.39 -15.72 23.05
C PRO D 204 7.91 -17.06 22.66
N MET D 205 8.31 -17.46 21.47
CA MET D 205 7.90 -18.74 20.96
C MET D 205 8.38 -19.85 21.87
N LEU D 206 9.59 -19.75 22.41
CA LEU D 206 10.06 -20.79 23.39
C LEU D 206 9.32 -20.79 24.74
N PHE D 207 9.15 -19.60 25.32
CA PHE D 207 8.36 -19.43 26.54
C PHE D 207 7.00 -20.09 26.43
N ILE D 208 6.27 -19.84 25.33
CA ILE D 208 4.97 -20.47 25.28
C ILE D 208 5.10 -21.99 25.20
N LEU D 209 6.02 -22.51 24.40
CA LEU D 209 6.29 -23.96 24.41
C LEU D 209 6.60 -24.53 25.84
N PHE D 210 7.49 -23.88 26.57
CA PHE D 210 7.82 -24.35 27.87
C PHE D 210 6.62 -24.33 28.78
N ILE D 211 5.87 -23.23 28.75
CA ILE D 211 4.60 -23.16 29.48
C ILE D 211 3.74 -24.38 29.16
N SER D 212 3.71 -24.84 27.92
CA SER D 212 2.94 -26.03 27.60
C SER D 212 3.37 -27.25 28.44
N TRP D 213 4.66 -27.35 28.71
CA TRP D 213 5.18 -28.58 29.25
C TRP D 213 4.85 -28.68 30.74
N THR D 214 4.34 -27.57 31.31
CA THR D 214 3.91 -27.63 32.69
C THR D 214 2.77 -28.61 32.79
N ALA D 215 2.14 -28.97 31.68
CA ALA D 215 1.08 -29.95 31.80
C ALA D 215 1.64 -31.23 32.35
N PHE D 216 2.91 -31.49 32.14
CA PHE D 216 3.54 -32.73 32.66
C PHE D 216 3.62 -32.83 34.19
N TRP D 217 3.29 -31.75 34.89
CA TRP D 217 3.30 -31.75 36.36
C TRP D 217 1.85 -31.58 36.86
N SER D 218 0.88 -31.86 36.01
CA SER D 218 -0.52 -31.66 36.38
C SER D 218 -1.31 -32.91 36.12
N THR D 219 -2.09 -33.35 37.11
CA THR D 219 -3.07 -34.46 36.85
C THR D 219 -4.47 -33.98 36.40
N SER D 220 -4.62 -32.68 36.13
CA SER D 220 -5.89 -32.13 35.69
C SER D 220 -6.08 -32.16 34.17
N TYR D 221 -6.89 -33.07 33.64
CA TYR D 221 -7.20 -33.07 32.20
C TYR D 221 -7.67 -31.70 31.70
N GLU D 222 -8.68 -31.13 32.37
CA GLU D 222 -9.23 -29.89 31.92
C GLU D 222 -8.14 -28.82 31.88
N ALA D 223 -7.44 -28.70 33.00
CA ALA D 223 -6.29 -27.79 33.01
C ALA D 223 -5.31 -28.03 31.84
N ASN D 224 -4.83 -29.25 31.71
CA ASN D 224 -3.86 -29.53 30.70
C ASN D 224 -4.32 -29.13 29.31
N VAL D 225 -5.54 -29.55 28.98
CA VAL D 225 -6.09 -29.33 27.67
C VAL D 225 -6.02 -27.82 27.41
N THR D 226 -6.33 -27.04 28.46
CA THR D 226 -6.24 -25.60 28.33
C THR D 226 -4.84 -25.13 28.11
N LEU D 227 -3.91 -25.54 28.97
CA LEU D 227 -2.54 -25.22 28.73
C LEU D 227 -2.10 -25.53 27.30
N VAL D 228 -2.42 -26.71 26.80
CA VAL D 228 -1.74 -27.14 25.59
C VAL D 228 -2.35 -26.50 24.37
N VAL D 229 -3.66 -26.37 24.40
CA VAL D 229 -4.35 -25.88 23.24
C VAL D 229 -4.21 -24.35 23.13
N SER D 230 -4.25 -23.68 24.28
CA SER D 230 -3.97 -22.25 24.33
C SER D 230 -2.62 -21.85 23.73
N THR D 231 -1.56 -22.42 24.27
CA THR D 231 -0.24 -22.11 23.75
C THR D 231 -0.11 -22.51 22.25
N LEU D 232 -0.72 -23.65 21.85
CA LEU D 232 -0.67 -24.02 20.44
C LEU D 232 -1.21 -22.91 19.58
N ILE D 233 -2.22 -22.24 20.08
CA ILE D 233 -2.81 -21.15 19.33
C ILE D 233 -1.85 -19.95 19.22
N ALA D 234 -1.27 -19.55 20.35
CA ALA D 234 -0.19 -18.55 20.29
C ALA D 234 0.91 -18.97 19.33
N HIS D 235 1.17 -20.27 19.21
CA HIS D 235 2.23 -20.66 18.31
C HIS D 235 1.80 -20.37 16.89
N ILE D 236 0.56 -20.74 16.59
CA ILE D 236 0.01 -20.44 15.28
C ILE D 236 0.18 -18.91 14.97
N ALA D 237 -0.20 -18.07 15.93
CA ALA D 237 0.00 -16.64 15.71
C ALA D 237 1.44 -16.31 15.29
N PHE D 238 2.44 -16.80 16.04
CA PHE D 238 3.82 -16.48 15.65
C PHE D 238 4.13 -17.09 14.27
N ASN D 239 3.69 -18.32 14.04
CA ASN D 239 3.81 -18.86 12.69
C ASN D 239 3.25 -17.91 11.58
N ILE D 240 2.02 -17.47 11.76
CA ILE D 240 1.45 -16.60 10.79
C ILE D 240 2.22 -15.32 10.66
N LEU D 241 2.61 -14.71 11.80
CA LEU D 241 3.45 -13.48 11.81
C LEU D 241 4.69 -13.68 10.97
N VAL D 242 5.45 -14.69 11.33
CA VAL D 242 6.71 -14.98 10.64
C VAL D 242 6.45 -15.17 9.15
N GLU D 243 5.44 -15.96 8.76
CA GLU D 243 5.32 -16.22 7.35
C GLU D 243 4.80 -15.05 6.54
N THR D 244 4.21 -14.04 7.15
CA THR D 244 3.85 -12.80 6.36
C THR D 244 5.07 -11.90 6.03
N ASN D 245 6.14 -12.05 6.75
CA ASN D 245 7.38 -11.36 6.44
C ASN D 245 8.33 -12.04 5.44
N LEU D 246 8.06 -13.27 5.04
CA LEU D 246 8.94 -13.96 4.12
C LEU D 246 8.17 -14.26 2.85
N PRO D 247 8.87 -14.39 1.75
CA PRO D 247 8.24 -14.90 0.55
C PRO D 247 8.05 -16.42 0.68
N LYS D 248 7.40 -17.05 -0.26
CA LYS D 248 7.16 -18.46 -0.16
C LYS D 248 8.26 -19.20 -0.91
N THR D 249 9.04 -20.03 -0.20
CA THR D 249 10.14 -20.66 -0.88
C THR D 249 9.92 -22.12 -1.22
N PRO D 250 10.62 -22.62 -2.27
CA PRO D 250 10.47 -24.07 -2.49
C PRO D 250 11.43 -24.87 -1.61
N TYR D 251 11.94 -24.28 -0.53
CA TYR D 251 12.82 -25.02 0.38
C TYR D 251 12.38 -24.68 1.80
N MET D 252 12.64 -25.56 2.77
CA MET D 252 12.45 -25.21 4.17
C MET D 252 13.47 -24.11 4.55
N THR D 253 13.11 -23.19 5.44
CA THR D 253 14.08 -22.21 5.94
C THR D 253 14.39 -22.60 7.38
N TYR D 254 15.45 -22.08 7.95
CA TYR D 254 15.82 -22.49 9.28
C TYR D 254 14.72 -22.24 10.32
N THR D 255 14.34 -20.98 10.54
CA THR D 255 13.13 -20.65 11.33
C THR D 255 11.92 -21.47 10.86
N GLY D 256 11.68 -21.57 9.58
CA GLY D 256 10.55 -22.34 9.14
C GLY D 256 10.47 -23.73 9.75
N ALA D 257 11.64 -24.38 9.82
CA ALA D 257 11.80 -25.76 10.30
C ALA D 257 11.59 -25.85 11.80
N ILE D 258 12.19 -24.92 12.54
CA ILE D 258 11.94 -24.89 13.98
C ILE D 258 10.45 -24.80 14.23
N ILE D 259 9.83 -23.74 13.66
CA ILE D 259 8.39 -23.52 13.70
C ILE D 259 7.62 -24.81 13.42
N PHE D 260 7.97 -25.50 12.33
CA PHE D 260 7.17 -26.69 11.93
C PHE D 260 7.32 -27.80 12.95
N MET D 261 8.56 -28.12 13.27
CA MET D 261 8.84 -29.11 14.26
C MET D 261 7.99 -28.89 15.54
N ILE D 262 7.94 -27.64 16.02
CA ILE D 262 7.32 -27.38 17.28
C ILE D 262 5.87 -27.84 17.22
N TYR D 263 5.20 -27.74 16.08
CA TYR D 263 3.85 -28.28 15.97
C TYR D 263 3.81 -29.74 16.38
N LEU D 264 4.82 -30.47 15.92
CA LEU D 264 4.94 -31.87 16.28
C LEU D 264 5.00 -32.07 17.78
N PHE D 265 5.78 -31.21 18.44
CA PHE D 265 5.77 -31.23 19.90
C PHE D 265 4.39 -31.00 20.53
N TYR D 266 3.61 -30.07 20.00
CA TYR D 266 2.27 -29.81 20.56
C TYR D 266 1.37 -31.03 20.37
N PHE D 267 1.38 -31.54 19.14
CA PHE D 267 0.61 -32.71 18.86
C PHE D 267 0.97 -33.84 19.84
N VAL D 268 2.24 -34.17 19.98
CA VAL D 268 2.56 -35.27 20.88
C VAL D 268 2.17 -34.97 22.37
N ALA D 269 2.57 -33.81 22.90
CA ALA D 269 1.93 -33.28 24.13
C ALA D 269 0.38 -33.52 24.28
N VAL D 270 -0.42 -33.15 23.28
CA VAL D 270 -1.84 -33.42 23.40
C VAL D 270 -2.11 -34.93 23.53
N ILE D 271 -1.41 -35.72 22.75
CA ILE D 271 -1.55 -37.15 22.89
C ILE D 271 -1.25 -37.52 24.36
N GLU D 272 -0.10 -37.08 24.88
CA GLU D 272 0.26 -37.52 26.21
C GLU D 272 -0.79 -37.09 27.19
N VAL D 273 -1.28 -35.89 27.05
CA VAL D 273 -2.28 -35.39 27.95
C VAL D 273 -3.52 -36.30 27.90
N THR D 274 -3.83 -36.75 26.70
CA THR D 274 -5.01 -37.58 26.44
C THR D 274 -4.82 -38.98 27.06
N VAL D 275 -3.64 -39.58 26.83
CA VAL D 275 -3.38 -40.92 27.27
C VAL D 275 -3.43 -40.97 28.78
N GLN D 276 -2.72 -40.01 29.40
CA GLN D 276 -2.68 -39.83 30.85
C GLN D 276 -4.07 -39.78 31.43
N HIS D 277 -4.92 -38.94 30.87
CA HIS D 277 -6.32 -38.88 31.32
C HIS D 277 -7.02 -40.19 31.14
N TYR D 278 -6.97 -40.71 29.95
CA TYR D 278 -7.62 -41.96 29.68
C TYR D 278 -7.25 -43.06 30.71
N LEU D 279 -5.96 -43.24 30.95
CA LEU D 279 -5.57 -44.28 31.84
C LEU D 279 -6.17 -44.00 33.17
N LYS D 280 -6.11 -42.76 33.64
CA LYS D 280 -6.66 -42.40 34.94
C LYS D 280 -8.14 -42.76 35.09
N VAL D 281 -8.92 -42.49 34.06
CA VAL D 281 -10.36 -42.79 34.13
C VAL D 281 -10.59 -44.28 34.24
N GLU D 282 -9.66 -45.03 33.72
CA GLU D 282 -9.80 -46.45 33.51
C GLU D 282 -9.13 -47.13 34.72
N SER D 283 -9.03 -46.34 35.78
CA SER D 283 -8.42 -46.77 37.00
C SER D 283 -7.08 -47.40 36.81
N GLN D 284 -6.19 -46.84 36.00
CA GLN D 284 -4.78 -47.16 36.22
C GLN D 284 -3.79 -45.97 36.20
N PRO D 285 -3.75 -45.20 37.31
CA PRO D 285 -2.95 -44.03 37.55
C PRO D 285 -1.48 -44.30 37.58
N ALA D 286 -1.06 -45.50 37.90
CA ALA D 286 0.35 -45.72 37.99
C ALA D 286 1.02 -45.76 36.62
N ARG D 287 0.38 -46.34 35.58
CA ARG D 287 0.96 -46.27 34.20
C ARG D 287 0.99 -44.82 33.76
N ALA D 288 -0.17 -44.18 33.90
CA ALA D 288 -0.24 -42.78 33.65
C ALA D 288 0.92 -42.04 34.32
N ALA D 289 1.11 -42.24 35.62
CA ALA D 289 2.13 -41.52 36.37
C ALA D 289 3.54 -41.69 35.78
N SER D 290 3.82 -42.84 35.20
CA SER D 290 5.18 -43.05 34.75
C SER D 290 5.36 -42.63 33.32
N ILE D 291 4.28 -42.62 32.54
CA ILE D 291 4.32 -41.93 31.26
C ILE D 291 4.57 -40.43 31.44
N THR D 292 3.88 -39.79 32.40
CA THR D 292 4.06 -38.36 32.66
C THR D 292 5.45 -38.11 33.20
N ARG D 293 5.91 -39.01 34.08
CA ARG D 293 7.22 -38.81 34.68
C ARG D 293 8.28 -38.85 33.61
N ALA D 294 8.11 -39.78 32.68
CA ALA D 294 9.04 -39.88 31.58
C ALA D 294 9.06 -38.57 30.74
N SER D 295 7.88 -38.04 30.47
CA SER D 295 7.70 -36.95 29.54
C SER D 295 8.38 -35.70 30.03
N ARG D 296 8.39 -35.52 31.34
CA ARG D 296 9.08 -34.40 31.92
C ARG D 296 10.52 -34.34 31.46
N ILE D 297 11.14 -35.48 31.20
CA ILE D 297 12.53 -35.49 30.76
C ILE D 297 12.57 -35.66 29.23
N ALA D 298 11.77 -36.59 28.72
CA ALA D 298 11.84 -36.81 27.27
C ALA D 298 11.63 -35.52 26.44
N PHE D 299 10.53 -34.81 26.68
CA PHE D 299 10.24 -33.62 25.91
C PHE D 299 11.42 -32.63 25.79
N PRO D 300 11.91 -32.07 26.93
CA PRO D 300 13.00 -31.13 26.83
C PRO D 300 14.23 -31.80 26.18
N VAL D 301 14.55 -33.02 26.55
CA VAL D 301 15.72 -33.67 25.90
C VAL D 301 15.57 -33.85 24.38
N VAL D 302 14.49 -34.48 23.94
CA VAL D 302 14.32 -34.63 22.51
C VAL D 302 14.18 -33.27 21.81
N PHE D 303 13.63 -32.28 22.49
CA PHE D 303 13.58 -30.95 21.88
C PHE D 303 14.99 -30.38 21.63
N LEU D 304 15.86 -30.57 22.62
CA LEU D 304 17.22 -30.09 22.56
C LEU D 304 17.99 -30.91 21.55
N LEU D 305 17.80 -32.22 21.51
CA LEU D 305 18.51 -33.03 20.52
C LEU D 305 18.11 -32.67 19.09
N ALA D 306 16.81 -32.49 18.88
CA ALA D 306 16.28 -32.19 17.54
C ALA D 306 16.80 -30.82 17.06
N ASN D 307 16.98 -29.89 18.00
CA ASN D 307 17.48 -28.59 17.59
C ASN D 307 18.94 -28.64 17.18
N ILE D 308 19.73 -29.39 17.92
CA ILE D 308 21.15 -29.52 17.60
C ILE D 308 21.23 -30.17 16.23
N ILE D 309 20.52 -31.27 16.02
CA ILE D 309 20.46 -31.80 14.68
C ILE D 309 20.14 -30.75 13.59
N LEU D 310 19.07 -29.95 13.77
CA LEU D 310 18.74 -28.91 12.77
C LEU D 310 19.83 -27.84 12.55
N ALA D 311 20.39 -27.29 13.63
CA ALA D 311 21.46 -26.31 13.48
C ALA D 311 22.61 -26.91 12.66
N PHE D 312 22.98 -28.12 13.02
CA PHE D 312 23.94 -28.82 12.23
C PHE D 312 23.52 -28.86 10.75
N LEU D 313 22.33 -29.41 10.43
CA LEU D 313 21.94 -29.48 9.03
C LEU D 313 21.92 -28.12 8.38
N PHE D 314 21.62 -27.05 9.10
CA PHE D 314 21.46 -25.77 8.42
C PHE D 314 22.71 -24.91 8.43
N PHE D 315 23.59 -25.14 9.38
CA PHE D 315 24.67 -24.24 9.49
C PHE D 315 26.01 -24.95 9.40
N VAL E 5 26.53 29.37 -21.45
CA VAL E 5 26.32 29.10 -20.00
C VAL E 5 27.38 28.10 -19.50
N SER E 6 28.25 28.62 -18.63
CA SER E 6 29.12 27.80 -17.80
C SER E 6 29.64 28.73 -16.71
N PRO E 7 30.29 28.18 -15.70
CA PRO E 7 30.47 28.87 -14.43
C PRO E 7 31.12 30.24 -14.58
N PRO E 8 30.77 31.17 -13.69
CA PRO E 8 31.43 32.48 -13.70
C PRO E 8 32.85 32.38 -13.15
N PRO E 9 33.81 33.01 -13.85
CA PRO E 9 35.23 32.81 -13.56
C PRO E 9 35.70 33.73 -12.44
N PRO E 10 36.77 33.32 -11.74
CA PRO E 10 37.27 33.97 -10.53
C PRO E 10 37.85 35.37 -10.78
N ILE E 11 37.55 36.36 -9.93
CA ILE E 11 38.30 37.64 -10.02
C ILE E 11 39.77 37.33 -9.73
N ALA E 12 40.07 36.85 -8.53
CA ALA E 12 41.42 36.32 -8.21
C ALA E 12 41.59 34.83 -8.67
N ASP E 13 41.78 33.96 -7.68
CA ASP E 13 41.53 32.53 -7.82
C ASP E 13 40.70 31.93 -6.61
N GLU E 14 39.65 32.64 -6.19
CA GLU E 14 38.75 32.16 -5.14
C GLU E 14 37.72 31.12 -5.63
N PRO E 15 37.20 30.33 -4.68
CA PRO E 15 36.08 29.43 -5.00
C PRO E 15 34.77 30.24 -5.18
N LEU E 16 33.80 29.72 -5.90
CA LEU E 16 32.49 30.36 -5.95
C LEU E 16 31.64 29.98 -4.72
N THR E 17 31.16 31.00 -4.01
CA THR E 17 30.32 30.80 -2.84
C THR E 17 28.81 30.79 -3.14
N VAL E 18 28.13 29.69 -2.89
CA VAL E 18 26.69 29.71 -3.06
C VAL E 18 26.03 29.74 -1.70
N ASN E 19 25.33 30.82 -1.45
CA ASN E 19 24.57 30.92 -0.25
C ASN E 19 23.22 30.26 -0.40
N THR E 20 22.85 29.53 0.65
CA THR E 20 21.68 28.72 0.58
C THR E 20 20.84 28.99 1.79
N GLY E 21 19.53 28.78 1.61
CA GLY E 21 18.59 28.53 2.70
C GLY E 21 17.44 27.60 2.35
N ILE E 22 16.85 27.02 3.39
CA ILE E 22 15.65 26.22 3.26
C ILE E 22 14.63 26.77 4.20
N TYR E 23 13.41 26.93 3.71
CA TYR E 23 12.32 27.46 4.50
C TYR E 23 11.17 26.47 4.36
N LEU E 24 10.87 25.75 5.46
CA LEU E 24 9.87 24.68 5.44
C LEU E 24 8.48 25.24 5.38
N ILE E 25 7.69 24.75 4.42
CA ILE E 25 6.29 25.09 4.32
C ILE E 25 5.41 23.97 4.86
N GLU E 26 5.77 22.71 4.60
CA GLU E 26 5.02 21.55 5.08
C GLU E 26 5.94 20.42 5.58
N CYS E 27 5.53 19.73 6.64
CA CYS E 27 6.18 18.48 7.06
C CYS E 27 5.19 17.41 7.26
N TYR E 28 5.33 16.28 6.59
CA TYR E 28 4.37 15.18 6.85
C TYR E 28 5.00 13.77 6.79
N SER E 29 4.18 12.76 7.09
CA SER E 29 4.62 11.40 6.88
C SER E 29 6.00 11.07 7.48
N LEU E 30 6.23 11.40 8.75
CA LEU E 30 7.37 10.81 9.39
C LEU E 30 6.94 9.38 9.53
N ASP E 31 7.54 8.51 8.76
CA ASP E 31 7.32 7.09 8.78
C ASP E 31 8.41 6.35 9.59
N ASP E 32 8.06 5.92 10.81
CA ASP E 32 9.03 5.27 11.68
C ASP E 32 9.68 4.04 11.07
N LYS E 33 8.86 3.15 10.51
CA LYS E 33 9.37 1.94 9.88
C LYS E 33 10.36 2.24 8.75
N ALA E 34 9.95 3.02 7.75
CA ALA E 34 10.85 3.36 6.62
C ALA E 34 11.98 4.28 6.98
N GLU E 35 11.88 4.95 8.15
CA GLU E 35 12.81 5.99 8.55
C GLU E 35 12.90 7.10 7.51
N THR E 36 11.75 7.54 7.02
CA THR E 36 11.70 8.69 6.11
C THR E 36 10.65 9.73 6.52
N PHE E 37 10.74 10.94 5.97
CA PHE E 37 9.74 11.99 6.18
C PHE E 37 9.60 12.79 4.87
N LYS E 38 8.48 13.47 4.65
CA LYS E 38 8.29 14.23 3.41
C LYS E 38 8.35 15.73 3.75
N VAL E 39 8.88 16.53 2.85
CA VAL E 39 9.06 17.92 3.16
C VAL E 39 8.67 18.73 1.97
N ASN E 40 8.12 19.89 2.21
CA ASN E 40 7.79 20.85 1.16
C ASN E 40 8.31 22.22 1.64
N ALA E 41 9.15 22.86 0.81
CA ALA E 41 9.99 24.01 1.24
C ALA E 41 10.48 24.91 0.11
N PHE E 42 10.81 26.17 0.46
CA PHE E 42 11.55 27.06 -0.44
C PHE E 42 13.01 26.69 -0.31
N LEU E 43 13.70 26.62 -1.44
CA LEU E 43 15.16 26.50 -1.43
C LEU E 43 15.67 27.79 -2.03
N SER E 44 16.55 28.50 -1.32
CA SER E 44 17.05 29.73 -1.87
C SER E 44 18.55 29.65 -2.13
N LEU E 45 18.95 30.15 -3.30
CA LEU E 45 20.33 30.14 -3.72
C LEU E 45 20.79 31.54 -4.15
N SER E 46 21.98 31.93 -3.68
CA SER E 46 22.57 33.20 -4.10
C SER E 46 24.07 33.14 -4.41
N TRP E 47 24.48 33.82 -5.47
CA TRP E 47 25.87 33.81 -5.83
C TRP E 47 26.16 34.98 -6.77
N LYS E 48 27.42 35.40 -6.84
CA LYS E 48 27.89 36.45 -7.75
C LYS E 48 28.26 35.95 -9.15
N ASP E 49 27.60 36.48 -10.17
CA ASP E 49 28.03 36.21 -11.54
C ASP E 49 28.27 37.54 -12.23
N ARG E 50 29.54 37.93 -12.35
CA ARG E 50 29.88 39.25 -12.89
C ARG E 50 29.50 39.51 -14.35
N ARG E 51 29.50 38.48 -15.16
CA ARG E 51 29.06 38.54 -16.53
C ARG E 51 27.66 39.17 -16.58
N LEU E 52 27.00 39.25 -15.44
CA LEU E 52 25.60 39.66 -15.41
C LEU E 52 25.35 41.06 -14.82
N ALA E 53 26.41 41.71 -14.29
CA ALA E 53 26.31 43.06 -13.64
C ALA E 53 25.88 44.17 -14.57
N PHE E 54 25.25 45.22 -14.07
CA PHE E 54 24.75 46.27 -14.95
C PHE E 54 24.80 47.59 -14.20
N ASP E 55 24.41 48.68 -14.87
CA ASP E 55 24.36 50.04 -14.24
C ASP E 55 22.98 50.43 -13.72
N PRO E 56 22.91 50.90 -12.46
CA PRO E 56 21.59 51.27 -11.87
C PRO E 56 21.02 52.65 -12.33
N VAL E 57 21.88 53.68 -12.38
CA VAL E 57 21.52 55.03 -12.83
C VAL E 57 21.07 55.09 -14.29
N ARG E 58 21.90 54.58 -15.21
CA ARG E 58 21.58 54.54 -16.63
C ARG E 58 20.55 53.45 -16.98
N SER E 59 20.52 52.36 -16.23
CA SER E 59 19.60 51.27 -16.54
C SER E 59 18.18 51.60 -16.19
N GLY E 60 18.03 52.60 -15.31
CA GLY E 60 16.72 53.01 -14.83
C GLY E 60 16.06 51.98 -13.94
N VAL E 61 16.22 50.69 -14.27
CA VAL E 61 15.77 49.54 -13.45
C VAL E 61 16.79 49.20 -12.35
N ARG E 62 16.31 48.74 -11.19
CA ARG E 62 17.26 48.48 -10.11
C ARG E 62 17.50 46.99 -9.87
N VAL E 63 16.71 46.16 -10.55
CA VAL E 63 16.83 44.72 -10.50
C VAL E 63 16.42 44.16 -11.86
N LYS E 64 17.07 43.08 -12.29
CA LYS E 64 16.75 42.44 -13.56
C LYS E 64 16.28 41.00 -13.30
N THR E 65 15.49 40.45 -14.22
CA THR E 65 14.92 39.09 -14.16
C THR E 65 15.47 38.10 -15.20
N TYR E 66 15.39 36.79 -14.94
CA TYR E 66 15.80 35.80 -15.94
C TYR E 66 14.99 34.53 -15.82
N GLU E 67 14.91 33.80 -16.93
CA GLU E 67 14.40 32.44 -16.95
C GLU E 67 15.55 31.47 -16.72
N PRO E 68 15.28 30.41 -15.96
CA PRO E 68 16.35 29.45 -15.62
C PRO E 68 17.39 29.25 -16.74
N GLU E 69 16.94 28.89 -17.95
CA GLU E 69 17.85 28.44 -19.05
C GLU E 69 18.65 29.57 -19.66
N ALA E 70 18.27 30.80 -19.36
CA ALA E 70 19.04 31.95 -19.82
C ALA E 70 20.37 32.20 -19.07
N ILE E 71 20.54 31.70 -17.84
CA ILE E 71 21.82 31.93 -17.07
C ILE E 71 22.38 30.73 -16.33
N TRP E 72 23.66 30.74 -16.03
CA TRP E 72 24.23 29.66 -15.22
C TRP E 72 23.66 29.62 -13.80
N ILE E 73 23.28 28.42 -13.37
CA ILE E 73 22.71 28.17 -12.08
C ILE E 73 23.45 26.96 -11.53
N PRO E 74 23.88 27.05 -10.29
CA PRO E 74 24.68 25.92 -9.81
C PRO E 74 23.79 24.70 -9.53
N GLU E 75 24.29 23.50 -9.83
CA GLU E 75 23.52 22.28 -9.58
C GLU E 75 23.58 21.88 -8.14
N ILE E 76 22.61 22.29 -7.33
CA ILE E 76 22.58 21.87 -5.90
C ILE E 76 21.76 20.60 -5.86
N ARG E 77 22.21 19.60 -5.12
CA ARG E 77 21.42 18.41 -4.96
C ARG E 77 21.28 18.01 -3.49
N PHE E 78 20.24 17.24 -3.14
CA PHE E 78 20.12 16.74 -1.77
C PHE E 78 20.85 15.40 -1.66
N VAL E 79 21.60 15.16 -0.59
CA VAL E 79 22.22 13.87 -0.49
C VAL E 79 21.18 12.79 -0.17
N ASN E 80 20.50 12.88 0.98
CA ASN E 80 19.65 11.82 1.52
C ASN E 80 18.21 11.87 1.09
N VAL E 81 17.97 12.03 -0.19
CA VAL E 81 16.64 11.79 -0.74
C VAL E 81 16.48 10.43 -1.49
N GLU E 82 15.22 10.05 -1.67
CA GLU E 82 14.88 8.89 -2.47
C GLU E 82 15.09 9.19 -3.98
N ASN E 83 14.47 10.26 -4.42
CA ASN E 83 14.56 10.66 -5.79
C ASN E 83 14.96 12.09 -5.86
N ALA E 84 15.53 12.50 -6.98
CA ALA E 84 15.67 13.93 -7.21
C ALA E 84 14.35 14.60 -6.79
N ARG E 85 14.48 15.70 -6.03
CA ARG E 85 13.35 16.57 -5.62
C ARG E 85 12.55 17.10 -6.81
N ASP E 86 11.26 17.37 -6.55
CA ASP E 86 10.36 18.06 -7.45
C ASP E 86 10.43 19.56 -7.29
N ALA E 87 10.79 20.28 -8.34
CA ALA E 87 11.06 21.70 -8.15
C ALA E 87 10.37 22.67 -9.15
N ASP E 88 9.66 23.69 -8.68
CA ASP E 88 9.28 24.80 -9.53
C ASP E 88 10.14 25.97 -9.25
N VAL E 89 10.89 26.44 -10.25
CA VAL E 89 11.55 27.73 -10.06
C VAL E 89 10.49 28.81 -9.79
N VAL E 90 10.63 29.54 -8.70
CA VAL E 90 9.66 30.59 -8.36
C VAL E 90 10.03 31.91 -8.97
N ASP E 91 11.34 32.22 -8.91
CA ASP E 91 11.87 33.51 -9.30
C ASP E 91 13.40 33.57 -9.37
N ILE E 92 13.94 34.31 -10.33
CA ILE E 92 15.39 34.58 -10.37
C ILE E 92 15.63 36.06 -10.56
N SER E 93 16.17 36.70 -9.56
CA SER E 93 16.53 38.14 -9.61
C SER E 93 18.04 38.41 -9.73
N VAL E 94 18.42 39.35 -10.60
CA VAL E 94 19.82 39.78 -10.64
C VAL E 94 19.90 41.27 -10.33
N SER E 95 20.73 41.62 -9.36
CA SER E 95 20.93 43.02 -9.02
C SER E 95 22.20 43.61 -9.72
N PRO E 96 22.44 44.95 -9.54
CA PRO E 96 23.40 45.68 -10.38
C PRO E 96 24.82 45.10 -10.33
N ASP E 97 25.28 44.73 -9.14
CA ASP E 97 26.61 44.17 -9.03
C ASP E 97 26.64 42.70 -9.51
N GLY E 98 25.54 42.22 -10.13
CA GLY E 98 25.50 40.86 -10.69
C GLY E 98 25.29 39.78 -9.65
N THR E 99 24.72 40.14 -8.50
CA THR E 99 24.35 39.17 -7.51
C THR E 99 23.03 38.53 -7.93
N VAL E 100 23.02 37.19 -8.02
CA VAL E 100 21.81 36.47 -8.42
C VAL E 100 21.11 35.98 -7.16
N GLN E 101 19.79 36.15 -7.12
CA GLN E 101 18.88 35.55 -6.09
C GLN E 101 17.93 34.56 -6.70
N TYR E 102 18.12 33.28 -6.38
CA TYR E 102 17.35 32.20 -6.94
C TYR E 102 16.37 31.70 -5.90
N LEU E 103 15.14 31.45 -6.31
CA LEU E 103 14.15 30.84 -5.39
C LEU E 103 13.28 29.75 -6.02
N GLU E 104 13.26 28.57 -5.41
CA GLU E 104 12.45 27.47 -5.94
C GLU E 104 11.60 26.92 -4.83
N ARG E 105 10.44 26.42 -5.20
CA ARG E 105 9.70 25.60 -4.23
C ARG E 105 9.77 24.09 -4.55
N PHE E 106 10.14 23.27 -3.58
CA PHE E 106 10.41 21.88 -3.92
C PHE E 106 9.66 21.00 -2.93
N SER E 107 9.51 19.72 -3.29
CA SER E 107 9.05 18.71 -2.36
C SER E 107 10.01 17.55 -2.50
N ALA E 108 10.32 16.90 -1.38
CA ALA E 108 11.08 15.65 -1.43
C ALA E 108 10.78 14.66 -0.29
N ARG E 109 11.15 13.40 -0.54
CA ARG E 109 11.09 12.35 0.47
C ARG E 109 12.52 12.10 0.98
N VAL E 110 12.74 12.31 2.26
CA VAL E 110 14.08 12.38 2.83
C VAL E 110 14.34 11.16 3.72
N LEU E 111 15.49 10.51 3.52
CA LEU E 111 15.96 9.38 4.32
C LEU E 111 16.71 9.88 5.53
N SER E 112 16.34 9.47 6.72
CA SER E 112 17.04 9.95 7.88
C SER E 112 16.80 9.02 9.06
N PRO E 113 17.90 8.40 9.51
CA PRO E 113 17.84 7.36 10.54
C PRO E 113 17.29 7.88 11.88
N LEU E 114 16.51 7.04 12.59
CA LEU E 114 15.96 7.41 13.89
C LEU E 114 16.54 6.52 14.96
N ASP E 115 16.76 7.10 16.15
CA ASP E 115 17.26 6.35 17.26
C ASP E 115 16.08 5.88 18.13
N PHE E 116 15.71 4.60 18.04
CA PHE E 116 14.54 4.14 18.73
C PHE E 116 14.73 3.72 20.17
N ARG E 117 15.93 3.90 20.70
CA ARG E 117 16.31 3.46 22.03
C ARG E 117 15.32 3.89 23.11
N ARG E 118 14.82 5.12 23.02
CA ARG E 118 13.92 5.57 24.10
C ARG E 118 12.42 5.63 23.73
N TYR E 119 12.02 4.93 22.66
CA TYR E 119 10.63 4.91 22.20
C TYR E 119 9.63 4.40 23.29
N PRO E 120 8.49 5.05 23.43
CA PRO E 120 8.10 6.14 22.60
C PRO E 120 8.40 7.49 23.28
N PHE E 121 9.37 7.56 24.19
CA PHE E 121 9.74 8.86 24.81
C PHE E 121 10.98 9.52 24.15
N ASP E 122 11.14 9.34 22.84
CA ASP E 122 12.38 9.60 22.14
C ASP E 122 12.30 10.93 21.44
N SER E 123 13.48 11.44 21.10
CA SER E 123 13.64 12.67 20.30
C SER E 123 14.49 12.33 19.10
N GLN E 124 14.43 13.15 18.05
CA GLN E 124 15.19 12.83 16.88
C GLN E 124 15.74 14.13 16.31
N THR E 125 16.81 14.01 15.52
CA THR E 125 17.28 15.12 14.71
C THR E 125 17.19 14.72 13.25
N LEU E 126 16.18 15.18 12.55
CA LEU E 126 16.18 14.90 11.12
C LEU E 126 17.23 15.75 10.40
N HIS E 127 17.78 15.25 9.29
CA HIS E 127 18.74 16.00 8.50
C HIS E 127 18.34 16.17 7.05
N ILE E 128 18.60 17.33 6.50
CA ILE E 128 18.52 17.48 5.06
C ILE E 128 19.89 17.98 4.68
N TYR E 129 20.66 17.20 3.92
CA TYR E 129 22.00 17.58 3.47
C TYR E 129 22.03 18.14 2.03
N LEU E 130 22.43 19.40 1.88
CA LEU E 130 22.59 20.02 0.56
C LEU E 130 23.98 19.76 0.08
N ILE E 131 24.15 19.59 -1.23
CA ILE E 131 25.49 19.34 -1.72
C ILE E 131 25.71 19.97 -3.09
N VAL E 132 26.95 20.30 -3.39
CA VAL E 132 27.31 20.71 -4.75
C VAL E 132 28.69 20.17 -5.10
N ARG E 133 28.88 19.89 -6.39
CA ARG E 133 30.09 19.24 -6.84
C ARG E 133 30.79 20.28 -7.72
N SER E 134 32.10 20.44 -7.52
CA SER E 134 32.85 21.45 -8.26
C SER E 134 32.90 21.07 -9.73
N VAL E 135 32.93 22.09 -10.56
CA VAL E 135 33.15 21.89 -11.99
C VAL E 135 34.68 22.01 -12.36
N ASP E 136 34.98 21.85 -13.66
CA ASP E 136 36.39 21.86 -14.02
C ASP E 136 37.10 23.26 -13.91
N THR E 137 36.38 24.31 -14.28
CA THR E 137 36.99 25.64 -14.24
C THR E 137 36.93 26.33 -12.88
N ARG E 138 36.11 25.86 -11.93
CA ARG E 138 36.27 26.32 -10.53
C ARG E 138 35.54 25.55 -9.45
N ASN E 139 35.97 25.82 -8.21
CA ASN E 139 35.45 25.14 -7.05
C ASN E 139 34.28 25.90 -6.48
N ILE E 140 33.17 25.18 -6.26
CA ILE E 140 32.00 25.81 -5.71
C ILE E 140 31.86 25.38 -4.27
N VAL E 141 31.40 26.30 -3.41
CA VAL E 141 31.42 26.04 -1.97
C VAL E 141 30.15 26.59 -1.39
N LEU E 142 29.57 25.91 -0.38
CA LEU E 142 28.21 26.32 0.08
C LEU E 142 28.31 27.12 1.35
N ALA E 143 27.30 27.98 1.58
CA ALA E 143 27.13 28.66 2.88
C ALA E 143 25.68 28.86 3.22
N VAL E 144 25.45 29.07 4.50
CA VAL E 144 24.12 29.31 5.02
C VAL E 144 23.83 30.82 5.14
N ASP E 145 22.87 31.37 4.42
CA ASP E 145 22.34 32.67 4.76
C ASP E 145 21.22 32.52 5.82
N LEU E 146 21.57 32.65 7.11
CA LEU E 146 20.61 32.47 8.24
C LEU E 146 19.32 33.22 8.03
N GLU E 147 19.36 34.27 7.25
CA GLU E 147 18.22 35.12 7.07
C GLU E 147 17.13 34.40 6.30
N LYS E 148 17.46 33.21 5.82
CA LYS E 148 16.65 32.55 4.85
C LYS E 148 16.46 31.06 5.22
N VAL E 149 16.72 30.76 6.47
CA VAL E 149 16.43 29.49 7.05
C VAL E 149 15.27 29.72 7.98
N GLY E 150 14.24 28.92 7.89
CA GLY E 150 13.15 29.01 8.83
C GLY E 150 12.05 28.04 8.48
N LYS E 151 10.88 28.23 9.05
CA LYS E 151 9.74 27.38 8.81
C LYS E 151 8.48 28.18 9.14
N ASN E 152 7.36 27.91 8.47
CA ASN E 152 6.17 28.63 8.83
C ASN E 152 5.53 28.06 10.09
N ASP E 153 4.76 28.90 10.79
CA ASP E 153 4.21 28.62 12.14
C ASP E 153 3.25 27.42 12.22
N ASP E 154 2.42 27.22 11.19
CA ASP E 154 1.55 26.06 11.08
C ASP E 154 2.23 24.73 10.77
N VAL E 155 3.53 24.71 10.47
CA VAL E 155 4.19 23.43 10.14
C VAL E 155 4.01 22.50 11.33
N PHE E 156 3.07 21.57 11.20
CA PHE E 156 2.82 20.58 12.22
C PHE E 156 3.22 19.17 11.65
N LEU E 157 3.86 18.33 12.45
CA LEU E 157 4.19 17.01 11.96
C LEU E 157 3.48 16.07 12.91
N THR E 158 2.36 15.52 12.48
CA THR E 158 1.54 14.60 13.28
C THR E 158 2.29 13.69 14.26
N GLY E 159 1.93 13.75 15.54
CA GLY E 159 2.52 12.82 16.51
C GLY E 159 3.90 13.20 17.02
N TRP E 160 4.36 14.38 16.61
CA TRP E 160 5.65 14.94 16.94
C TRP E 160 5.57 16.44 17.28
N ASP E 161 6.42 16.91 18.19
CA ASP E 161 6.60 18.31 18.44
C ASP E 161 7.83 18.79 17.72
N ILE E 162 7.73 19.95 17.07
CA ILE E 162 8.90 20.50 16.40
C ILE E 162 9.66 21.50 17.26
N GLU E 163 10.89 21.15 17.62
CA GLU E 163 11.71 22.03 18.43
C GLU E 163 12.42 23.13 17.69
N SER E 164 13.08 22.85 16.58
CA SER E 164 13.89 23.87 15.87
C SER E 164 14.42 23.43 14.49
N PHE E 165 14.60 24.39 13.59
CA PHE E 165 15.13 24.08 12.28
C PHE E 165 16.30 24.98 12.06
N THR E 166 17.52 24.46 12.21
CA THR E 166 18.73 25.27 12.03
C THR E 166 19.78 24.57 11.12
N ALA E 167 20.73 25.34 10.60
CA ALA E 167 21.73 24.76 9.75
C ALA E 167 23.06 24.90 10.47
N VAL E 168 23.92 23.91 10.31
CA VAL E 168 25.26 23.98 10.80
C VAL E 168 26.00 24.79 9.75
N VAL E 169 26.58 25.93 10.16
CA VAL E 169 26.96 26.99 9.20
C VAL E 169 28.16 26.63 8.33
N LYS E 170 29.04 25.79 8.88
CA LYS E 170 30.32 25.47 8.23
C LYS E 170 30.14 24.20 7.39
N PRO E 171 30.33 24.26 6.06
CA PRO E 171 30.15 23.07 5.20
C PRO E 171 31.16 22.00 5.52
N ALA E 172 30.89 20.76 5.15
CA ALA E 172 31.92 19.71 5.17
C ALA E 172 32.40 19.67 3.72
N ASN E 173 33.68 19.97 3.48
CA ASN E 173 34.21 19.86 2.12
C ASN E 173 35.16 18.68 1.95
N PHE E 174 35.00 17.88 0.91
CA PHE E 174 35.74 16.63 0.79
C PHE E 174 35.81 16.27 -0.69
N ALA E 175 36.72 15.37 -1.03
CA ALA E 175 36.90 14.93 -2.41
C ALA E 175 36.11 13.71 -2.66
N LEU E 176 35.44 13.65 -3.79
CA LEU E 176 34.69 12.45 -4.14
C LEU E 176 34.89 12.19 -5.60
N GLU E 177 35.61 11.10 -5.87
CA GLU E 177 35.97 10.77 -7.23
C GLU E 177 36.60 12.01 -7.86
N ASP E 178 37.71 12.46 -7.25
CA ASP E 178 38.53 13.45 -7.94
C ASP E 178 37.89 14.77 -8.30
N ARG E 179 36.89 15.18 -7.53
CA ARG E 179 36.34 16.54 -7.59
C ARG E 179 35.99 16.93 -6.16
N LEU E 180 35.97 18.22 -5.89
CA LEU E 180 35.59 18.68 -4.60
C LEU E 180 34.06 18.73 -4.51
N GLU E 181 33.57 18.36 -3.33
CA GLU E 181 32.18 18.34 -3.08
C GLU E 181 31.98 19.14 -1.77
N SER E 182 31.06 20.12 -1.76
CA SER E 182 30.72 20.93 -0.56
C SER E 182 29.34 20.58 0.00
N LYS E 183 29.27 20.16 1.26
CA LYS E 183 28.01 19.65 1.82
C LYS E 183 27.53 20.38 3.13
N LEU E 184 26.22 20.68 3.25
CA LEU E 184 25.68 21.42 4.38
C LEU E 184 24.63 20.61 5.12
N ASP E 185 24.58 20.76 6.45
CA ASP E 185 23.69 19.92 7.29
C ASP E 185 22.56 20.75 7.89
N TYR E 186 21.37 20.73 7.27
CA TYR E 186 20.16 21.35 7.86
C TYR E 186 19.53 20.36 8.86
N GLN E 187 19.21 20.85 10.06
CA GLN E 187 18.72 19.96 11.14
C GLN E 187 17.33 20.33 11.61
N LEU E 188 16.47 19.31 11.69
CA LEU E 188 15.14 19.51 12.13
C LEU E 188 15.00 18.71 13.39
N ARG E 189 14.80 19.40 14.51
CA ARG E 189 14.81 18.75 15.85
C ARG E 189 13.39 18.57 16.33
N ILE E 190 13.00 17.32 16.55
CA ILE E 190 11.63 17.01 16.91
C ILE E 190 11.62 16.08 18.09
N SER E 191 10.51 16.07 18.82
CA SER E 191 10.32 15.04 19.83
C SER E 191 8.86 14.49 19.84
N ARG E 192 8.73 13.20 20.17
CA ARG E 192 7.56 12.44 19.90
C ARG E 192 6.54 12.72 20.96
N GLN E 193 5.28 12.87 20.57
CA GLN E 193 4.26 13.04 21.56
C GLN E 193 3.89 11.66 22.02
N TYR E 194 4.29 11.35 23.24
CA TYR E 194 4.13 10.03 23.80
C TYR E 194 2.81 9.85 24.44
N PHE E 195 2.08 10.95 24.61
CA PHE E 195 0.77 10.93 25.30
C PHE E 195 -0.08 9.70 25.02
N SER E 196 -0.38 9.48 23.77
CA SER E 196 -1.41 8.50 23.45
C SER E 196 -0.98 7.06 23.69
N TYR E 197 0.33 6.80 23.58
CA TYR E 197 0.85 5.49 23.97
C TYR E 197 0.35 5.08 25.37
N ILE E 198 0.07 6.04 26.23
CA ILE E 198 -0.26 5.72 27.58
C ILE E 198 -1.55 4.97 27.72
N PRO E 199 -2.69 5.58 27.31
CA PRO E 199 -3.98 4.85 27.27
C PRO E 199 -4.09 3.72 26.20
N ASN E 200 -3.38 3.83 25.08
CA ASN E 200 -3.59 2.84 24.03
C ASN E 200 -2.80 1.53 24.19
N ILE E 201 -1.67 1.59 24.87
CA ILE E 201 -0.73 0.48 24.90
C ILE E 201 -0.22 0.17 26.30
N ILE E 202 0.45 1.14 26.90
CA ILE E 202 1.04 0.94 28.21
C ILE E 202 0.06 0.53 29.34
N LEU E 203 -1.01 1.31 29.54
CA LEU E 203 -1.92 0.98 30.64
C LEU E 203 -2.63 -0.37 30.40
N PRO E 204 -3.21 -0.56 29.19
CA PRO E 204 -3.88 -1.86 28.90
C PRO E 204 -2.94 -3.01 29.21
N MET E 205 -1.69 -2.86 28.78
CA MET E 205 -0.72 -3.88 28.99
C MET E 205 -0.51 -4.12 30.48
N LEU E 206 -0.46 -3.05 31.27
CA LEU E 206 -0.34 -3.23 32.74
C LEU E 206 -1.60 -3.86 33.34
N PHE E 207 -2.75 -3.35 32.92
CA PHE E 207 -3.99 -3.93 33.37
C PHE E 207 -4.00 -5.44 33.25
N ILE E 208 -3.73 -5.93 32.04
CA ILE E 208 -3.81 -7.37 31.87
C ILE E 208 -2.77 -8.08 32.78
N LEU E 209 -1.54 -7.56 32.84
CA LEU E 209 -0.57 -8.12 33.76
C LEU E 209 -1.12 -8.24 35.21
N PHE E 210 -1.66 -7.14 35.74
CA PHE E 210 -2.21 -7.13 37.11
C PHE E 210 -3.33 -8.14 37.26
N ILE E 211 -4.26 -8.16 36.31
CA ILE E 211 -5.28 -9.21 36.29
C ILE E 211 -4.63 -10.58 36.45
N SER E 212 -3.47 -10.79 35.83
CA SER E 212 -2.80 -12.10 35.96
C SER E 212 -2.47 -12.42 37.42
N TRP E 213 -2.18 -11.39 38.20
CA TRP E 213 -1.65 -11.64 39.51
C TRP E 213 -2.76 -11.98 40.51
N THR E 214 -4.01 -11.88 40.05
CA THR E 214 -5.10 -12.28 40.90
C THR E 214 -4.98 -13.78 41.11
N ALA E 215 -4.33 -14.51 40.23
CA ALA E 215 -4.18 -15.92 40.49
C ALA E 215 -3.57 -16.14 41.86
N PHE E 216 -2.79 -15.19 42.38
CA PHE E 216 -2.12 -15.38 43.69
C PHE E 216 -3.11 -15.35 44.88
N TRP E 217 -4.38 -15.07 44.63
CA TRP E 217 -5.39 -15.07 45.65
C TRP E 217 -6.40 -16.19 45.36
N SER E 218 -6.00 -17.16 44.53
CA SER E 218 -6.88 -18.25 44.09
C SER E 218 -6.23 -19.60 44.33
N THR E 219 -6.96 -20.53 44.92
CA THR E 219 -6.48 -21.92 45.03
C THR E 219 -6.99 -22.85 43.92
N SER E 220 -7.65 -22.29 42.90
CA SER E 220 -8.14 -23.05 41.79
C SER E 220 -7.13 -23.13 40.65
N TYR E 221 -6.51 -24.29 40.47
CA TYR E 221 -5.58 -24.50 39.35
C TYR E 221 -6.25 -24.17 38.00
N GLU E 222 -7.44 -24.74 37.77
CA GLU E 222 -8.08 -24.48 36.51
C GLU E 222 -8.31 -23.01 36.32
N ALA E 223 -8.86 -22.33 37.31
CA ALA E 223 -9.01 -20.90 37.17
C ALA E 223 -7.67 -20.22 36.86
N ASN E 224 -6.65 -20.50 37.66
CA ASN E 224 -5.42 -19.79 37.50
C ASN E 224 -4.86 -19.97 36.12
N VAL E 225 -4.81 -21.22 35.69
CA VAL E 225 -4.25 -21.53 34.40
C VAL E 225 -4.96 -20.65 33.37
N THR E 226 -6.27 -20.52 33.50
CA THR E 226 -6.99 -19.67 32.59
C THR E 226 -6.62 -18.20 32.70
N LEU E 227 -6.59 -17.69 33.92
CA LEU E 227 -6.17 -16.31 34.10
C LEU E 227 -4.82 -16.05 33.43
N VAL E 228 -3.87 -16.96 33.63
CA VAL E 228 -2.50 -16.57 33.31
C VAL E 228 -2.25 -16.72 31.81
N VAL E 229 -2.76 -17.79 31.27
CA VAL E 229 -2.51 -18.08 29.87
C VAL E 229 -3.29 -17.11 29.00
N SER E 230 -4.53 -16.81 29.40
CA SER E 230 -5.35 -15.83 28.69
C SER E 230 -4.73 -14.47 28.56
N THR E 231 -4.35 -13.88 29.68
CA THR E 231 -3.66 -12.59 29.68
C THR E 231 -2.34 -12.66 28.89
N LEU E 232 -1.59 -13.77 29.03
CA LEU E 232 -0.32 -13.90 28.31
C LEU E 232 -0.59 -13.74 26.81
N ILE E 233 -1.76 -14.23 26.39
CA ILE E 233 -2.09 -14.14 24.99
C ILE E 233 -2.34 -12.71 24.59
N ALA E 234 -3.10 -12.00 25.40
CA ALA E 234 -3.36 -10.59 25.14
C ALA E 234 -2.02 -9.87 25.15
N HIS E 235 -1.10 -10.30 26.00
CA HIS E 235 0.21 -9.68 25.98
C HIS E 235 0.90 -9.85 24.63
N ILE E 236 0.90 -11.09 24.14
CA ILE E 236 1.45 -11.29 22.80
C ILE E 236 0.81 -10.32 21.76
N ALA E 237 -0.51 -10.10 21.87
CA ALA E 237 -1.17 -9.21 20.91
C ALA E 237 -0.52 -7.81 20.97
N PHE E 238 -0.34 -7.28 22.18
CA PHE E 238 0.23 -5.95 22.27
C PHE E 238 1.66 -5.94 21.78
N ASN E 239 2.41 -6.96 22.16
CA ASN E 239 3.72 -7.16 21.55
C ASN E 239 3.70 -7.09 20.00
N ILE E 240 2.88 -7.91 19.36
CA ILE E 240 2.82 -7.90 17.93
C ILE E 240 2.41 -6.54 17.40
N LEU E 241 1.35 -5.96 17.96
CA LEU E 241 0.92 -4.59 17.58
C LEU E 241 2.10 -3.62 17.62
N VAL E 242 2.71 -3.48 18.80
CA VAL E 242 3.85 -2.59 18.97
C VAL E 242 4.96 -2.89 17.94
N GLU E 243 5.39 -4.12 17.80
CA GLU E 243 6.49 -4.37 16.88
C GLU E 243 6.16 -4.14 15.37
N THR E 244 4.88 -4.16 14.93
CA THR E 244 4.53 -3.76 13.54
C THR E 244 4.65 -2.24 13.29
N ASN E 245 4.58 -1.43 14.31
CA ASN E 245 4.85 -0.02 14.14
C ASN E 245 6.28 0.44 14.19
N LEU E 246 7.23 -0.41 14.59
CA LEU E 246 8.65 -0.08 14.62
C LEU E 246 9.41 -0.83 13.56
N PRO E 247 10.54 -0.30 13.14
CA PRO E 247 11.43 -1.10 12.33
C PRO E 247 12.22 -2.06 13.25
N LYS E 248 12.99 -2.97 12.67
CA LYS E 248 13.75 -3.92 13.47
C LYS E 248 15.10 -3.33 13.82
N THR E 249 15.36 -3.11 15.10
CA THR E 249 16.66 -2.50 15.45
C THR E 249 17.71 -3.48 15.99
N PRO E 250 19.01 -3.17 15.80
CA PRO E 250 19.97 -4.08 16.40
C PRO E 250 20.25 -3.76 17.86
N TYR E 251 19.33 -3.09 18.55
CA TYR E 251 19.51 -2.74 19.98
C TYR E 251 18.18 -2.87 20.67
N MET E 252 18.12 -3.09 21.96
CA MET E 252 16.82 -3.17 22.62
C MET E 252 16.20 -1.76 22.62
N THR E 253 14.87 -1.61 22.52
CA THR E 253 14.28 -0.28 22.69
C THR E 253 13.64 -0.28 24.06
N TYR E 254 13.28 0.89 24.58
CA TYR E 254 12.76 0.95 25.94
C TYR E 254 11.47 0.12 26.11
N THR E 255 10.43 0.43 25.32
CA THR E 255 9.23 -0.39 25.26
C THR E 255 9.61 -1.84 24.95
N GLY E 256 10.49 -2.09 24.00
CA GLY E 256 10.79 -3.45 23.69
C GLY E 256 11.15 -4.24 24.96
N ALA E 257 11.99 -3.60 25.77
CA ALA E 257 12.50 -4.18 27.02
C ALA E 257 11.37 -4.46 28.01
N ILE E 258 10.53 -3.47 28.26
CA ILE E 258 9.45 -3.68 29.16
C ILE E 258 8.65 -4.85 28.67
N ILE E 259 8.15 -4.76 27.42
CA ILE E 259 7.46 -5.88 26.78
C ILE E 259 8.19 -7.24 27.00
N PHE E 260 9.50 -7.29 26.80
CA PHE E 260 10.18 -8.59 26.92
C PHE E 260 10.24 -9.09 28.37
N MET E 261 10.67 -8.19 29.24
CA MET E 261 10.65 -8.49 30.64
C MET E 261 9.30 -9.10 31.06
N ILE E 262 8.20 -8.49 30.62
CA ILE E 262 6.93 -8.93 31.12
C ILE E 262 6.69 -10.40 30.77
N TYR E 263 7.22 -10.90 29.65
CA TYR E 263 7.07 -12.35 29.37
C TYR E 263 7.64 -13.12 30.55
N LEU E 264 8.75 -12.62 31.11
CA LEU E 264 9.43 -13.37 32.16
C LEU E 264 8.52 -13.50 33.38
N PHE E 265 7.78 -12.43 33.61
CA PHE E 265 6.81 -12.46 34.68
C PHE E 265 5.75 -13.47 34.44
N TYR E 266 5.25 -13.59 33.23
CA TYR E 266 4.16 -14.56 32.98
C TYR E 266 4.71 -15.95 33.19
N PHE E 267 5.88 -16.20 32.64
CA PHE E 267 6.47 -17.49 32.75
C PHE E 267 6.61 -17.84 34.23
N VAL E 268 7.18 -16.94 35.04
CA VAL E 268 7.29 -17.28 36.44
C VAL E 268 5.95 -17.42 37.19
N ALA E 269 4.99 -16.53 36.92
CA ALA E 269 3.62 -16.78 37.34
C ALA E 269 3.09 -18.20 36.98
N VAL E 270 3.35 -18.69 35.77
CA VAL E 270 2.86 -20.04 35.44
C VAL E 270 3.53 -21.09 36.32
N ILE E 271 4.86 -21.01 36.42
CA ILE E 271 5.56 -21.90 37.33
C ILE E 271 4.87 -21.85 38.68
N GLU E 272 4.71 -20.67 39.28
CA GLU E 272 4.09 -20.59 40.63
C GLU E 272 2.73 -21.27 40.70
N VAL E 273 1.88 -20.95 39.74
CA VAL E 273 0.58 -21.57 39.68
C VAL E 273 0.75 -23.10 39.60
N THR E 274 1.80 -23.54 38.91
CA THR E 274 2.04 -24.96 38.75
C THR E 274 2.51 -25.56 40.09
N VAL E 275 3.46 -24.90 40.72
CA VAL E 275 4.03 -25.44 41.92
C VAL E 275 2.95 -25.57 43.03
N GLN E 276 2.23 -24.46 43.24
CA GLN E 276 1.13 -24.42 44.16
C GLN E 276 0.21 -25.58 43.95
N HIS E 277 -0.23 -25.79 42.73
CA HIS E 277 -1.13 -26.90 42.49
C HIS E 277 -0.49 -28.24 42.86
N TYR E 278 0.70 -28.48 42.34
CA TYR E 278 1.44 -29.69 42.62
C TYR E 278 1.50 -30.00 44.11
N LEU E 279 1.91 -29.01 44.92
CA LEU E 279 2.03 -29.22 46.36
C LEU E 279 0.68 -29.56 46.91
N LYS E 280 -0.35 -28.83 46.54
CA LYS E 280 -1.72 -29.17 46.96
C LYS E 280 -2.14 -30.62 46.65
N VAL E 281 -1.89 -31.08 45.44
CA VAL E 281 -2.26 -32.47 45.14
C VAL E 281 -1.51 -33.47 46.00
N GLU E 282 -0.36 -33.04 46.48
CA GLU E 282 0.61 -33.93 47.10
C GLU E 282 0.43 -33.76 48.58
N SER E 283 -0.73 -33.20 48.89
CA SER E 283 -1.15 -33.03 50.25
C SER E 283 -0.23 -32.22 51.08
N GLN E 284 0.36 -31.18 50.53
CA GLN E 284 0.98 -30.20 51.42
C GLN E 284 0.65 -28.71 51.12
N PRO E 285 -0.57 -28.28 51.48
CA PRO E 285 -1.15 -26.97 51.26
C PRO E 285 -0.52 -25.87 52.04
N ALA E 286 0.14 -26.18 53.13
CA ALA E 286 0.76 -25.13 53.86
C ALA E 286 2.04 -24.60 53.17
N ARG E 287 2.83 -25.44 52.49
CA ARG E 287 3.98 -24.87 51.74
C ARG E 287 3.42 -24.04 50.59
N ALA E 288 2.52 -24.67 49.84
CA ALA E 288 1.81 -23.99 48.80
C ALA E 288 1.36 -22.65 49.32
N ALA E 289 0.63 -22.63 50.43
CA ALA E 289 0.03 -21.40 50.92
C ALA E 289 1.06 -20.27 51.13
N SER E 290 2.28 -20.63 51.50
CA SER E 290 3.16 -19.59 51.87
C SER E 290 4.04 -19.17 50.70
N ILE E 291 4.19 -20.06 49.71
CA ILE E 291 4.68 -19.63 48.40
C ILE E 291 3.71 -18.60 47.75
N THR E 292 2.42 -18.84 47.79
CA THR E 292 1.49 -17.91 47.17
C THR E 292 1.50 -16.61 47.94
N ARG E 293 1.53 -16.69 49.27
CA ARG E 293 1.46 -15.48 50.09
C ARG E 293 2.70 -14.64 49.81
N ALA E 294 3.83 -15.29 49.65
CA ALA E 294 5.03 -14.58 49.29
C ALA E 294 4.84 -13.87 47.94
N SER E 295 4.32 -14.61 46.95
CA SER E 295 4.17 -14.13 45.58
C SER E 295 3.31 -12.87 45.47
N ARG E 296 2.25 -12.80 46.28
CA ARG E 296 1.48 -11.56 46.36
C ARG E 296 2.32 -10.29 46.56
N ILE E 297 3.41 -10.39 47.31
CA ILE E 297 4.25 -9.24 47.52
C ILE E 297 5.38 -9.23 46.51
N ALA E 298 6.06 -10.36 46.38
CA ALA E 298 7.24 -10.43 45.53
C ALA E 298 6.97 -9.90 44.13
N PHE E 299 6.00 -10.50 43.44
CA PHE E 299 5.66 -10.09 42.10
C PHE E 299 5.56 -8.57 41.90
N PRO E 300 4.56 -7.91 42.52
CA PRO E 300 4.51 -6.44 42.37
C PRO E 300 5.81 -5.73 42.78
N VAL E 301 6.42 -6.10 43.91
CA VAL E 301 7.70 -5.47 44.29
C VAL E 301 8.82 -5.67 43.25
N VAL E 302 9.09 -6.92 42.86
CA VAL E 302 10.15 -7.15 41.88
C VAL E 302 9.84 -6.48 40.57
N PHE E 303 8.55 -6.28 40.29
CA PHE E 303 8.14 -5.67 39.00
C PHE E 303 8.50 -4.21 39.01
N LEU E 304 8.21 -3.59 40.15
CA LEU E 304 8.51 -2.18 40.42
C LEU E 304 10.02 -1.93 40.43
N LEU E 305 10.76 -2.72 41.20
CA LEU E 305 12.22 -2.61 41.19
C LEU E 305 12.83 -2.75 39.80
N ALA E 306 12.39 -3.78 39.06
CA ALA E 306 12.93 -4.04 37.71
C ALA E 306 12.65 -2.83 36.77
N ASN E 307 11.49 -2.21 36.95
CA ASN E 307 11.17 -1.09 36.11
C ASN E 307 12.01 0.13 36.40
N ILE E 308 12.25 0.42 37.67
CA ILE E 308 13.14 1.49 38.06
C ILE E 308 14.55 1.25 37.51
N ILE E 309 15.07 0.05 37.68
CA ILE E 309 16.34 -0.23 37.06
C ILE E 309 16.31 0.08 35.53
N LEU E 310 15.31 -0.42 34.79
CA LEU E 310 15.29 -0.14 33.36
C LEU E 310 15.21 1.35 33.06
N ALA E 311 14.29 2.09 33.69
CA ALA E 311 14.19 3.52 33.41
C ALA E 311 15.56 4.19 33.63
N PHE E 312 16.20 3.78 34.71
CA PHE E 312 17.53 4.26 34.95
C PHE E 312 18.45 3.90 33.78
N LEU E 313 18.58 2.63 33.43
CA LEU E 313 19.46 2.31 32.30
C LEU E 313 19.09 3.09 31.05
N PHE E 314 17.83 3.40 30.81
CA PHE E 314 17.46 3.94 29.50
C PHE E 314 17.41 5.44 29.47
N PHE E 315 17.26 6.04 30.63
CA PHE E 315 17.02 7.46 30.65
C PHE E 315 18.00 8.25 31.51
#